data_1GL6
#
_entry.id   1GL6
#
_cell.length_a   151.600
_cell.length_b   151.600
_cell.length_c   252.000
_cell.angle_alpha   90.00
_cell.angle_beta   90.00
_cell.angle_gamma   120.00
#
_symmetry.space_group_name_H-M   'P 31 2 1'
#
loop_
_entity.id
_entity.type
_entity.pdbx_description
1 polymer ATPASE
2 non-polymer 'PHOSPHOAMINOPHOSPHONIC ACID-GUANYLATE ESTER'
3 non-polymer 'CHLORIDE ION'
4 non-polymer '4-(2-HYDROXYETHYL)-1-PIPERAZINE ETHANESULFONIC ACID'
5 water water
#
_entity_poly.entity_id   1
_entity_poly.type   'polypeptide(L)'
_entity_poly.pdbx_seq_one_letter_code
;NSVGQGEFGGAPFKRFLRGTRIVSGGKLKRMTREKAKQVTVAGVPMPRDAEPRHLLVNGATGTGKSVLLRELAYTGLLRG
DRMVIVDPNGDMLSKFGRDKDIILNPYDQRTKGWSFFNEIRNDYDWQRYALSVVPRGKTDEAEEWASYGRLLLRETAKKL
ALIGTPSMRELFHWTTIATFDDLRGFLEGTLAESLFAGSNEASKALTSARFVLSDKLPEHVTMPDGDFSIRSWLEDPNGG
NLFITWREDMGPALRPLISAWVDVVCTSILSLPEEPKRRLWLFIDELASLEKLASLADALTKGRKAGLRVVAGLQSTSQL
DDVYGVKEAQTLRASFRSLVVLGGSRTDPKTNEDMSLSLGEHEVERDRYSKNTGKHHSTGRALERVRERVVMPAEIANLP
DLTAYVGFAGNRPIAKVPLEIKQFANRQPAFVEGTI
;
_entity_poly.pdbx_strand_id   A,B,D,E,F,G
#
# COMPACT_ATOMS: atom_id res chain seq x y z
N GLN A 5 -15.40 29.17 27.25
CA GLN A 5 -16.37 29.98 28.05
C GLN A 5 -16.97 29.20 29.21
N GLY A 6 -16.13 28.48 29.96
CA GLY A 6 -16.61 27.70 31.09
C GLY A 6 -16.72 26.23 30.74
N GLU A 7 -17.66 25.92 29.85
CA GLU A 7 -17.85 24.55 29.41
C GLU A 7 -17.00 24.27 28.16
N PHE A 8 -16.29 25.30 27.68
CA PHE A 8 -15.40 25.20 26.51
C PHE A 8 -13.96 25.42 26.96
N GLY A 9 -13.14 24.36 26.84
CA GLY A 9 -11.76 24.41 27.27
C GLY A 9 -10.85 25.47 26.71
N GLY A 10 -11.12 25.92 25.49
CA GLY A 10 -10.28 26.93 24.87
C GLY A 10 -10.64 28.33 25.33
N ALA A 11 -10.07 29.31 24.64
CA ALA A 11 -10.32 30.71 24.98
C ALA A 11 -11.80 31.05 24.77
N PRO A 12 -12.42 31.76 25.74
CA PRO A 12 -13.83 32.12 25.60
C PRO A 12 -13.99 32.98 24.36
N PHE A 13 -15.17 32.96 23.78
CA PHE A 13 -15.43 33.72 22.57
C PHE A 13 -16.61 34.66 22.66
N LYS A 14 -16.64 35.61 21.74
CA LYS A 14 -17.71 36.59 21.68
C LYS A 14 -18.95 36.04 20.99
N ARG A 15 -18.77 35.24 19.94
CA ARG A 15 -19.92 34.73 19.20
C ARG A 15 -19.63 33.40 18.50
N PHE A 16 -20.58 32.47 18.61
CA PHE A 16 -20.46 31.16 17.98
C PHE A 16 -21.07 31.27 16.58
N LEU A 17 -20.28 30.91 15.58
CA LEU A 17 -20.69 30.97 14.20
C LEU A 17 -21.31 29.68 13.66
N ARG A 18 -20.56 28.59 13.67
CA ARG A 18 -21.07 27.31 13.16
C ARG A 18 -20.30 26.14 13.70
N GLY A 19 -20.82 24.95 13.45
CA GLY A 19 -20.12 23.74 13.87
C GLY A 19 -20.56 23.11 15.17
N THR A 20 -19.67 22.34 15.78
CA THR A 20 -20.02 21.70 17.03
C THR A 20 -20.07 22.72 18.14
N ARG A 21 -21.12 22.62 18.95
CA ARG A 21 -21.30 23.51 20.07
C ARG A 21 -21.20 22.69 21.33
N ILE A 22 -20.50 23.23 22.32
CA ILE A 22 -20.35 22.52 23.58
C ILE A 22 -21.13 23.29 24.63
N VAL A 23 -21.73 22.55 25.54
CA VAL A 23 -22.58 23.09 26.59
C VAL A 23 -22.21 22.39 27.92
N SER A 24 -22.60 22.98 29.05
CA SER A 24 -22.28 22.40 30.35
C SER A 24 -23.08 21.11 30.60
N GLY A 25 -22.59 20.29 31.53
CA GLY A 25 -23.29 19.04 31.81
C GLY A 25 -24.76 19.27 32.03
N GLY A 26 -25.08 20.06 33.06
CA GLY A 26 -26.46 20.35 33.39
C GLY A 26 -27.28 20.93 32.25
N LYS A 27 -26.70 21.87 31.51
CA LYS A 27 -27.37 22.52 30.39
C LYS A 27 -27.86 21.45 29.42
N LEU A 28 -27.00 20.47 29.14
CA LEU A 28 -27.34 19.38 28.24
C LEU A 28 -28.46 18.55 28.84
N LYS A 29 -28.31 18.22 30.12
CA LYS A 29 -29.30 17.42 30.84
C LYS A 29 -30.70 17.98 30.74
N ARG A 30 -30.84 19.29 30.69
CA ARG A 30 -32.14 19.91 30.58
C ARG A 30 -32.62 19.89 29.14
N MET A 31 -31.66 20.00 28.22
CA MET A 31 -31.98 19.99 26.82
C MET A 31 -32.50 18.64 26.35
N THR A 32 -31.82 17.57 26.74
CA THR A 32 -32.21 16.24 26.32
C THR A 32 -33.34 15.59 27.11
N ARG A 33 -33.70 16.20 28.24
CA ARG A 33 -34.77 15.68 29.09
C ARG A 33 -36.09 15.70 28.34
N GLU A 34 -36.81 14.58 28.39
CA GLU A 34 -38.08 14.45 27.71
C GLU A 34 -39.21 13.97 28.60
N LYS A 35 -40.43 14.15 28.11
CA LYS A 35 -41.64 13.76 28.81
C LYS A 35 -41.65 12.26 29.12
N ALA A 36 -41.46 11.44 28.09
CA ALA A 36 -41.47 9.97 28.25
C ALA A 36 -40.31 9.46 29.10
N LYS A 37 -40.42 8.21 29.54
CA LYS A 37 -39.37 7.60 30.35
C LYS A 37 -38.14 7.48 29.45
N GLN A 38 -36.96 7.81 29.97
CA GLN A 38 -35.76 7.71 29.16
C GLN A 38 -34.63 6.99 29.88
N VAL A 39 -33.62 6.59 29.12
CA VAL A 39 -32.45 5.94 29.68
C VAL A 39 -31.39 7.04 29.80
N THR A 40 -30.39 6.82 30.65
CA THR A 40 -29.35 7.82 30.83
C THR A 40 -27.96 7.37 30.42
N VAL A 41 -27.20 8.31 29.90
CA VAL A 41 -25.84 8.07 29.46
C VAL A 41 -24.96 9.02 30.27
N ALA A 42 -24.29 8.48 31.29
CA ALA A 42 -23.44 9.27 32.14
C ALA A 42 -24.25 10.41 32.78
N GLY A 43 -25.42 10.06 33.29
CA GLY A 43 -26.28 11.06 33.93
C GLY A 43 -27.12 11.88 32.99
N VAL A 44 -26.81 11.87 31.70
CA VAL A 44 -27.60 12.64 30.75
C VAL A 44 -28.70 11.78 30.11
N PRO A 45 -29.96 12.23 30.21
CA PRO A 45 -31.05 11.45 29.61
C PRO A 45 -30.88 11.41 28.09
N MET A 46 -30.96 10.21 27.53
CA MET A 46 -30.79 10.04 26.09
C MET A 46 -32.06 10.26 25.28
N PRO A 47 -32.01 11.17 24.28
CA PRO A 47 -33.15 11.49 23.42
C PRO A 47 -33.76 10.21 22.87
N ARG A 48 -35.05 10.01 23.11
CA ARG A 48 -35.74 8.81 22.67
C ARG A 48 -35.42 8.41 21.23
N ASP A 49 -35.37 9.39 20.33
CA ASP A 49 -35.09 9.13 18.91
C ASP A 49 -33.65 8.73 18.59
N ALA A 50 -32.74 8.96 19.55
CA ALA A 50 -31.33 8.64 19.38
C ALA A 50 -31.02 7.20 19.77
N GLU A 51 -31.99 6.55 20.40
CA GLU A 51 -31.84 5.19 20.88
C GLU A 51 -31.62 4.14 19.79
N PRO A 52 -32.48 4.13 18.76
CA PRO A 52 -32.31 3.15 17.67
C PRO A 52 -31.27 3.60 16.63
N ARG A 53 -30.56 4.69 16.93
CA ARG A 53 -29.49 5.23 16.07
C ARG A 53 -28.15 4.72 16.59
N HIS A 54 -28.22 4.04 17.73
CA HIS A 54 -27.08 3.43 18.40
C HIS A 54 -26.10 4.34 19.08
N LEU A 55 -25.34 3.72 19.98
CA LEU A 55 -24.35 4.41 20.79
C LEU A 55 -22.99 3.71 20.82
N LEU A 56 -21.94 4.51 20.64
CA LEU A 56 -20.58 4.02 20.63
C LEU A 56 -19.79 4.66 21.78
N VAL A 57 -19.23 3.84 22.66
CA VAL A 57 -18.47 4.32 23.80
C VAL A 57 -16.97 4.06 23.60
N ASN A 58 -16.23 5.09 23.23
CA ASN A 58 -14.79 4.92 23.00
C ASN A 58 -13.98 5.40 24.20
N GLY A 59 -13.06 4.56 24.68
CA GLY A 59 -12.26 4.98 25.81
C GLY A 59 -11.22 3.97 26.25
N ALA A 60 -10.11 4.46 26.79
CA ALA A 60 -9.05 3.59 27.25
C ALA A 60 -9.58 2.71 28.38
N THR A 61 -8.88 1.61 28.61
CA THR A 61 -9.31 0.67 29.64
C THR A 61 -9.26 1.30 31.05
N GLY A 62 -10.35 1.12 31.80
CA GLY A 62 -10.46 1.64 33.16
C GLY A 62 -11.05 3.03 33.30
N THR A 63 -11.48 3.59 32.18
CA THR A 63 -12.04 4.93 32.17
C THR A 63 -13.51 5.04 32.55
N GLY A 64 -14.23 3.92 32.55
CA GLY A 64 -15.63 3.97 32.94
C GLY A 64 -16.63 3.37 31.96
N LYS A 65 -16.15 2.59 31.00
CA LYS A 65 -17.07 1.99 30.05
C LYS A 65 -18.10 1.15 30.78
N SER A 66 -17.65 0.43 31.81
CA SER A 66 -18.53 -0.44 32.62
C SER A 66 -19.57 0.33 33.42
N VAL A 67 -19.11 1.31 34.19
CA VAL A 67 -19.98 2.14 34.98
C VAL A 67 -21.08 2.69 34.08
N LEU A 68 -20.69 3.09 32.88
CA LEU A 68 -21.61 3.66 31.92
C LEU A 68 -22.60 2.66 31.33
N LEU A 69 -22.09 1.54 30.83
CA LEU A 69 -22.96 0.52 30.25
C LEU A 69 -23.85 -0.10 31.31
N ARG A 70 -23.33 -0.18 32.54
CA ARG A 70 -24.08 -0.73 33.65
C ARG A 70 -25.26 0.20 33.93
N GLU A 71 -25.00 1.49 34.00
CA GLU A 71 -26.05 2.47 34.25
C GLU A 71 -27.07 2.47 33.11
N LEU A 72 -26.61 2.35 31.87
CA LEU A 72 -27.51 2.35 30.73
C LEU A 72 -28.44 1.13 30.79
N ALA A 73 -27.88 -0.01 31.20
CA ALA A 73 -28.65 -1.26 31.31
C ALA A 73 -29.68 -1.12 32.40
N TYR A 74 -29.25 -0.57 33.53
CA TYR A 74 -30.12 -0.37 34.67
C TYR A 74 -31.32 0.49 34.33
N THR A 75 -31.10 1.71 33.85
CA THR A 75 -32.19 2.60 33.50
C THR A 75 -33.06 2.03 32.37
N GLY A 76 -32.50 1.15 31.56
CA GLY A 76 -33.26 0.54 30.48
C GLY A 76 -34.19 -0.50 31.08
N LEU A 77 -33.70 -1.23 32.08
CA LEU A 77 -34.50 -2.25 32.73
C LEU A 77 -35.64 -1.65 33.53
N LEU A 78 -35.37 -0.53 34.21
CA LEU A 78 -36.39 0.17 34.99
C LEU A 78 -37.55 0.61 34.10
N ARG A 79 -37.25 0.79 32.81
CA ARG A 79 -38.25 1.20 31.85
C ARG A 79 -38.89 -0.04 31.26
N GLY A 80 -38.33 -1.20 31.59
CA GLY A 80 -38.86 -2.47 31.09
C GLY A 80 -38.42 -2.90 29.71
N ASP A 81 -37.31 -2.37 29.21
CA ASP A 81 -36.83 -2.78 27.90
C ASP A 81 -36.19 -4.15 28.03
N ARG A 82 -36.11 -4.88 26.93
CA ARG A 82 -35.49 -6.20 26.95
C ARG A 82 -34.08 -5.98 26.43
N MET A 83 -33.22 -6.98 26.61
CA MET A 83 -31.86 -6.85 26.15
C MET A 83 -30.99 -8.10 26.13
N VAL A 84 -29.98 -8.02 25.27
CA VAL A 84 -28.98 -9.06 25.06
C VAL A 84 -27.70 -8.40 25.51
N ILE A 85 -26.99 -9.05 26.42
CA ILE A 85 -25.76 -8.49 26.93
C ILE A 85 -24.55 -9.42 26.78
N VAL A 86 -23.59 -9.00 25.95
CA VAL A 86 -22.36 -9.78 25.80
C VAL A 86 -21.71 -9.37 27.10
N ASP A 87 -21.80 -10.27 28.06
CA ASP A 87 -21.32 -9.99 29.39
C ASP A 87 -20.16 -10.82 29.88
N PRO A 88 -18.97 -10.23 29.93
CA PRO A 88 -17.72 -10.87 30.38
C PRO A 88 -17.75 -11.13 31.87
N ASN A 89 -17.40 -12.35 32.27
CA ASN A 89 -17.39 -12.73 33.70
C ASN A 89 -18.74 -12.60 34.39
N GLY A 90 -19.81 -12.61 33.61
CA GLY A 90 -21.14 -12.50 34.15
C GLY A 90 -21.34 -11.36 35.13
N ASP A 91 -20.63 -10.26 34.94
CA ASP A 91 -20.78 -9.11 35.83
C ASP A 91 -22.21 -8.57 35.75
N MET A 92 -22.65 -8.20 34.55
CA MET A 92 -23.99 -7.67 34.36
C MET A 92 -25.06 -8.65 34.86
N LEU A 93 -24.82 -9.94 34.67
CA LEU A 93 -25.75 -10.99 35.08
C LEU A 93 -25.96 -11.03 36.61
N SER A 94 -24.87 -10.91 37.35
CA SER A 94 -24.96 -10.94 38.80
C SER A 94 -25.66 -9.70 39.35
N LYS A 95 -25.72 -8.63 38.58
CA LYS A 95 -26.36 -7.40 39.07
C LYS A 95 -27.78 -7.18 38.59
N PHE A 96 -28.10 -7.64 37.38
CA PHE A 96 -29.42 -7.42 36.78
C PHE A 96 -30.19 -8.67 36.36
N GLY A 97 -29.55 -9.82 36.49
CA GLY A 97 -30.21 -11.05 36.07
C GLY A 97 -31.37 -11.42 36.97
N ARG A 98 -32.52 -11.70 36.36
CA ARG A 98 -33.69 -12.12 37.09
C ARG A 98 -33.81 -13.61 36.85
N ASP A 99 -34.83 -14.23 37.44
CA ASP A 99 -35.01 -15.66 37.30
C ASP A 99 -35.52 -16.11 35.93
N LYS A 100 -36.27 -15.25 35.25
CA LYS A 100 -36.81 -15.60 33.94
C LYS A 100 -35.82 -15.29 32.82
N ASP A 101 -34.67 -14.72 33.18
CA ASP A 101 -33.67 -14.35 32.18
C ASP A 101 -32.85 -15.54 31.69
N ILE A 102 -32.44 -15.44 30.42
CA ILE A 102 -31.66 -16.49 29.74
C ILE A 102 -30.13 -16.36 29.92
N ILE A 103 -29.44 -17.49 29.92
CA ILE A 103 -27.98 -17.52 30.03
C ILE A 103 -27.37 -18.45 28.99
N LEU A 104 -26.42 -17.91 28.23
CA LEU A 104 -25.71 -18.66 27.21
C LEU A 104 -24.25 -18.66 27.60
N ASN A 105 -23.77 -19.84 27.96
CA ASN A 105 -22.40 -20.07 28.40
C ASN A 105 -22.28 -21.57 28.47
N PRO A 106 -21.50 -22.15 27.55
CA PRO A 106 -21.32 -23.61 27.52
C PRO A 106 -20.79 -24.26 28.82
N TYR A 107 -20.23 -23.45 29.72
CA TYR A 107 -19.67 -23.95 30.97
C TYR A 107 -20.41 -23.53 32.22
N ASP A 108 -21.62 -23.00 32.04
CA ASP A 108 -22.42 -22.57 33.18
C ASP A 108 -23.59 -23.51 33.39
N GLN A 109 -23.74 -24.01 34.61
CA GLN A 109 -24.80 -24.93 34.98
C GLN A 109 -26.17 -24.43 34.49
N ARG A 110 -26.39 -23.12 34.63
CA ARG A 110 -27.66 -22.49 34.28
C ARG A 110 -27.89 -22.18 32.81
N THR A 111 -26.93 -22.47 31.95
CA THR A 111 -27.06 -22.16 30.53
C THR A 111 -28.15 -22.99 29.85
N LYS A 112 -28.72 -22.46 28.77
CA LYS A 112 -29.76 -23.15 28.02
C LYS A 112 -29.06 -24.09 27.04
N GLY A 113 -29.81 -25.01 26.44
CA GLY A 113 -29.23 -25.94 25.48
C GLY A 113 -29.43 -25.32 24.10
N TRP A 114 -28.35 -25.29 23.31
CA TRP A 114 -28.48 -24.69 22.00
C TRP A 114 -27.57 -25.31 20.94
N SER A 115 -28.03 -25.13 19.69
CA SER A 115 -27.40 -25.59 18.46
C SER A 115 -27.95 -24.63 17.39
N PHE A 116 -27.16 -24.29 16.38
CA PHE A 116 -27.66 -23.36 15.38
C PHE A 116 -28.84 -23.97 14.63
N PHE A 117 -28.97 -25.29 14.75
CA PHE A 117 -30.07 -26.00 14.09
C PHE A 117 -31.38 -25.39 14.57
N ASN A 118 -31.42 -25.09 15.88
CA ASN A 118 -32.57 -24.51 16.54
C ASN A 118 -33.06 -23.19 15.95
N GLU A 119 -32.29 -22.60 15.03
CA GLU A 119 -32.68 -21.31 14.44
C GLU A 119 -33.19 -21.43 13.02
N ILE A 120 -33.00 -22.60 12.43
CA ILE A 120 -33.43 -22.83 11.05
C ILE A 120 -34.95 -22.98 10.92
N ARG A 121 -35.54 -22.13 10.09
CA ARG A 121 -36.97 -22.19 9.90
C ARG A 121 -37.37 -22.26 8.44
N ASN A 122 -36.51 -21.71 7.59
CA ASN A 122 -36.73 -21.72 6.14
C ASN A 122 -35.45 -22.20 5.47
N ASP A 123 -35.47 -22.38 4.16
CA ASP A 123 -34.28 -22.87 3.48
C ASP A 123 -33.17 -21.82 3.47
N TYR A 124 -33.56 -20.57 3.22
CA TYR A 124 -32.59 -19.47 3.16
C TYR A 124 -31.88 -19.23 4.51
N ASP A 125 -32.35 -19.89 5.57
CA ASP A 125 -31.76 -19.77 6.90
C ASP A 125 -30.49 -20.58 7.06
N TRP A 126 -30.22 -21.48 6.12
CA TRP A 126 -29.01 -22.33 6.20
C TRP A 126 -27.75 -21.50 5.99
N GLN A 127 -27.69 -20.78 4.88
CA GLN A 127 -26.53 -19.94 4.61
C GLN A 127 -26.54 -18.78 5.62
N ARG A 128 -27.73 -18.26 5.89
CA ARG A 128 -27.92 -17.15 6.82
C ARG A 128 -27.16 -17.37 8.13
N TYR A 129 -27.35 -18.55 8.72
CA TYR A 129 -26.71 -18.90 9.99
C TYR A 129 -25.34 -19.59 9.84
N ALA A 130 -24.97 -19.95 8.62
CA ALA A 130 -23.66 -20.54 8.40
C ALA A 130 -22.74 -19.31 8.49
N LEU A 131 -23.28 -18.17 8.07
CA LEU A 131 -22.60 -16.89 8.07
C LEU A 131 -22.30 -16.49 9.52
N SER A 132 -23.15 -16.92 10.43
CA SER A 132 -23.00 -16.63 11.85
C SER A 132 -22.05 -17.61 12.54
N VAL A 133 -22.11 -18.88 12.15
CA VAL A 133 -21.26 -19.91 12.73
C VAL A 133 -19.83 -19.66 12.27
N VAL A 134 -19.70 -19.33 10.99
CA VAL A 134 -18.41 -19.06 10.36
C VAL A 134 -18.31 -17.59 9.97
N PRO A 135 -17.87 -16.71 10.90
CA PRO A 135 -17.73 -15.27 10.61
C PRO A 135 -16.84 -14.89 9.40
N ARG A 136 -16.82 -13.62 9.04
CA ARG A 136 -16.02 -13.16 7.90
C ARG A 136 -14.53 -13.33 8.12
N GLY A 137 -13.82 -13.74 7.07
CA GLY A 137 -12.39 -13.92 7.17
C GLY A 137 -11.69 -12.58 7.34
N LYS A 138 -10.66 -12.54 8.19
CA LYS A 138 -9.90 -11.31 8.44
C LYS A 138 -9.34 -10.75 7.11
N THR A 139 -8.86 -11.66 6.25
CA THR A 139 -8.29 -11.30 4.96
C THR A 139 -9.17 -11.84 3.83
N ASP A 140 -8.96 -11.33 2.61
CA ASP A 140 -9.73 -11.79 1.47
C ASP A 140 -9.56 -13.28 1.29
N GLU A 141 -8.33 -13.74 1.46
CA GLU A 141 -8.03 -15.14 1.31
C GLU A 141 -8.69 -15.97 2.42
N ALA A 142 -8.61 -15.51 3.66
CA ALA A 142 -9.22 -16.24 4.77
C ALA A 142 -10.74 -16.34 4.59
N GLU A 143 -11.33 -15.33 3.94
CA GLU A 143 -12.76 -15.30 3.67
C GLU A 143 -13.09 -16.34 2.61
N GLU A 144 -12.16 -16.53 1.67
CA GLU A 144 -12.39 -17.52 0.63
C GLU A 144 -12.51 -18.89 1.31
N TRP A 145 -11.62 -19.22 2.24
CA TRP A 145 -11.69 -20.50 2.94
C TRP A 145 -12.98 -20.61 3.74
N ALA A 146 -13.38 -19.49 4.31
CA ALA A 146 -14.59 -19.42 5.11
C ALA A 146 -15.79 -19.76 4.25
N SER A 147 -15.85 -19.20 3.04
CA SER A 147 -16.98 -19.46 2.16
C SER A 147 -17.10 -20.95 1.84
N TYR A 148 -15.96 -21.63 1.66
CA TYR A 148 -15.97 -23.07 1.37
C TYR A 148 -16.44 -23.72 2.67
N GLY A 149 -15.98 -23.17 3.79
CA GLY A 149 -16.36 -23.69 5.10
C GLY A 149 -17.87 -23.63 5.24
N ARG A 150 -18.49 -22.54 4.79
CA ARG A 150 -19.94 -22.41 4.90
C ARG A 150 -20.64 -23.37 3.98
N LEU A 151 -20.09 -23.53 2.77
CA LEU A 151 -20.68 -24.45 1.81
C LEU A 151 -20.76 -25.83 2.45
N LEU A 152 -19.63 -26.31 2.96
CA LEU A 152 -19.54 -27.61 3.60
C LEU A 152 -20.46 -27.70 4.80
N LEU A 153 -20.49 -26.64 5.59
CA LEU A 153 -21.34 -26.61 6.77
C LEU A 153 -22.82 -26.69 6.41
N ARG A 154 -23.28 -25.76 5.57
CA ARG A 154 -24.70 -25.73 5.19
C ARG A 154 -25.23 -27.00 4.52
N GLU A 155 -24.53 -27.51 3.51
CA GLU A 155 -24.98 -28.71 2.83
C GLU A 155 -24.94 -29.96 3.70
N THR A 156 -23.95 -30.05 4.58
CA THR A 156 -23.84 -31.20 5.48
C THR A 156 -24.86 -31.13 6.61
N ALA A 157 -25.00 -29.93 7.19
CA ALA A 157 -25.94 -29.74 8.28
C ALA A 157 -27.35 -29.81 7.73
N LYS A 158 -27.50 -29.58 6.43
CA LYS A 158 -28.81 -29.62 5.79
C LYS A 158 -29.26 -31.08 5.66
N LYS A 159 -28.35 -31.92 5.18
CA LYS A 159 -28.63 -33.35 5.00
C LYS A 159 -28.89 -34.02 6.34
N LEU A 160 -28.03 -33.76 7.32
CA LEU A 160 -28.21 -34.33 8.65
C LEU A 160 -29.60 -34.01 9.17
N ALA A 161 -30.09 -32.82 8.84
CA ALA A 161 -31.42 -32.39 9.29
C ALA A 161 -32.48 -33.21 8.55
N LEU A 162 -32.27 -33.38 7.24
CA LEU A 162 -33.18 -34.13 6.40
C LEU A 162 -33.34 -35.56 6.89
N ILE A 163 -32.21 -36.19 7.18
CA ILE A 163 -32.19 -37.58 7.61
C ILE A 163 -32.50 -37.78 9.09
N GLY A 164 -33.12 -36.78 9.71
CA GLY A 164 -33.49 -36.88 11.11
C GLY A 164 -32.41 -36.91 12.16
N THR A 165 -31.16 -36.59 11.80
CA THR A 165 -30.07 -36.56 12.78
C THR A 165 -29.37 -35.21 12.87
N PRO A 166 -30.13 -34.13 13.18
CA PRO A 166 -29.51 -32.81 13.28
C PRO A 166 -28.60 -32.78 14.51
N SER A 167 -27.55 -33.60 14.45
CA SER A 167 -26.57 -33.73 15.53
C SER A 167 -25.32 -32.89 15.28
N MET A 168 -24.94 -32.07 16.26
CA MET A 168 -23.76 -31.25 16.12
C MET A 168 -22.52 -32.13 16.14
N ARG A 169 -22.55 -33.20 16.93
CA ARG A 169 -21.44 -34.13 17.06
C ARG A 169 -21.24 -34.83 15.72
N GLU A 170 -22.35 -35.09 15.05
CA GLU A 170 -22.36 -35.74 13.74
C GLU A 170 -21.79 -34.80 12.69
N LEU A 171 -22.30 -33.57 12.68
CA LEU A 171 -21.84 -32.56 11.74
C LEU A 171 -20.34 -32.33 11.88
N PHE A 172 -19.85 -32.34 13.12
CA PHE A 172 -18.43 -32.12 13.39
C PHE A 172 -17.62 -33.31 12.92
N HIS A 173 -18.14 -34.51 13.15
CA HIS A 173 -17.45 -35.71 12.72
C HIS A 173 -17.30 -35.68 11.20
N TRP A 174 -18.41 -35.48 10.50
CA TRP A 174 -18.40 -35.44 9.07
C TRP A 174 -17.44 -34.40 8.53
N THR A 175 -17.61 -33.16 8.97
CA THR A 175 -16.78 -32.06 8.49
C THR A 175 -15.30 -32.03 8.90
N THR A 176 -14.91 -32.69 10.00
CA THR A 176 -13.50 -32.65 10.38
C THR A 176 -12.82 -33.96 10.77
N ILE A 177 -13.59 -35.01 10.95
CA ILE A 177 -13.02 -36.30 11.35
C ILE A 177 -13.10 -37.39 10.27
N ALA A 178 -14.26 -37.52 9.62
CA ALA A 178 -14.44 -38.54 8.59
C ALA A 178 -13.41 -38.32 7.50
N THR A 179 -12.95 -39.42 6.89
CA THR A 179 -11.96 -39.35 5.81
C THR A 179 -12.52 -38.60 4.61
N PHE A 180 -11.63 -38.06 3.80
CA PHE A 180 -12.02 -37.30 2.63
C PHE A 180 -13.07 -38.01 1.78
N ASP A 181 -12.87 -39.30 1.55
CA ASP A 181 -13.78 -40.09 0.73
C ASP A 181 -15.17 -40.26 1.35
N ASP A 182 -15.21 -40.63 2.62
CA ASP A 182 -16.45 -40.82 3.37
C ASP A 182 -17.27 -39.55 3.28
N LEU A 183 -16.61 -38.44 3.55
CA LEU A 183 -17.24 -37.13 3.52
C LEU A 183 -17.78 -36.92 2.10
N ARG A 184 -16.94 -37.16 1.10
CA ARG A 184 -17.34 -37.00 -0.30
C ARG A 184 -18.60 -37.80 -0.58
N GLY A 185 -18.64 -39.04 -0.09
CA GLY A 185 -19.79 -39.89 -0.27
C GLY A 185 -21.03 -39.31 0.38
N PHE A 186 -20.91 -38.95 1.66
CA PHE A 186 -22.03 -38.39 2.41
C PHE A 186 -22.60 -37.18 1.65
N LEU A 187 -21.71 -36.38 1.07
CA LEU A 187 -22.11 -35.17 0.32
C LEU A 187 -22.85 -35.46 -0.98
N GLU A 188 -22.73 -36.68 -1.48
CA GLU A 188 -23.43 -37.06 -2.69
C GLU A 188 -24.91 -36.77 -2.51
N GLY A 189 -25.54 -36.21 -3.53
CA GLY A 189 -26.94 -35.89 -3.43
C GLY A 189 -27.15 -34.44 -3.01
N THR A 190 -26.11 -33.85 -2.40
CA THR A 190 -26.20 -32.44 -1.96
C THR A 190 -25.56 -31.54 -3.01
N LEU A 191 -25.93 -30.27 -2.99
CA LEU A 191 -25.40 -29.27 -3.93
C LEU A 191 -23.87 -29.26 -3.93
N ALA A 192 -23.29 -29.76 -2.84
CA ALA A 192 -21.85 -29.82 -2.63
C ALA A 192 -21.22 -31.08 -3.17
N GLU A 193 -22.06 -31.98 -3.67
CA GLU A 193 -21.57 -33.25 -4.19
C GLU A 193 -20.44 -33.09 -5.20
N SER A 194 -20.70 -32.29 -6.22
CA SER A 194 -19.72 -32.06 -7.27
C SER A 194 -18.76 -30.90 -7.00
N LEU A 195 -19.25 -29.84 -6.40
CA LEU A 195 -18.42 -28.67 -6.11
C LEU A 195 -17.06 -28.96 -5.47
N PHE A 196 -17.01 -29.97 -4.60
CA PHE A 196 -15.77 -30.34 -3.92
C PHE A 196 -15.08 -31.52 -4.60
N ALA A 197 -15.28 -31.68 -5.89
CA ALA A 197 -14.66 -32.80 -6.59
C ALA A 197 -14.36 -32.41 -8.03
N GLY A 198 -13.41 -33.11 -8.65
CA GLY A 198 -13.10 -32.82 -10.04
C GLY A 198 -11.76 -32.22 -10.41
N SER A 199 -11.02 -31.71 -9.42
CA SER A 199 -9.71 -31.12 -9.68
C SER A 199 -8.95 -30.98 -8.38
N ASN A 200 -7.69 -30.60 -8.47
CA ASN A 200 -6.92 -30.43 -7.25
C ASN A 200 -7.51 -29.21 -6.53
N GLU A 201 -7.93 -28.23 -7.31
CA GLU A 201 -8.52 -27.00 -6.77
C GLU A 201 -9.73 -27.32 -5.88
N ALA A 202 -10.58 -28.24 -6.37
CA ALA A 202 -11.77 -28.66 -5.63
C ALA A 202 -11.40 -29.39 -4.34
N SER A 203 -10.33 -30.18 -4.36
CA SER A 203 -9.90 -30.91 -3.15
C SER A 203 -9.32 -29.90 -2.16
N LYS A 204 -8.60 -28.91 -2.68
CA LYS A 204 -8.00 -27.89 -1.84
C LYS A 204 -9.11 -27.14 -1.14
N ALA A 205 -10.12 -26.74 -1.91
CA ALA A 205 -11.26 -26.03 -1.37
C ALA A 205 -11.88 -26.81 -0.20
N LEU A 206 -12.01 -28.12 -0.36
CA LEU A 206 -12.59 -28.97 0.67
C LEU A 206 -11.68 -29.00 1.90
N THR A 207 -10.37 -29.09 1.68
CA THR A 207 -9.42 -29.10 2.79
C THR A 207 -9.50 -27.80 3.57
N SER A 208 -9.67 -26.69 2.85
CA SER A 208 -9.77 -25.38 3.49
C SER A 208 -11.04 -25.30 4.33
N ALA A 209 -12.13 -25.80 3.78
CA ALA A 209 -13.40 -25.81 4.46
C ALA A 209 -13.30 -26.64 5.74
N ARG A 210 -12.54 -27.73 5.69
CA ARG A 210 -12.35 -28.63 6.85
C ARG A 210 -11.63 -27.92 7.97
N PHE A 211 -10.56 -27.23 7.63
CA PHE A 211 -9.78 -26.51 8.61
C PHE A 211 -10.63 -25.46 9.27
N VAL A 212 -11.40 -24.70 8.48
CA VAL A 212 -12.27 -23.64 9.01
C VAL A 212 -13.24 -24.21 10.06
N LEU A 213 -14.04 -25.18 9.64
CA LEU A 213 -14.99 -25.80 10.53
C LEU A 213 -14.32 -26.39 11.74
N SER A 214 -13.10 -26.90 11.59
CA SER A 214 -12.41 -27.51 12.74
C SER A 214 -12.02 -26.42 13.72
N ASP A 215 -11.98 -25.18 13.23
CA ASP A 215 -11.62 -24.06 14.07
C ASP A 215 -12.84 -23.45 14.73
N LYS A 216 -13.93 -23.34 13.98
CA LYS A 216 -15.16 -22.73 14.49
C LYS A 216 -16.08 -23.61 15.33
N LEU A 217 -16.32 -24.83 14.86
CA LEU A 217 -17.23 -25.76 15.53
C LEU A 217 -16.94 -26.35 16.91
N PRO A 218 -15.68 -26.58 17.29
CA PRO A 218 -15.43 -27.17 18.62
C PRO A 218 -16.38 -26.81 19.76
N GLU A 219 -16.48 -25.52 20.09
CA GLU A 219 -17.34 -25.06 21.17
C GLU A 219 -18.82 -25.32 20.96
N HIS A 220 -19.25 -25.27 19.71
CA HIS A 220 -20.64 -25.50 19.34
C HIS A 220 -21.01 -26.93 19.67
N VAL A 221 -20.06 -27.84 19.45
CA VAL A 221 -20.24 -29.27 19.69
C VAL A 221 -20.36 -29.55 21.19
N THR A 222 -19.37 -29.08 21.95
CA THR A 222 -19.35 -29.30 23.40
C THR A 222 -20.40 -28.43 24.10
N MET A 223 -21.16 -27.68 23.33
CA MET A 223 -22.20 -26.82 23.89
C MET A 223 -23.34 -27.73 24.36
N PRO A 224 -23.78 -27.56 25.62
CA PRO A 224 -24.87 -28.37 26.18
C PRO A 224 -26.02 -28.23 25.22
N ASP A 225 -26.69 -29.31 24.86
CA ASP A 225 -27.75 -29.06 23.92
C ASP A 225 -29.15 -29.05 24.51
N GLY A 226 -30.03 -28.40 23.76
CA GLY A 226 -31.39 -28.23 24.17
C GLY A 226 -32.10 -27.65 22.97
N ASP A 227 -33.35 -27.28 23.15
CA ASP A 227 -34.16 -26.75 22.07
C ASP A 227 -34.27 -25.24 22.04
N PHE A 228 -33.44 -24.57 22.82
CA PHE A 228 -33.51 -23.11 22.88
C PHE A 228 -33.26 -22.44 21.54
N SER A 229 -34.09 -21.47 21.22
CA SER A 229 -33.95 -20.72 19.97
C SER A 229 -33.95 -19.23 20.21
N ILE A 230 -32.83 -18.59 19.88
CA ILE A 230 -32.70 -17.15 20.04
C ILE A 230 -33.83 -16.49 19.25
N ARG A 231 -34.20 -17.09 18.12
CA ARG A 231 -35.27 -16.54 17.28
C ARG A 231 -36.60 -16.48 18.02
N SER A 232 -36.99 -17.61 18.58
CA SER A 232 -38.24 -17.72 19.32
C SER A 232 -38.21 -16.83 20.58
N TRP A 233 -37.07 -16.77 21.24
CA TRP A 233 -36.93 -15.96 22.43
C TRP A 233 -37.19 -14.49 22.10
N LEU A 234 -36.68 -14.03 20.97
CA LEU A 234 -36.89 -12.64 20.55
C LEU A 234 -38.38 -12.31 20.34
N GLU A 235 -39.09 -13.28 19.78
CA GLU A 235 -40.52 -13.14 19.49
C GLU A 235 -41.40 -13.23 20.74
N ASP A 236 -40.86 -13.83 21.80
CA ASP A 236 -41.60 -13.99 23.04
C ASP A 236 -41.42 -12.77 23.94
N PRO A 237 -42.46 -11.93 24.08
CA PRO A 237 -42.38 -10.73 24.92
C PRO A 237 -42.05 -11.07 26.37
N ASN A 238 -42.65 -12.14 26.88
CA ASN A 238 -42.41 -12.54 28.26
C ASN A 238 -41.06 -13.20 28.41
N GLY A 239 -40.33 -13.33 27.30
CA GLY A 239 -38.99 -13.90 27.37
C GLY A 239 -38.20 -12.90 28.18
N GLY A 240 -37.24 -13.38 28.98
CA GLY A 240 -36.47 -12.46 29.80
C GLY A 240 -35.45 -11.65 29.03
N ASN A 241 -34.23 -11.62 29.56
CA ASN A 241 -33.13 -10.92 28.92
C ASN A 241 -32.07 -12.00 28.70
N LEU A 242 -31.27 -11.83 27.65
CA LEU A 242 -30.27 -12.81 27.34
C LEU A 242 -28.88 -12.33 27.76
N PHE A 243 -28.22 -13.11 28.59
CA PHE A 243 -26.89 -12.76 29.07
C PHE A 243 -25.91 -13.76 28.50
N ILE A 244 -25.00 -13.31 27.64
CA ILE A 244 -24.01 -14.23 27.10
C ILE A 244 -22.80 -14.04 27.97
N THR A 245 -22.50 -15.03 28.80
CA THR A 245 -21.36 -14.92 29.71
C THR A 245 -20.24 -15.90 29.37
N TRP A 246 -19.09 -15.71 30.03
CA TRP A 246 -17.91 -16.55 29.82
C TRP A 246 -16.76 -16.07 30.70
N ARG A 247 -15.94 -17.00 31.15
CA ARG A 247 -14.79 -16.65 31.97
C ARG A 247 -13.70 -16.10 31.06
N GLU A 248 -13.10 -14.98 31.46
CA GLU A 248 -12.08 -14.32 30.67
C GLU A 248 -10.92 -15.16 30.17
N ASP A 249 -10.46 -16.13 30.96
CA ASP A 249 -9.33 -16.95 30.53
C ASP A 249 -9.70 -17.82 29.34
N MET A 250 -10.99 -17.87 29.01
CA MET A 250 -11.50 -18.66 27.89
C MET A 250 -12.03 -17.78 26.78
N GLY A 251 -11.81 -16.48 26.90
CA GLY A 251 -12.30 -15.55 25.91
C GLY A 251 -11.92 -15.93 24.49
N PRO A 252 -10.62 -16.19 24.24
CA PRO A 252 -10.19 -16.58 22.90
C PRO A 252 -10.82 -17.87 22.39
N ALA A 253 -11.04 -18.84 23.28
CA ALA A 253 -11.66 -20.12 22.92
C ALA A 253 -13.13 -19.98 22.51
N LEU A 254 -13.85 -19.08 23.18
CA LEU A 254 -15.26 -18.85 22.90
C LEU A 254 -15.51 -17.72 21.91
N ARG A 255 -14.45 -17.04 21.44
CA ARG A 255 -14.64 -15.94 20.52
C ARG A 255 -15.55 -16.30 19.35
N PRO A 256 -15.30 -17.44 18.68
CA PRO A 256 -16.14 -17.83 17.54
C PRO A 256 -17.59 -18.23 17.89
N LEU A 257 -17.79 -18.77 19.09
CA LEU A 257 -19.13 -19.17 19.50
C LEU A 257 -19.90 -17.92 19.86
N ILE A 258 -19.33 -17.10 20.74
CA ILE A 258 -19.97 -15.86 21.16
C ILE A 258 -20.30 -14.95 19.98
N SER A 259 -19.40 -14.89 18.99
CA SER A 259 -19.64 -14.07 17.80
C SER A 259 -20.81 -14.67 17.03
N ALA A 260 -20.92 -15.99 17.14
CA ALA A 260 -22.00 -16.71 16.47
C ALA A 260 -23.32 -16.22 17.06
N TRP A 261 -23.45 -16.25 18.38
CA TRP A 261 -24.68 -15.79 19.02
C TRP A 261 -24.98 -14.33 18.70
N VAL A 262 -23.99 -13.47 18.86
CA VAL A 262 -24.18 -12.05 18.58
C VAL A 262 -24.64 -11.82 17.17
N ASP A 263 -24.14 -12.62 16.24
CA ASP A 263 -24.53 -12.43 14.86
C ASP A 263 -25.93 -12.92 14.62
N VAL A 264 -26.29 -14.00 15.32
CA VAL A 264 -27.62 -14.60 15.20
C VAL A 264 -28.69 -13.59 15.59
N VAL A 265 -28.42 -12.85 16.66
CA VAL A 265 -29.36 -11.84 17.09
C VAL A 265 -29.46 -10.80 15.97
N CYS A 266 -28.31 -10.43 15.39
CA CYS A 266 -28.24 -9.41 14.33
C CYS A 266 -29.03 -9.68 13.07
N THR A 267 -29.11 -10.95 12.68
CA THR A 267 -29.86 -11.30 11.49
C THR A 267 -31.32 -11.53 11.87
N SER A 268 -31.52 -12.24 12.99
CA SER A 268 -32.84 -12.59 13.47
C SER A 268 -33.85 -11.47 13.73
N ILE A 269 -33.39 -10.32 14.26
CA ILE A 269 -34.30 -9.20 14.51
C ILE A 269 -34.86 -8.63 13.20
N LEU A 270 -34.25 -9.03 12.09
CA LEU A 270 -34.67 -8.58 10.78
C LEU A 270 -35.91 -9.36 10.36
N SER A 271 -36.12 -10.49 11.04
CA SER A 271 -37.25 -11.37 10.76
C SER A 271 -38.38 -11.31 11.81
N LEU A 272 -38.18 -10.54 12.87
CA LEU A 272 -39.22 -10.41 13.88
C LEU A 272 -40.41 -9.69 13.28
N PRO A 273 -41.63 -10.01 13.75
CA PRO A 273 -42.86 -9.38 13.26
C PRO A 273 -42.96 -7.90 13.63
N GLU A 274 -43.44 -7.10 12.70
CA GLU A 274 -43.60 -5.67 12.92
C GLU A 274 -44.27 -5.35 14.26
N GLU A 275 -43.48 -4.86 15.22
CA GLU A 275 -43.99 -4.52 16.55
C GLU A 275 -43.38 -3.20 17.07
N PRO A 276 -44.10 -2.08 16.87
CA PRO A 276 -43.72 -0.72 17.28
C PRO A 276 -43.35 -0.55 18.76
N LYS A 277 -43.91 -1.40 19.61
CA LYS A 277 -43.68 -1.34 21.06
C LYS A 277 -42.42 -2.05 21.55
N ARG A 278 -41.75 -2.78 20.65
CA ARG A 278 -40.54 -3.50 21.05
C ARG A 278 -39.32 -2.60 21.18
N ARG A 279 -38.54 -2.83 22.24
CA ARG A 279 -37.31 -2.08 22.50
C ARG A 279 -36.25 -3.07 22.98
N LEU A 280 -35.40 -3.50 22.05
CA LEU A 280 -34.34 -4.48 22.33
C LEU A 280 -32.95 -3.85 22.29
N TRP A 281 -32.18 -4.06 23.35
CA TRP A 281 -30.83 -3.53 23.46
C TRP A 281 -29.81 -4.61 23.16
N LEU A 282 -28.73 -4.22 22.50
CA LEU A 282 -27.66 -5.14 22.19
C LEU A 282 -26.40 -4.52 22.78
N PHE A 283 -25.91 -5.15 23.84
CA PHE A 283 -24.71 -4.69 24.51
C PHE A 283 -23.53 -5.55 24.13
N ILE A 284 -22.59 -4.93 23.42
CA ILE A 284 -21.35 -5.59 23.01
C ILE A 284 -20.25 -4.78 23.71
N ASP A 285 -19.86 -5.22 24.90
CA ASP A 285 -18.85 -4.50 25.67
C ASP A 285 -17.60 -4.09 24.87
N GLU A 286 -17.07 -4.98 24.04
CA GLU A 286 -15.91 -4.66 23.19
C GLU A 286 -16.11 -5.23 21.82
N LEU A 287 -16.55 -4.36 20.92
CA LEU A 287 -16.81 -4.72 19.54
C LEU A 287 -15.65 -5.35 18.77
N ALA A 288 -14.46 -4.83 18.97
CA ALA A 288 -13.31 -5.36 18.26
C ALA A 288 -12.86 -6.69 18.87
N SER A 289 -13.57 -7.15 19.90
CA SER A 289 -13.22 -8.41 20.55
C SER A 289 -13.89 -9.62 19.94
N LEU A 290 -14.98 -9.38 19.21
CA LEU A 290 -15.69 -10.46 18.55
C LEU A 290 -15.07 -10.57 17.16
N GLU A 291 -15.48 -11.55 16.37
CA GLU A 291 -14.94 -11.70 15.03
C GLU A 291 -15.63 -10.72 14.09
N LYS A 292 -15.19 -10.69 12.84
CA LYS A 292 -15.79 -9.80 11.87
C LYS A 292 -17.20 -10.34 11.66
N LEU A 293 -18.17 -9.71 12.31
CA LEU A 293 -19.56 -10.13 12.23
C LEU A 293 -20.19 -9.86 10.87
N ALA A 294 -20.82 -10.90 10.35
CA ALA A 294 -21.47 -10.87 9.04
C ALA A 294 -22.73 -10.00 8.91
N SER A 295 -23.57 -9.99 9.95
CA SER A 295 -24.85 -9.26 9.93
C SER A 295 -24.92 -7.96 10.71
N LEU A 296 -23.90 -7.65 11.49
CA LEU A 296 -23.92 -6.44 12.29
C LEU A 296 -24.23 -5.22 11.44
N ALA A 297 -23.57 -5.11 10.29
CA ALA A 297 -23.79 -3.97 9.41
C ALA A 297 -25.27 -3.68 9.16
N ASP A 298 -25.97 -4.67 8.64
CA ASP A 298 -27.37 -4.52 8.34
C ASP A 298 -28.22 -4.27 9.57
N ALA A 299 -27.86 -4.91 10.67
CA ALA A 299 -28.59 -4.75 11.92
C ALA A 299 -28.57 -3.28 12.35
N LEU A 300 -27.44 -2.62 12.15
CA LEU A 300 -27.26 -1.21 12.52
C LEU A 300 -27.89 -0.21 11.57
N THR A 301 -28.45 -0.72 10.47
CA THR A 301 -29.07 0.13 9.48
C THR A 301 -30.54 -0.17 9.18
N LYS A 302 -30.95 -1.40 9.48
CA LYS A 302 -32.31 -1.86 9.23
C LYS A 302 -33.01 -2.42 10.48
N GLY A 303 -32.52 -2.06 11.66
CA GLY A 303 -33.09 -2.58 12.89
C GLY A 303 -34.02 -1.61 13.59
N ARG A 304 -34.27 -0.46 13.00
CA ARG A 304 -35.14 0.53 13.61
C ARG A 304 -36.52 -0.11 13.86
N LYS A 305 -37.11 -0.63 12.78
CA LYS A 305 -38.43 -1.28 12.84
C LYS A 305 -38.55 -2.37 13.88
N ALA A 306 -37.47 -3.10 14.09
CA ALA A 306 -37.46 -4.18 15.06
C ALA A 306 -37.23 -3.58 16.44
N GLY A 307 -36.87 -2.31 16.47
CA GLY A 307 -36.61 -1.63 17.73
C GLY A 307 -35.25 -1.99 18.29
N LEU A 308 -34.28 -2.25 17.42
CA LEU A 308 -32.93 -2.60 17.85
C LEU A 308 -32.18 -1.33 18.28
N ARG A 309 -31.46 -1.47 19.40
CA ARG A 309 -30.66 -0.40 19.99
C ARG A 309 -29.32 -1.02 20.33
N VAL A 310 -28.28 -0.65 19.60
CA VAL A 310 -26.97 -1.21 19.86
C VAL A 310 -26.00 -0.24 20.53
N VAL A 311 -25.35 -0.77 21.57
CA VAL A 311 -24.37 -0.02 22.36
C VAL A 311 -23.10 -0.85 22.26
N ALA A 312 -22.02 -0.23 21.81
CA ALA A 312 -20.76 -0.95 21.66
C ALA A 312 -19.60 -0.15 22.22
N GLY A 313 -18.57 -0.86 22.68
CA GLY A 313 -17.40 -0.21 23.22
C GLY A 313 -16.18 -0.43 22.35
N LEU A 314 -15.28 0.55 22.33
CA LEU A 314 -14.05 0.49 21.56
C LEU A 314 -12.94 1.18 22.35
N GLN A 315 -11.69 0.90 22.00
CA GLN A 315 -10.56 1.53 22.67
C GLN A 315 -9.70 2.33 21.66
N SER A 316 -9.05 1.62 20.73
CA SER A 316 -8.21 2.27 19.73
C SER A 316 -8.77 2.01 18.36
N THR A 317 -8.76 3.03 17.50
CA THR A 317 -9.29 2.85 16.15
C THR A 317 -8.64 1.69 15.41
N SER A 318 -7.41 1.33 15.78
CA SER A 318 -6.69 0.24 15.11
C SER A 318 -7.22 -1.15 15.42
N GLN A 319 -7.90 -1.30 16.54
CA GLN A 319 -8.46 -2.60 16.91
C GLN A 319 -9.56 -3.03 15.95
N LEU A 320 -10.53 -2.16 15.73
CA LEU A 320 -11.65 -2.47 14.84
C LEU A 320 -11.12 -2.55 13.42
N ASP A 321 -10.16 -1.67 13.10
CA ASP A 321 -9.57 -1.63 11.77
C ASP A 321 -8.93 -2.96 11.40
N ASP A 322 -8.20 -3.55 12.35
CA ASP A 322 -7.52 -4.80 12.09
C ASP A 322 -8.50 -5.95 11.85
N VAL A 323 -9.59 -5.97 12.60
CA VAL A 323 -10.60 -7.04 12.50
C VAL A 323 -11.51 -6.93 11.27
N TYR A 324 -12.03 -5.74 11.00
CA TYR A 324 -12.94 -5.55 9.87
C TYR A 324 -12.26 -5.00 8.64
N GLY A 325 -11.10 -4.40 8.84
CA GLY A 325 -10.42 -3.80 7.72
C GLY A 325 -10.75 -2.34 7.86
N VAL A 326 -9.88 -1.47 7.38
CA VAL A 326 -10.11 -0.05 7.50
C VAL A 326 -11.43 0.46 6.92
N LYS A 327 -11.70 0.12 5.66
CA LYS A 327 -12.91 0.53 4.94
C LYS A 327 -14.17 0.08 5.62
N GLU A 328 -14.21 -1.19 5.95
CA GLU A 328 -15.36 -1.81 6.58
C GLU A 328 -15.56 -1.33 8.01
N ALA A 329 -14.46 -0.99 8.66
CA ALA A 329 -14.49 -0.51 10.04
C ALA A 329 -15.11 0.88 10.08
N GLN A 330 -14.70 1.75 9.15
CA GLN A 330 -15.23 3.11 9.07
C GLN A 330 -16.74 3.09 8.92
N THR A 331 -17.22 2.24 8.02
CA THR A 331 -18.64 2.10 7.77
C THR A 331 -19.33 1.64 9.06
N LEU A 332 -18.71 0.71 9.77
CA LEU A 332 -19.27 0.18 11.03
C LEU A 332 -19.37 1.29 12.07
N ARG A 333 -18.29 2.02 12.29
CA ARG A 333 -18.30 3.12 13.26
C ARG A 333 -19.29 4.19 12.85
N ALA A 334 -19.39 4.46 11.55
CA ALA A 334 -20.27 5.49 11.02
C ALA A 334 -21.76 5.24 11.28
N SER A 335 -22.12 3.97 11.52
CA SER A 335 -23.51 3.59 11.78
C SER A 335 -24.01 3.85 13.19
N PHE A 336 -23.11 4.30 14.06
CA PHE A 336 -23.46 4.65 15.43
C PHE A 336 -23.53 6.16 15.46
N ARG A 337 -24.76 6.69 15.42
CA ARG A 337 -25.02 8.12 15.39
C ARG A 337 -24.61 8.84 16.68
N SER A 338 -24.72 8.15 17.82
CA SER A 338 -24.37 8.72 19.12
C SER A 338 -23.00 8.22 19.62
N LEU A 339 -22.17 9.17 20.07
CA LEU A 339 -20.79 8.92 20.54
C LEU A 339 -20.44 9.40 21.95
N VAL A 340 -19.64 8.62 22.66
CA VAL A 340 -19.18 8.94 24.01
C VAL A 340 -17.67 8.74 24.05
N VAL A 341 -16.93 9.80 24.38
CA VAL A 341 -15.47 9.74 24.46
C VAL A 341 -15.02 9.75 25.93
N LEU A 342 -14.36 8.67 26.34
CA LEU A 342 -13.92 8.50 27.71
C LEU A 342 -12.47 8.82 28.01
N GLY A 343 -11.72 9.25 27.00
CA GLY A 343 -10.34 9.60 27.24
C GLY A 343 -9.44 8.39 27.11
N GLY A 344 -8.37 8.56 26.34
CA GLY A 344 -7.45 7.47 26.14
C GLY A 344 -6.02 7.78 26.52
N SER A 345 -5.18 6.78 26.33
CA SER A 345 -3.77 6.87 26.64
C SER A 345 -3.11 7.93 25.77
N ARG A 346 -2.09 8.58 26.31
CA ARG A 346 -1.35 9.60 25.56
C ARG A 346 -0.43 8.91 24.57
N THR A 347 -0.32 7.59 24.71
CA THR A 347 0.51 6.78 23.81
C THR A 347 -0.26 6.42 22.55
N ASP A 348 -1.53 6.81 22.50
CA ASP A 348 -2.38 6.53 21.32
C ASP A 348 -2.89 7.82 20.65
N PRO A 349 -1.97 8.72 20.27
CA PRO A 349 -2.30 10.01 19.62
C PRO A 349 -3.16 9.92 18.37
N LYS A 350 -3.16 8.77 17.72
CA LYS A 350 -3.96 8.59 16.51
C LYS A 350 -5.42 8.47 16.83
N THR A 351 -5.75 7.66 17.84
CA THR A 351 -7.14 7.53 18.20
C THR A 351 -7.62 8.80 18.86
N ASN A 352 -6.76 9.45 19.64
CA ASN A 352 -7.17 10.68 20.31
C ASN A 352 -7.48 11.73 19.28
N GLU A 353 -6.74 11.69 18.18
CA GLU A 353 -6.94 12.60 17.06
C GLU A 353 -8.27 12.26 16.39
N ASP A 354 -8.49 10.97 16.18
CA ASP A 354 -9.72 10.49 15.55
C ASP A 354 -10.94 10.91 16.37
N MET A 355 -10.84 10.79 17.69
CA MET A 355 -11.92 11.15 18.59
C MET A 355 -12.11 12.64 18.61
N SER A 356 -10.99 13.38 18.57
CA SER A 356 -11.02 14.85 18.58
C SER A 356 -11.71 15.40 17.32
N LEU A 357 -11.40 14.78 16.19
CA LEU A 357 -11.95 15.14 14.90
C LEU A 357 -13.43 14.79 14.82
N SER A 358 -13.81 13.68 15.44
CA SER A 358 -15.19 13.24 15.45
C SER A 358 -16.02 14.20 16.29
N LEU A 359 -15.49 14.63 17.43
CA LEU A 359 -16.21 15.58 18.27
C LEU A 359 -16.39 16.85 17.46
N GLY A 360 -15.46 17.09 16.52
CA GLY A 360 -15.58 18.23 15.64
C GLY A 360 -15.02 19.59 16.01
N GLU A 361 -15.01 20.48 15.01
CA GLU A 361 -14.55 21.86 15.14
C GLU A 361 -15.74 22.82 15.13
N HIS A 362 -15.47 24.06 15.51
CA HIS A 362 -16.49 25.09 15.51
C HIS A 362 -15.84 26.33 14.94
N GLU A 363 -16.63 27.22 14.37
CA GLU A 363 -16.05 28.45 13.86
C GLU A 363 -16.61 29.49 14.81
N VAL A 364 -15.71 30.23 15.41
CA VAL A 364 -16.08 31.21 16.41
C VAL A 364 -15.51 32.59 16.11
N GLU A 365 -16.15 33.61 16.69
CA GLU A 365 -15.74 35.00 16.55
C GLU A 365 -15.24 35.38 17.94
N ARG A 366 -13.94 35.52 18.08
CA ARG A 366 -13.34 35.78 19.37
C ARG A 366 -12.96 37.22 19.70
N ASP A 367 -12.64 37.40 20.98
CA ASP A 367 -12.25 38.67 21.62
C ASP A 367 -13.38 39.09 22.57
N ALA A 382 -12.45 45.40 16.01
CA ALA A 382 -11.49 44.42 15.43
C ALA A 382 -11.61 43.04 16.09
N LEU A 383 -12.44 42.17 15.49
CA LEU A 383 -12.66 40.80 15.98
C LEU A 383 -11.74 39.81 15.27
N GLU A 384 -12.24 38.58 15.08
CA GLU A 384 -11.47 37.55 14.38
C GLU A 384 -12.25 36.25 14.32
N ARG A 385 -12.28 35.61 13.15
CA ARG A 385 -12.97 34.33 12.98
C ARG A 385 -11.94 33.25 13.17
N VAL A 386 -12.26 32.26 13.99
CA VAL A 386 -11.34 31.17 14.26
C VAL A 386 -12.04 29.83 14.16
N ARG A 387 -11.39 28.88 13.50
CA ARG A 387 -11.93 27.53 13.37
C ARG A 387 -11.03 26.71 14.30
N GLU A 388 -11.62 25.94 15.20
CA GLU A 388 -10.82 25.14 16.14
C GLU A 388 -11.55 23.91 16.62
N ARG A 389 -10.79 22.94 17.13
CA ARG A 389 -11.41 21.74 17.66
C ARG A 389 -12.11 22.13 18.95
N VAL A 390 -13.32 21.63 19.15
CA VAL A 390 -14.03 21.93 20.38
C VAL A 390 -13.28 21.19 21.48
N VAL A 391 -12.77 20.00 21.14
CA VAL A 391 -12.00 19.19 22.08
C VAL A 391 -10.68 18.77 21.45
N MET A 392 -9.57 19.22 22.03
CA MET A 392 -8.25 18.89 21.51
C MET A 392 -7.86 17.44 21.79
N PRO A 393 -7.04 16.87 20.90
CA PRO A 393 -6.62 15.49 21.11
C PRO A 393 -6.06 15.40 22.54
N ALA A 394 -5.27 16.41 22.93
CA ALA A 394 -4.63 16.47 24.24
C ALA A 394 -5.62 16.51 25.40
N GLU A 395 -6.79 17.10 25.15
CA GLU A 395 -7.78 17.17 26.19
C GLU A 395 -8.34 15.77 26.43
N ILE A 396 -8.38 14.95 25.40
CA ILE A 396 -8.88 13.58 25.54
C ILE A 396 -7.83 12.73 26.23
N ALA A 397 -6.57 12.98 25.88
CA ALA A 397 -5.46 12.22 26.43
C ALA A 397 -5.29 12.52 27.92
N ASN A 398 -5.69 13.70 28.34
CA ASN A 398 -5.54 14.10 29.73
C ASN A 398 -6.81 13.97 30.56
N LEU A 399 -7.87 13.38 30.01
CA LEU A 399 -9.11 13.23 30.76
C LEU A 399 -8.89 12.33 31.97
N PRO A 400 -9.52 12.64 33.10
CA PRO A 400 -9.36 11.79 34.29
C PRO A 400 -10.37 10.67 34.10
N ASP A 401 -10.31 9.63 34.91
CA ASP A 401 -11.25 8.53 34.81
C ASP A 401 -12.66 9.04 35.12
N LEU A 402 -13.67 8.25 34.76
CA LEU A 402 -15.07 8.62 35.01
C LEU A 402 -15.48 10.02 34.54
N THR A 403 -14.84 10.50 33.47
CA THR A 403 -15.17 11.79 32.87
C THR A 403 -15.35 11.51 31.39
N ALA A 404 -16.47 11.98 30.85
CA ALA A 404 -16.81 11.74 29.45
C ALA A 404 -17.41 12.91 28.70
N TYR A 405 -17.22 12.90 27.38
CA TYR A 405 -17.80 13.90 26.49
C TYR A 405 -18.96 13.19 25.80
N VAL A 406 -20.18 13.67 26.02
CA VAL A 406 -21.37 13.05 25.42
C VAL A 406 -21.90 13.85 24.22
N GLY A 407 -21.90 13.22 23.05
CA GLY A 407 -22.37 13.87 21.84
C GLY A 407 -23.41 13.01 21.17
N PHE A 408 -24.66 13.25 21.54
CA PHE A 408 -25.79 12.50 21.01
C PHE A 408 -26.02 12.72 19.50
N ALA A 409 -26.71 11.75 18.90
CA ALA A 409 -27.05 11.76 17.49
C ALA A 409 -27.76 13.06 17.13
N GLY A 410 -27.59 13.51 15.89
CA GLY A 410 -28.30 14.70 15.47
C GLY A 410 -27.75 16.05 15.87
N ASN A 411 -28.64 17.04 15.87
CA ASN A 411 -28.26 18.40 16.18
C ASN A 411 -28.30 18.76 17.65
N ARG A 412 -27.33 18.26 18.40
CA ARG A 412 -27.27 18.56 19.83
C ARG A 412 -25.85 19.05 20.10
N PRO A 413 -25.65 19.79 21.22
CA PRO A 413 -24.30 20.26 21.52
C PRO A 413 -23.69 19.12 22.34
N ILE A 414 -22.38 19.13 22.51
CA ILE A 414 -21.75 18.07 23.32
C ILE A 414 -21.44 18.67 24.70
N ALA A 415 -21.25 17.84 25.71
CA ALA A 415 -20.96 18.34 27.05
C ALA A 415 -20.00 17.44 27.80
N LYS A 416 -19.13 18.03 28.61
CA LYS A 416 -18.20 17.24 29.40
C LYS A 416 -18.97 16.85 30.67
N VAL A 417 -19.17 15.56 30.88
CA VAL A 417 -19.93 15.11 32.04
C VAL A 417 -19.20 14.08 32.88
N PRO A 418 -19.43 14.08 34.20
CA PRO A 418 -18.77 13.10 35.06
C PRO A 418 -19.65 11.87 35.18
N LEU A 419 -19.00 10.72 35.33
CA LEU A 419 -19.68 9.44 35.47
C LEU A 419 -19.69 9.11 36.95
N GLU A 420 -20.86 8.82 37.49
CA GLU A 420 -20.94 8.50 38.90
C GLU A 420 -21.04 6.99 39.09
N ILE A 421 -20.25 6.44 39.99
CA ILE A 421 -20.27 5.00 40.24
C ILE A 421 -21.39 4.59 41.18
N LYS A 422 -22.52 4.18 40.62
CA LYS A 422 -23.65 3.72 41.42
C LYS A 422 -23.40 2.25 41.77
N GLN A 423 -23.76 1.86 42.98
CA GLN A 423 -23.57 0.50 43.44
C GLN A 423 -24.78 -0.37 43.22
N PHE A 424 -24.56 -1.58 42.70
CA PHE A 424 -25.66 -2.49 42.48
C PHE A 424 -25.42 -3.77 43.26
N ALA A 425 -26.48 -4.24 43.93
CA ALA A 425 -26.39 -5.44 44.73
C ALA A 425 -26.39 -6.68 43.83
N ASN A 426 -25.64 -7.71 44.25
CA ASN A 426 -25.54 -8.96 43.51
C ASN A 426 -26.76 -9.82 43.75
N ARG A 427 -27.68 -9.81 42.80
CA ARG A 427 -28.89 -10.61 42.91
C ARG A 427 -28.81 -11.93 42.15
N GLN A 428 -27.59 -12.50 42.10
CA GLN A 428 -27.29 -13.77 41.43
C GLN A 428 -25.79 -13.98 41.26
N PRO A 429 -25.33 -15.23 41.36
CA PRO A 429 -23.90 -15.53 41.21
C PRO A 429 -23.49 -15.38 39.74
N ALA A 430 -22.40 -14.66 39.50
CA ALA A 430 -21.94 -14.41 38.13
C ALA A 430 -21.71 -15.70 37.36
N PHE A 431 -21.15 -16.72 38.02
CA PHE A 431 -20.86 -18.00 37.38
C PHE A 431 -21.29 -19.18 38.26
N VAL A 432 -21.76 -20.26 37.61
CA VAL A 432 -22.17 -21.48 38.29
C VAL A 432 -21.59 -22.69 37.55
N GLU A 433 -20.55 -23.28 38.13
CA GLU A 433 -19.86 -24.43 37.56
C GLU A 433 -20.76 -25.49 36.92
N GLY A 434 -20.44 -25.85 35.68
CA GLY A 434 -21.20 -26.86 34.96
C GLY A 434 -20.79 -28.25 35.40
N THR A 435 -21.40 -28.71 36.50
CA THR A 435 -21.11 -30.03 37.06
C THR A 435 -22.28 -30.99 36.84
N ASN B 1 3.99 37.36 31.19
CA ASN B 1 4.42 35.99 30.80
C ASN B 1 5.12 35.26 31.96
N SER B 2 4.36 34.88 32.99
CA SER B 2 4.90 34.18 34.16
C SER B 2 5.09 32.70 33.84
N VAL B 3 3.97 31.99 33.80
CA VAL B 3 3.95 30.55 33.54
C VAL B 3 4.82 30.15 32.35
N GLY B 4 5.56 29.05 32.51
CA GLY B 4 6.40 28.55 31.44
C GLY B 4 7.90 28.76 31.57
N GLN B 5 8.40 28.76 32.80
CA GLN B 5 9.83 28.93 33.04
C GLN B 5 10.36 27.81 33.91
N GLY B 6 11.46 27.23 33.49
CA GLY B 6 12.04 26.14 34.25
C GLY B 6 11.13 24.93 34.21
N GLU B 7 10.13 25.00 33.33
CA GLU B 7 9.17 23.91 33.16
C GLU B 7 8.96 23.71 31.66
N PHE B 8 8.35 24.70 31.03
CA PHE B 8 8.11 24.64 29.59
C PHE B 8 9.32 25.25 28.88
N GLY B 9 9.86 24.53 27.89
CA GLY B 9 11.03 25.00 27.17
C GLY B 9 10.78 26.11 26.16
N GLY B 10 9.52 26.33 25.81
CA GLY B 10 9.16 27.36 24.84
C GLY B 10 9.06 28.74 25.46
N ALA B 11 8.51 29.67 24.69
CA ALA B 11 8.37 31.03 25.18
C ALA B 11 7.38 31.02 26.34
N PRO B 12 7.70 31.70 27.46
CA PRO B 12 6.81 31.74 28.62
C PRO B 12 5.45 32.33 28.23
N PHE B 13 4.40 31.89 28.87
CA PHE B 13 3.09 32.41 28.52
C PHE B 13 2.33 33.05 29.66
N LYS B 14 1.30 33.80 29.29
CA LYS B 14 0.48 34.49 30.26
C LYS B 14 -0.58 33.60 30.88
N ARG B 15 -1.23 32.77 30.07
CA ARG B 15 -2.30 31.91 30.57
C ARG B 15 -2.45 30.57 29.85
N PHE B 16 -2.50 29.49 30.62
CA PHE B 16 -2.66 28.16 30.03
C PHE B 16 -4.14 27.92 29.76
N LEU B 17 -4.48 27.58 28.53
CA LEU B 17 -5.88 27.34 28.16
C LEU B 17 -6.34 25.89 28.32
N ARG B 18 -5.74 25.01 27.52
CA ARG B 18 -6.09 23.59 27.51
C ARG B 18 -4.97 22.70 27.01
N GLY B 19 -5.15 21.39 27.18
CA GLY B 19 -4.15 20.46 26.72
C GLY B 19 -3.15 19.95 27.74
N THR B 20 -1.99 19.52 27.23
CA THR B 20 -0.95 19.00 28.08
C THR B 20 -0.27 20.09 28.85
N ARG B 21 -0.16 19.90 30.16
CA ARG B 21 0.49 20.90 30.98
C ARG B 21 1.78 20.29 31.49
N ILE B 22 2.84 21.09 31.47
CA ILE B 22 4.14 20.66 31.91
C ILE B 22 4.47 21.36 33.21
N VAL B 23 5.04 20.60 34.14
CA VAL B 23 5.37 21.13 35.45
C VAL B 23 6.82 20.77 35.77
N SER B 24 7.39 21.38 36.81
CA SER B 24 8.77 21.09 37.16
C SER B 24 8.88 19.70 37.79
N GLY B 25 10.09 19.15 37.85
CA GLY B 25 10.25 17.84 38.45
C GLY B 25 9.70 17.82 39.87
N GLY B 26 10.25 18.66 40.72
CA GLY B 26 9.81 18.72 42.10
C GLY B 26 8.32 18.90 42.28
N LYS B 27 7.74 19.81 41.51
CA LYS B 27 6.32 20.06 41.62
C LYS B 27 5.49 18.82 41.34
N LEU B 28 5.98 18.01 40.41
CA LEU B 28 5.31 16.79 40.03
C LEU B 28 5.42 15.78 41.18
N LYS B 29 6.61 15.72 41.78
CA LYS B 29 6.85 14.80 42.89
C LYS B 29 5.92 15.01 44.07
N ARG B 30 5.53 16.25 44.39
CA ARG B 30 4.60 16.37 45.51
C ARG B 30 3.21 16.06 45.03
N MET B 31 2.91 16.45 43.80
CA MET B 31 1.58 16.22 43.27
C MET B 31 1.19 14.75 43.22
N THR B 32 2.13 13.91 42.80
CA THR B 32 1.87 12.48 42.70
C THR B 32 2.08 11.74 44.00
N ARG B 33 2.77 12.36 44.96
CA ARG B 33 3.03 11.70 46.23
C ARG B 33 1.71 11.36 46.92
N GLU B 34 1.64 10.15 47.46
CA GLU B 34 0.43 9.67 48.13
C GLU B 34 0.71 9.05 49.49
N LYS B 35 -0.37 8.79 50.23
CA LYS B 35 -0.29 8.19 51.56
C LYS B 35 0.33 6.78 51.58
N ALA B 36 -0.20 5.90 50.75
CA ALA B 36 0.28 4.53 50.66
C ALA B 36 1.71 4.46 50.13
N LYS B 37 2.38 3.32 50.36
CA LYS B 37 3.74 3.14 49.87
C LYS B 37 3.63 3.14 48.35
N GLN B 38 4.55 3.82 47.69
CA GLN B 38 4.52 3.87 46.23
C GLN B 38 5.87 3.45 45.66
N VAL B 39 5.88 3.16 44.36
CA VAL B 39 7.09 2.82 43.65
C VAL B 39 7.49 4.12 42.96
N THR B 40 8.75 4.24 42.53
CA THR B 40 9.15 5.48 41.85
C THR B 40 9.64 5.29 40.44
N VAL B 41 9.33 6.29 39.61
CA VAL B 41 9.70 6.35 38.20
C VAL B 41 10.60 7.56 37.99
N ALA B 42 11.91 7.36 37.93
CA ALA B 42 12.83 8.47 37.73
C ALA B 42 12.77 9.47 38.89
N GLY B 43 12.51 8.95 40.08
CA GLY B 43 12.43 9.80 41.26
C GLY B 43 11.03 10.30 41.55
N VAL B 44 10.11 10.10 40.62
CA VAL B 44 8.75 10.56 40.80
C VAL B 44 7.84 9.48 41.32
N PRO B 45 7.27 9.65 42.53
CA PRO B 45 6.37 8.63 43.07
C PRO B 45 5.22 8.34 42.10
N MET B 46 5.04 7.08 41.76
CA MET B 46 4.00 6.72 40.83
C MET B 46 2.62 6.58 41.45
N PRO B 47 1.61 7.22 40.83
CA PRO B 47 0.22 7.17 41.29
C PRO B 47 -0.22 5.72 41.43
N ARG B 48 -0.62 5.32 42.62
CA ARG B 48 -1.06 3.95 42.87
C ARG B 48 -2.05 3.42 41.81
N ASP B 49 -2.95 4.28 41.34
CA ASP B 49 -3.95 3.86 40.35
C ASP B 49 -3.38 3.74 38.93
N ALA B 50 -2.19 4.31 38.73
CA ALA B 50 -1.53 4.29 37.42
C ALA B 50 -0.75 2.99 37.20
N GLU B 51 -0.48 2.28 38.29
CA GLU B 51 0.27 1.03 38.24
C GLU B 51 -0.32 -0.06 37.34
N PRO B 52 -1.59 -0.46 37.57
CA PRO B 52 -2.18 -1.50 36.71
C PRO B 52 -2.61 -0.99 35.32
N ARG B 53 -2.28 0.26 35.03
CA ARG B 53 -2.60 0.90 33.75
C ARG B 53 -1.38 0.77 32.85
N HIS B 54 -0.30 0.24 33.44
CA HIS B 54 0.98 -0.04 32.76
C HIS B 54 1.81 1.17 32.39
N LEU B 55 3.11 0.91 32.22
CA LEU B 55 4.10 1.94 31.89
C LEU B 55 4.97 1.59 30.68
N LEU B 56 5.10 2.55 29.76
CA LEU B 56 5.92 2.37 28.57
C LEU B 56 7.13 3.32 28.63
N VAL B 57 8.34 2.76 28.54
CA VAL B 57 9.57 3.56 28.61
C VAL B 57 10.27 3.60 27.25
N ASN B 58 10.09 4.69 26.52
CA ASN B 58 10.69 4.81 25.20
C ASN B 58 11.94 5.67 25.17
N GLY B 59 13.02 5.14 24.59
CA GLY B 59 14.26 5.90 24.50
C GLY B 59 15.40 5.21 23.78
N ALA B 60 16.31 5.99 23.19
CA ALA B 60 17.46 5.43 22.48
C ALA B 60 18.30 4.59 23.43
N THR B 61 19.21 3.82 22.87
CA THR B 61 20.04 2.96 23.70
C THR B 61 21.08 3.76 24.50
N GLY B 62 21.19 3.42 25.79
CA GLY B 62 22.14 4.08 26.68
C GLY B 62 21.61 5.32 27.40
N THR B 63 20.33 5.60 27.23
CA THR B 63 19.70 6.77 27.85
C THR B 63 19.25 6.56 29.29
N GLY B 64 19.20 5.32 29.75
CA GLY B 64 18.80 5.09 31.12
C GLY B 64 17.63 4.17 31.36
N LYS B 65 17.18 3.42 30.35
CA LYS B 65 16.07 2.53 30.57
C LYS B 65 16.41 1.63 31.73
N SER B 66 17.65 1.16 31.78
CA SER B 66 18.12 0.28 32.84
C SER B 66 18.01 0.93 34.20
N VAL B 67 18.66 2.08 34.35
CA VAL B 67 18.64 2.81 35.61
C VAL B 67 17.21 2.98 36.11
N LEU B 68 16.30 3.19 35.16
CA LEU B 68 14.89 3.41 35.44
C LEU B 68 14.18 2.13 35.84
N LEU B 69 14.30 1.09 35.02
CA LEU B 69 13.64 -0.18 35.33
C LEU B 69 14.20 -0.79 36.62
N ARG B 70 15.48 -0.55 36.85
CA ARG B 70 16.16 -1.07 38.03
C ARG B 70 15.58 -0.39 39.26
N GLU B 71 15.39 0.93 39.16
CA GLU B 71 14.83 1.72 40.24
C GLU B 71 13.40 1.32 40.53
N LEU B 72 12.64 1.07 39.46
CA LEU B 72 11.26 0.69 39.61
C LEU B 72 11.17 -0.66 40.32
N ALA B 73 12.02 -1.60 39.91
CA ALA B 73 12.06 -2.94 40.48
C ALA B 73 12.40 -2.86 41.96
N TYR B 74 13.44 -2.07 42.25
CA TYR B 74 13.88 -1.89 43.61
C TYR B 74 12.77 -1.44 44.56
N THR B 75 12.18 -0.27 44.29
CA THR B 75 11.12 0.30 45.11
C THR B 75 9.87 -0.58 45.17
N GLY B 76 9.72 -1.43 44.15
CA GLY B 76 8.59 -2.34 44.11
C GLY B 76 8.88 -3.48 45.05
N LEU B 77 10.15 -3.83 45.18
CA LEU B 77 10.55 -4.91 46.07
C LEU B 77 10.44 -4.45 47.52
N LEU B 78 10.89 -3.24 47.78
CA LEU B 78 10.85 -2.67 49.11
C LEU B 78 9.41 -2.65 49.63
N ARG B 79 8.46 -2.60 48.70
CA ARG B 79 7.05 -2.58 49.05
C ARG B 79 6.51 -4.01 49.16
N GLY B 80 7.34 -4.97 48.78
CA GLY B 80 6.94 -6.36 48.85
C GLY B 80 6.16 -6.88 47.64
N ASP B 81 6.30 -6.23 46.50
CA ASP B 81 5.60 -6.67 45.31
C ASP B 81 6.35 -7.85 44.69
N ARG B 82 5.60 -8.71 44.02
CA ARG B 82 6.19 -9.85 43.35
C ARG B 82 6.42 -9.40 41.93
N MET B 83 7.31 -10.08 41.22
CA MET B 83 7.57 -9.72 39.83
C MET B 83 8.26 -10.74 38.98
N VAL B 84 8.00 -10.63 37.68
CA VAL B 84 8.57 -11.48 36.65
C VAL B 84 9.42 -10.52 35.84
N ILE B 85 10.71 -10.81 35.73
CA ILE B 85 11.59 -9.92 34.99
C ILE B 85 12.29 -10.56 33.81
N VAL B 86 12.04 -10.03 32.62
CA VAL B 86 12.72 -10.50 31.41
C VAL B 86 14.07 -9.82 31.58
N ASP B 87 15.02 -10.59 32.09
CA ASP B 87 16.33 -10.10 32.45
C ASP B 87 17.55 -10.54 31.64
N PRO B 88 17.97 -9.71 30.68
CA PRO B 88 19.12 -9.98 29.82
C PRO B 88 20.43 -9.99 30.60
N ASN B 89 21.19 -11.06 30.44
CA ASN B 89 22.48 -11.22 31.12
C ASN B 89 22.38 -11.27 32.64
N GLY B 90 21.21 -11.65 33.14
CA GLY B 90 21.00 -11.76 34.57
C GLY B 90 21.36 -10.54 35.40
N ASP B 91 21.31 -9.34 34.82
CA ASP B 91 21.62 -8.14 35.56
C ASP B 91 20.70 -7.94 36.78
N MET B 92 19.39 -7.91 36.55
CA MET B 92 18.44 -7.73 37.64
C MET B 92 18.57 -8.85 38.67
N LEU B 93 18.81 -10.06 38.20
CA LEU B 93 18.95 -11.22 39.06
C LEU B 93 20.08 -11.03 40.06
N SER B 94 21.21 -10.53 39.56
CA SER B 94 22.39 -10.33 40.39
C SER B 94 22.25 -9.21 41.42
N LYS B 95 21.32 -8.30 41.19
CA LYS B 95 21.13 -7.18 42.10
C LYS B 95 20.02 -7.44 43.11
N PHE B 96 18.91 -8.02 42.63
CA PHE B 96 17.73 -8.24 43.47
C PHE B 96 17.30 -9.68 43.72
N GLY B 97 18.01 -10.64 43.14
CA GLY B 97 17.63 -12.02 43.33
C GLY B 97 17.89 -12.54 44.73
N ARG B 98 16.85 -13.11 45.34
CA ARG B 98 16.98 -13.68 46.67
C ARG B 98 17.04 -15.19 46.46
N ASP B 99 17.14 -15.92 47.56
CA ASP B 99 17.25 -17.37 47.49
C ASP B 99 15.96 -18.09 47.12
N LYS B 100 14.82 -17.54 47.52
CA LYS B 100 13.54 -18.16 47.22
C LYS B 100 13.08 -17.90 45.79
N ASP B 101 13.78 -16.98 45.13
CA ASP B 101 13.46 -16.59 43.76
C ASP B 101 13.77 -17.64 42.71
N ILE B 102 12.90 -17.69 41.71
CA ILE B 102 13.01 -18.62 40.60
C ILE B 102 13.84 -18.06 39.43
N ILE B 103 14.48 -18.97 38.70
CA ILE B 103 15.30 -18.62 37.53
C ILE B 103 14.92 -19.53 36.39
N LEU B 104 14.67 -18.95 35.22
CA LEU B 104 14.35 -19.73 34.03
C LEU B 104 15.38 -19.40 32.96
N ASN B 105 16.30 -20.34 32.74
CA ASN B 105 17.35 -20.19 31.75
C ASN B 105 17.79 -21.63 31.52
N PRO B 106 17.61 -22.15 30.30
CA PRO B 106 18.01 -23.53 30.00
C PRO B 106 19.49 -23.83 30.21
N TYR B 107 20.33 -22.80 30.25
CA TYR B 107 21.77 -22.98 30.42
C TYR B 107 22.35 -22.51 31.75
N ASP B 108 21.49 -22.22 32.72
CA ASP B 108 21.96 -21.78 34.02
C ASP B 108 21.76 -22.93 34.99
N GLN B 109 22.81 -23.27 35.72
CA GLN B 109 22.78 -24.36 36.69
C GLN B 109 21.59 -24.26 37.67
N ARG B 110 21.20 -23.03 38.02
CA ARG B 110 20.10 -22.78 38.96
C ARG B 110 18.67 -22.81 38.40
N THR B 111 18.54 -22.95 37.09
CA THR B 111 17.21 -22.94 36.48
C THR B 111 16.32 -24.05 37.01
N LYS B 112 15.01 -23.85 36.86
CA LYS B 112 14.03 -24.84 37.31
C LYS B 112 13.76 -25.70 36.08
N GLY B 113 13.16 -26.86 36.27
CA GLY B 113 12.87 -27.73 35.16
C GLY B 113 11.50 -27.37 34.66
N TRP B 114 11.36 -27.18 33.36
CA TRP B 114 10.07 -26.81 32.83
C TRP B 114 9.74 -27.38 31.46
N SER B 115 8.44 -27.48 31.22
CA SER B 115 7.86 -27.97 29.98
C SER B 115 6.47 -27.35 29.96
N PHE B 116 5.96 -26.96 28.81
CA PHE B 116 4.64 -26.34 28.82
C PHE B 116 3.59 -27.34 29.31
N PHE B 117 3.94 -28.62 29.31
CA PHE B 117 3.02 -29.68 29.78
C PHE B 117 2.61 -29.34 31.22
N ASN B 118 3.56 -28.77 31.98
CA ASN B 118 3.37 -28.37 33.37
C ASN B 118 2.32 -27.29 33.58
N GLU B 119 1.82 -26.68 32.51
CA GLU B 119 0.81 -25.62 32.65
C GLU B 119 -0.58 -26.08 32.23
N ILE B 120 -0.67 -27.27 31.64
CA ILE B 120 -1.96 -27.82 31.21
C ILE B 120 -2.74 -28.29 32.41
N ARG B 121 -3.99 -27.82 32.54
CA ARG B 121 -4.85 -28.20 33.65
C ARG B 121 -6.26 -28.54 33.22
N ASN B 122 -6.70 -27.94 32.12
CA ASN B 122 -8.03 -28.18 31.56
C ASN B 122 -7.81 -28.45 30.08
N ASP B 123 -8.86 -28.79 29.35
CA ASP B 123 -8.66 -29.06 27.94
C ASP B 123 -8.36 -27.81 27.14
N TYR B 124 -9.06 -26.72 27.45
CA TYR B 124 -8.86 -25.48 26.72
C TYR B 124 -7.46 -24.91 26.91
N ASP B 125 -6.68 -25.56 27.77
CA ASP B 125 -5.30 -25.12 28.04
C ASP B 125 -4.32 -25.60 26.99
N TRP B 126 -4.74 -26.53 26.15
CA TRP B 126 -3.85 -27.03 25.11
C TRP B 126 -3.64 -25.98 24.01
N GLN B 127 -4.71 -25.43 23.44
CA GLN B 127 -4.52 -24.41 22.41
C GLN B 127 -4.00 -23.12 23.04
N ARG B 128 -4.45 -22.89 24.27
CA ARG B 128 -4.08 -21.71 25.03
C ARG B 128 -2.56 -21.55 25.11
N TYR B 129 -1.89 -22.65 25.40
CA TYR B 129 -0.44 -22.67 25.52
C TYR B 129 0.28 -23.05 24.23
N ALA B 130 -0.48 -23.49 23.24
CA ALA B 130 0.12 -23.80 21.94
C ALA B 130 0.37 -22.40 21.37
N LEU B 131 -0.47 -21.45 21.77
CA LEU B 131 -0.37 -20.05 21.35
C LEU B 131 0.89 -19.44 21.94
N SER B 132 1.29 -19.91 23.11
CA SER B 132 2.46 -19.41 23.80
C SER B 132 3.74 -19.99 23.21
N VAL B 133 3.69 -21.28 22.86
CA VAL B 133 4.83 -21.98 22.30
C VAL B 133 5.09 -21.51 20.86
N VAL B 134 4.01 -21.35 20.11
CA VAL B 134 4.06 -20.91 18.71
C VAL B 134 3.41 -19.53 18.59
N PRO B 135 4.18 -18.44 18.81
CA PRO B 135 3.65 -17.08 18.72
C PRO B 135 3.03 -16.72 17.36
N ARG B 136 2.43 -15.53 17.27
CA ARG B 136 1.79 -15.07 16.04
C ARG B 136 2.78 -14.84 14.90
N GLY B 137 2.44 -15.30 13.71
CA GLY B 137 3.34 -15.11 12.58
C GLY B 137 3.48 -13.63 12.20
N LYS B 138 4.68 -13.24 11.79
CA LYS B 138 4.93 -11.85 11.37
C LYS B 138 4.02 -11.40 10.22
N THR B 139 3.71 -12.33 9.31
CA THR B 139 2.85 -12.03 8.17
C THR B 139 1.60 -12.89 8.22
N ASP B 140 0.59 -12.55 7.41
CA ASP B 140 -0.66 -13.33 7.38
C ASP B 140 -0.42 -14.76 6.96
N GLU B 141 0.55 -14.92 6.07
CA GLU B 141 0.92 -16.23 5.54
C GLU B 141 1.64 -17.00 6.62
N ALA B 142 2.58 -16.35 7.30
CA ALA B 142 3.35 -17.02 8.32
C ALA B 142 2.46 -17.46 9.46
N GLU B 143 1.36 -16.73 9.69
CA GLU B 143 0.45 -17.07 10.77
C GLU B 143 -0.34 -18.31 10.36
N GLU B 144 -0.70 -18.39 9.08
CA GLU B 144 -1.43 -19.53 8.60
C GLU B 144 -0.63 -20.78 8.95
N TRP B 145 0.67 -20.77 8.66
CA TRP B 145 1.53 -21.91 8.98
C TRP B 145 1.54 -22.12 10.48
N ALA B 146 1.67 -21.03 11.21
CA ALA B 146 1.70 -21.07 12.66
C ALA B 146 0.49 -21.83 13.20
N SER B 147 -0.70 -21.55 12.67
CA SER B 147 -1.91 -22.22 13.15
C SER B 147 -1.84 -23.73 12.89
N TYR B 148 -1.31 -24.12 11.74
CA TYR B 148 -1.16 -25.53 11.39
C TYR B 148 -0.20 -26.14 12.41
N GLY B 149 0.83 -25.38 12.74
CA GLY B 149 1.83 -25.83 13.69
C GLY B 149 1.25 -26.01 15.08
N ARG B 150 0.25 -25.20 15.43
CA ARG B 150 -0.39 -25.31 16.73
C ARG B 150 -1.35 -26.49 16.75
N LEU B 151 -1.98 -26.76 15.61
CA LEU B 151 -2.89 -27.90 15.47
C LEU B 151 -2.09 -29.19 15.69
N LEU B 152 -0.97 -29.29 15.00
CA LEU B 152 -0.10 -30.42 15.11
C LEU B 152 0.47 -30.53 16.51
N LEU B 153 0.88 -29.40 17.06
CA LEU B 153 1.46 -29.40 18.40
C LEU B 153 0.45 -29.83 19.45
N ARG B 154 -0.73 -29.21 19.45
CA ARG B 154 -1.73 -29.52 20.47
C ARG B 154 -2.29 -30.94 20.45
N GLU B 155 -2.55 -31.50 19.27
CA GLU B 155 -3.08 -32.84 19.19
C GLU B 155 -2.02 -33.89 19.51
N THR B 156 -0.78 -33.64 19.09
CA THR B 156 0.31 -34.58 19.35
C THR B 156 0.68 -34.58 20.83
N ALA B 157 0.84 -33.40 21.40
CA ALA B 157 1.20 -33.30 22.81
C ALA B 157 0.05 -33.78 23.69
N LYS B 158 -1.16 -33.68 23.18
CA LYS B 158 -2.33 -34.09 23.95
C LYS B 158 -2.35 -35.60 24.06
N LYS B 159 -2.08 -36.28 22.95
CA LYS B 159 -2.05 -37.73 22.92
C LYS B 159 -0.90 -38.28 23.75
N LEU B 160 0.29 -37.67 23.59
CA LEU B 160 1.45 -38.11 24.36
C LEU B 160 1.15 -38.05 25.84
N ALA B 161 0.37 -37.05 26.25
CA ALA B 161 0.01 -36.88 27.65
C ALA B 161 -0.97 -38.00 28.06
N LEU B 162 -1.95 -38.25 27.19
CA LEU B 162 -2.96 -39.29 27.43
C LEU B 162 -2.31 -40.64 27.64
N ILE B 163 -1.38 -40.96 26.76
CA ILE B 163 -0.69 -42.24 26.83
C ILE B 163 0.43 -42.26 27.87
N GLY B 164 0.39 -41.31 28.80
CA GLY B 164 1.37 -41.26 29.86
C GLY B 164 2.82 -40.92 29.55
N THR B 165 3.08 -40.42 28.34
CA THR B 165 4.45 -40.06 27.98
C THR B 165 4.52 -38.60 27.56
N PRO B 166 4.22 -37.68 28.49
CA PRO B 166 4.25 -36.24 28.22
C PRO B 166 5.70 -35.78 28.05
N SER B 167 6.36 -36.34 27.04
CA SER B 167 7.76 -36.03 26.75
C SER B 167 7.97 -35.00 25.65
N MET B 168 8.81 -34.01 25.94
CA MET B 168 9.13 -32.95 24.99
C MET B 168 9.97 -33.55 23.87
N ARG B 169 10.77 -34.53 24.25
CA ARG B 169 11.64 -35.21 23.30
C ARG B 169 10.79 -36.05 22.35
N GLU B 170 9.78 -36.71 22.90
CA GLU B 170 8.86 -37.52 22.11
C GLU B 170 8.06 -36.61 21.20
N LEU B 171 7.53 -35.54 21.78
CA LEU B 171 6.74 -34.57 21.04
C LEU B 171 7.53 -34.00 19.86
N PHE B 172 8.82 -33.72 20.11
CA PHE B 172 9.71 -33.17 19.08
C PHE B 172 10.02 -34.18 18.00
N HIS B 173 10.22 -35.43 18.39
CA HIS B 173 10.50 -36.48 17.45
C HIS B 173 9.33 -36.64 16.48
N TRP B 174 8.15 -36.78 17.04
CA TRP B 174 6.93 -36.95 16.25
C TRP B 174 6.67 -35.81 15.27
N THR B 175 6.69 -34.59 15.79
CA THR B 175 6.42 -33.40 14.98
C THR B 175 7.47 -32.97 13.94
N THR B 176 8.75 -33.32 14.13
CA THR B 176 9.78 -32.89 13.16
C THR B 176 10.78 -33.95 12.68
N ILE B 177 10.72 -35.15 13.25
CA ILE B 177 11.65 -36.21 12.88
C ILE B 177 11.00 -37.44 12.26
N ALA B 178 9.98 -37.99 12.92
CA ALA B 178 9.29 -39.16 12.39
C ALA B 178 8.87 -38.87 10.97
N THR B 179 8.75 -39.90 10.14
CA THR B 179 8.35 -39.68 8.75
C THR B 179 6.90 -39.26 8.67
N PHE B 180 6.55 -38.68 7.53
CA PHE B 180 5.19 -38.23 7.30
C PHE B 180 4.19 -39.31 7.69
N ASP B 181 4.41 -40.51 7.18
CA ASP B 181 3.50 -41.63 7.43
C ASP B 181 3.36 -42.02 8.90
N ASP B 182 4.48 -42.13 9.62
CA ASP B 182 4.45 -42.50 11.03
C ASP B 182 3.70 -41.47 11.84
N LEU B 183 3.97 -40.19 11.56
CA LEU B 183 3.31 -39.09 12.25
C LEU B 183 1.81 -39.22 11.97
N ARG B 184 1.47 -39.35 10.68
CA ARG B 184 0.08 -39.51 10.24
C ARG B 184 -0.59 -40.61 11.04
N GLY B 185 0.12 -41.73 11.18
CA GLY B 185 -0.38 -42.85 11.94
C GLY B 185 -0.56 -42.48 13.40
N PHE B 186 0.46 -41.88 14.01
CA PHE B 186 0.35 -41.48 15.42
C PHE B 186 -0.87 -40.57 15.56
N LEU B 187 -1.08 -39.69 14.59
CA LEU B 187 -2.22 -38.76 14.63
C LEU B 187 -3.60 -39.40 14.53
N GLU B 188 -3.65 -40.64 14.04
CA GLU B 188 -4.94 -41.32 13.93
C GLU B 188 -5.59 -41.35 15.30
N GLY B 189 -6.88 -41.06 15.35
CA GLY B 189 -7.57 -41.06 16.62
C GLY B 189 -7.65 -39.66 17.22
N THR B 190 -6.84 -38.74 16.72
CA THR B 190 -6.87 -37.36 17.23
C THR B 190 -7.57 -36.45 16.22
N LEU B 191 -8.03 -35.30 16.69
CA LEU B 191 -8.73 -34.34 15.84
C LEU B 191 -8.01 -34.06 14.52
N ALA B 192 -6.68 -34.15 14.55
CA ALA B 192 -5.86 -33.89 13.37
C ALA B 192 -5.68 -35.07 12.43
N GLU B 193 -6.28 -36.20 12.80
CA GLU B 193 -6.16 -37.42 11.99
C GLU B 193 -6.47 -37.15 10.53
N SER B 194 -7.63 -36.57 10.29
CA SER B 194 -8.06 -36.30 8.93
C SER B 194 -7.70 -34.93 8.42
N LEU B 195 -7.60 -33.97 9.32
CA LEU B 195 -7.28 -32.62 8.90
C LEU B 195 -5.98 -32.55 8.07
N PHE B 196 -4.98 -33.35 8.43
CA PHE B 196 -3.70 -33.35 7.71
C PHE B 196 -3.58 -34.41 6.62
N ALA B 197 -4.71 -34.79 6.03
CA ALA B 197 -4.71 -35.80 5.00
C ALA B 197 -5.85 -35.56 4.02
N GLY B 198 -5.73 -36.15 2.83
CA GLY B 198 -6.78 -36.00 1.84
C GLY B 198 -6.52 -35.19 0.59
N SER B 199 -5.46 -34.39 0.56
CA SER B 199 -5.14 -33.59 -0.62
C SER B 199 -3.71 -33.06 -0.54
N ASN B 200 -3.25 -32.41 -1.60
CA ASN B 200 -1.91 -31.85 -1.58
C ASN B 200 -1.94 -30.73 -0.56
N GLU B 201 -3.05 -30.02 -0.51
CA GLU B 201 -3.18 -28.93 0.43
C GLU B 201 -2.98 -29.45 1.86
N ALA B 202 -3.66 -30.53 2.21
CA ALA B 202 -3.55 -31.13 3.54
C ALA B 202 -2.11 -31.47 3.89
N SER B 203 -1.41 -32.09 2.93
CA SER B 203 -0.01 -32.50 3.12
C SER B 203 0.90 -31.28 3.20
N LYS B 204 0.54 -30.24 2.45
CA LYS B 204 1.32 -29.01 2.45
C LYS B 204 1.19 -28.40 3.83
N ALA B 205 -0.03 -28.37 4.35
CA ALA B 205 -0.32 -27.83 5.66
C ALA B 205 0.47 -28.57 6.74
N LEU B 206 0.62 -29.89 6.58
CA LEU B 206 1.35 -30.67 7.56
C LEU B 206 2.83 -30.28 7.49
N THR B 207 3.35 -30.14 6.26
CA THR B 207 4.74 -29.74 6.02
C THR B 207 5.03 -28.39 6.64
N SER B 208 4.08 -27.47 6.52
CA SER B 208 4.23 -26.15 7.09
C SER B 208 4.27 -26.24 8.61
N ALA B 209 3.38 -27.04 9.18
CA ALA B 209 3.32 -27.20 10.63
C ALA B 209 4.62 -27.79 11.17
N ARG B 210 5.25 -28.65 10.39
CA ARG B 210 6.50 -29.32 10.79
C ARG B 210 7.63 -28.33 10.86
N PHE B 211 7.68 -27.45 9.88
CA PHE B 211 8.71 -26.42 9.80
C PHE B 211 8.61 -25.47 10.98
N VAL B 212 7.41 -25.01 11.28
CA VAL B 212 7.23 -24.10 12.38
C VAL B 212 7.71 -24.75 13.67
N LEU B 213 7.16 -25.91 14.01
CA LEU B 213 7.57 -26.63 15.23
C LEU B 213 9.07 -26.96 15.31
N SER B 214 9.71 -27.13 14.16
CA SER B 214 11.14 -27.43 14.14
C SER B 214 11.85 -26.13 14.51
N ASP B 215 11.23 -24.99 14.19
CA ASP B 215 11.80 -23.67 14.49
C ASP B 215 11.61 -23.22 15.95
N LYS B 216 10.44 -23.51 16.52
CA LYS B 216 10.13 -23.09 17.89
C LYS B 216 10.53 -24.05 19.00
N LEU B 217 10.28 -25.34 18.80
CA LEU B 217 10.55 -26.37 19.82
C LEU B 217 11.98 -26.66 20.28
N PRO B 218 12.99 -26.51 19.41
CA PRO B 218 14.36 -26.79 19.81
C PRO B 218 14.73 -26.52 21.26
N GLU B 219 14.67 -25.27 21.70
CA GLU B 219 15.05 -24.92 23.07
C GLU B 219 14.15 -25.51 24.14
N HIS B 220 12.88 -25.75 23.77
CA HIS B 220 11.89 -26.33 24.67
C HIS B 220 12.31 -27.74 25.06
N VAL B 221 12.93 -28.42 24.10
CA VAL B 221 13.43 -29.78 24.23
C VAL B 221 14.66 -29.83 25.13
N THR B 222 15.68 -29.06 24.76
CA THR B 222 16.92 -29.00 25.52
C THR B 222 16.75 -28.34 26.88
N MET B 223 15.52 -27.92 27.18
CA MET B 223 15.23 -27.27 28.44
C MET B 223 15.23 -28.31 29.54
N PRO B 224 16.07 -28.13 30.57
CA PRO B 224 16.18 -29.04 31.70
C PRO B 224 14.76 -29.41 32.16
N ASP B 225 14.52 -30.69 32.44
CA ASP B 225 13.19 -31.12 32.88
C ASP B 225 12.91 -30.93 34.36
N GLY B 226 11.63 -30.68 34.65
CA GLY B 226 11.21 -30.48 36.02
C GLY B 226 9.70 -30.35 36.05
N ASP B 227 9.13 -30.22 37.25
CA ASP B 227 7.67 -30.10 37.40
C ASP B 227 7.24 -28.69 37.73
N PHE B 228 8.14 -27.74 37.51
CA PHE B 228 7.84 -26.35 37.78
C PHE B 228 6.74 -25.83 36.84
N SER B 229 5.79 -25.12 37.44
CA SER B 229 4.67 -24.54 36.70
C SER B 229 4.55 -23.08 37.03
N ILE B 230 4.55 -22.26 35.98
CA ILE B 230 4.46 -20.83 36.13
C ILE B 230 3.09 -20.47 36.70
N ARG B 231 2.08 -21.27 36.34
CA ARG B 231 0.73 -21.05 36.87
C ARG B 231 0.73 -21.25 38.40
N SER B 232 1.21 -22.41 38.85
CA SER B 232 1.25 -22.69 40.27
C SER B 232 2.10 -21.69 41.03
N TRP B 233 3.20 -21.25 40.41
CA TRP B 233 4.09 -20.27 41.03
C TRP B 233 3.35 -18.95 41.29
N LEU B 234 2.51 -18.55 40.33
CA LEU B 234 1.73 -17.32 40.43
C LEU B 234 0.72 -17.39 41.58
N GLU B 235 0.14 -18.57 41.76
CA GLU B 235 -0.85 -18.78 42.79
C GLU B 235 -0.24 -18.89 44.18
N ASP B 236 1.06 -19.14 44.24
CA ASP B 236 1.75 -19.25 45.53
C ASP B 236 2.30 -17.91 46.00
N PRO B 237 1.69 -17.32 47.06
CA PRO B 237 2.12 -16.03 47.60
C PRO B 237 3.59 -16.03 48.00
N ASN B 238 3.98 -17.07 48.72
CA ASN B 238 5.34 -17.21 49.20
C ASN B 238 6.28 -17.53 48.06
N GLY B 239 5.72 -17.68 46.86
CA GLY B 239 6.55 -17.94 45.70
C GLY B 239 7.43 -16.71 45.58
N GLY B 240 8.69 -16.87 45.17
CA GLY B 240 9.55 -15.70 45.08
C GLY B 240 9.22 -14.83 43.89
N ASN B 241 10.28 -14.42 43.19
CA ASN B 241 10.13 -13.60 41.99
C ASN B 241 10.73 -14.45 40.87
N LEU B 242 10.27 -14.25 39.65
CA LEU B 242 10.76 -15.02 38.52
C LEU B 242 11.72 -14.20 37.65
N PHE B 243 12.94 -14.69 37.49
CA PHE B 243 13.92 -14.01 36.65
C PHE B 243 14.18 -14.88 35.43
N ILE B 244 13.85 -14.37 34.25
CA ILE B 244 14.08 -15.07 33.00
C ILE B 244 15.35 -14.46 32.45
N THR B 245 16.46 -15.19 32.57
CA THR B 245 17.76 -14.70 32.11
C THR B 245 18.31 -15.43 30.88
N TRP B 246 19.35 -14.88 30.29
CA TRP B 246 19.98 -15.50 29.14
C TRP B 246 21.18 -14.68 28.73
N ARG B 247 22.14 -15.32 28.10
CA ARG B 247 23.31 -14.62 27.67
C ARG B 247 23.00 -13.98 26.32
N GLU B 248 23.34 -12.71 26.16
CA GLU B 248 23.06 -11.97 24.95
C GLU B 248 23.37 -12.61 23.60
N ASP B 249 24.49 -13.32 23.50
CA ASP B 249 24.86 -13.96 22.23
C ASP B 249 23.90 -15.09 21.83
N MET B 250 23.04 -15.48 22.76
CA MET B 250 22.06 -16.54 22.51
C MET B 250 20.64 -15.94 22.44
N GLY B 251 20.54 -14.63 22.52
CA GLY B 251 19.24 -14.00 22.49
C GLY B 251 18.38 -14.51 21.37
N PRO B 252 18.87 -14.47 20.13
CA PRO B 252 18.11 -14.94 18.97
C PRO B 252 17.70 -16.42 19.03
N ALA B 253 18.53 -17.24 19.67
CA ALA B 253 18.25 -18.67 19.80
C ALA B 253 17.12 -18.95 20.80
N LEU B 254 17.08 -18.16 21.86
CA LEU B 254 16.08 -18.29 22.92
C LEU B 254 14.86 -17.39 22.70
N ARG B 255 14.88 -16.58 21.63
CA ARG B 255 13.76 -15.67 21.36
C ARG B 255 12.40 -16.36 21.43
N PRO B 256 12.27 -17.54 20.81
CA PRO B 256 10.98 -18.26 20.85
C PRO B 256 10.62 -18.84 22.23
N LEU B 257 11.63 -19.33 22.95
CA LEU B 257 11.40 -19.91 24.28
C LEU B 257 11.00 -18.81 25.25
N ILE B 258 11.80 -17.76 25.28
CA ILE B 258 11.55 -16.62 26.16
C ILE B 258 10.21 -15.96 25.90
N SER B 259 9.79 -15.94 24.64
CA SER B 259 8.51 -15.34 24.24
C SER B 259 7.39 -16.24 24.74
N ALA B 260 7.67 -17.53 24.86
CA ALA B 260 6.69 -18.50 25.33
C ALA B 260 6.46 -18.28 26.82
N TRP B 261 7.54 -18.12 27.57
CA TRP B 261 7.40 -17.90 29.00
C TRP B 261 6.65 -16.62 29.27
N VAL B 262 7.01 -15.54 28.58
CA VAL B 262 6.33 -14.26 28.78
C VAL B 262 4.86 -14.39 28.41
N ASP B 263 4.55 -15.15 27.37
CA ASP B 263 3.15 -15.26 27.03
C ASP B 263 2.42 -16.13 28.04
N VAL B 264 3.09 -17.16 28.54
CA VAL B 264 2.51 -18.06 29.55
C VAL B 264 1.95 -17.22 30.71
N VAL B 265 2.77 -16.30 31.20
CA VAL B 265 2.40 -15.40 32.29
C VAL B 265 1.20 -14.54 31.89
N CYS B 266 1.21 -14.01 30.66
CA CYS B 266 0.14 -13.15 30.15
C CYS B 266 -1.23 -13.81 30.06
N THR B 267 -1.27 -15.14 29.95
CA THR B 267 -2.57 -15.81 29.88
C THR B 267 -2.91 -16.33 31.24
N SER B 268 -1.89 -16.84 31.92
CA SER B 268 -2.05 -17.42 33.25
C SER B 268 -2.61 -16.47 34.31
N ILE B 269 -2.21 -15.20 34.29
CA ILE B 269 -2.70 -14.25 35.30
C ILE B 269 -4.22 -14.06 35.16
N LEU B 270 -4.74 -14.44 34.00
CA LEU B 270 -6.15 -14.33 33.69
C LEU B 270 -6.96 -15.43 34.39
N SER B 271 -6.26 -16.44 34.90
CA SER B 271 -6.93 -17.55 35.57
C SER B 271 -6.70 -17.57 37.07
N LEU B 272 -5.85 -16.66 37.55
CA LEU B 272 -5.56 -16.58 38.98
C LEU B 272 -6.82 -16.26 39.75
N PRO B 273 -6.92 -16.75 41.01
CA PRO B 273 -8.09 -16.49 41.83
C PRO B 273 -8.15 -15.02 42.27
N GLU B 274 -9.36 -14.48 42.31
CA GLU B 274 -9.58 -13.10 42.70
C GLU B 274 -8.89 -12.75 44.02
N GLU B 275 -7.80 -12.00 43.92
CA GLU B 275 -7.05 -11.59 45.10
C GLU B 275 -6.67 -10.12 44.98
N PRO B 276 -7.46 -9.24 45.62
CA PRO B 276 -7.27 -7.78 45.64
C PRO B 276 -5.91 -7.32 46.17
N LYS B 277 -5.30 -8.16 46.99
CA LYS B 277 -3.99 -7.85 47.59
C LYS B 277 -2.80 -8.15 46.68
N ARG B 278 -3.04 -8.84 45.57
CA ARG B 278 -1.96 -9.20 44.66
C ARG B 278 -1.44 -8.04 43.83
N ARG B 279 -0.12 -7.94 43.76
CA ARG B 279 0.56 -6.93 42.97
C ARG B 279 1.70 -7.62 42.23
N LEU B 280 1.48 -7.90 40.95
CA LEU B 280 2.48 -8.60 40.15
C LEU B 280 2.99 -7.74 39.01
N TRP B 281 4.31 -7.53 38.95
CA TRP B 281 4.92 -6.73 37.90
C TRP B 281 5.50 -7.59 36.77
N LEU B 282 5.35 -7.11 35.54
CA LEU B 282 5.91 -7.80 34.39
C LEU B 282 6.87 -6.83 33.70
N PHE B 283 8.16 -7.11 33.84
CA PHE B 283 9.20 -6.29 33.25
C PHE B 283 9.71 -6.93 31.97
N ILE B 284 9.47 -6.24 30.85
CA ILE B 284 9.91 -6.72 29.55
C ILE B 284 10.85 -5.62 29.06
N ASP B 285 12.13 -5.75 29.36
CA ASP B 285 13.10 -4.73 29.00
C ASP B 285 12.97 -4.16 27.57
N GLU B 286 12.69 -5.03 26.60
CA GLU B 286 12.53 -4.59 25.21
C GLU B 286 11.46 -5.42 24.53
N LEU B 287 10.27 -4.85 24.47
CA LEU B 287 9.10 -5.47 23.88
C LEU B 287 9.19 -5.91 22.42
N ALA B 288 9.88 -5.13 21.59
CA ALA B 288 10.01 -5.47 20.17
C ALA B 288 11.03 -6.57 19.95
N SER B 289 11.68 -6.99 21.02
CA SER B 289 12.69 -8.04 20.91
C SER B 289 12.10 -9.42 21.06
N LEU B 290 10.89 -9.51 21.60
CA LEU B 290 10.23 -10.81 21.77
C LEU B 290 9.43 -10.98 20.49
N GLU B 291 8.73 -12.11 20.38
CA GLU B 291 7.94 -12.38 19.19
C GLU B 291 6.56 -11.72 19.32
N LYS B 292 5.74 -11.86 18.29
CA LYS B 292 4.40 -11.28 18.34
C LYS B 292 3.57 -12.13 19.32
N LEU B 293 3.63 -11.78 20.61
CA LEU B 293 2.92 -12.50 21.66
C LEU B 293 1.41 -12.57 21.43
N ALA B 294 0.87 -13.75 21.66
CA ALA B 294 -0.55 -14.00 21.47
C ALA B 294 -1.45 -13.47 22.60
N SER B 295 -0.95 -13.44 23.83
CA SER B 295 -1.76 -13.01 24.96
C SER B 295 -1.52 -11.62 25.55
N LEU B 296 -0.47 -10.94 25.13
CA LEU B 296 -0.13 -9.61 25.66
C LEU B 296 -1.30 -8.62 25.67
N ALA B 297 -1.93 -8.40 24.52
CA ALA B 297 -3.04 -7.44 24.45
C ALA B 297 -4.12 -7.65 25.50
N ASP B 298 -4.57 -8.88 25.70
CA ASP B 298 -5.60 -9.15 26.69
C ASP B 298 -5.11 -8.97 28.11
N ALA B 299 -3.82 -9.23 28.35
CA ALA B 299 -3.27 -9.06 29.69
C ALA B 299 -3.17 -7.58 30.05
N LEU B 300 -2.91 -6.73 29.05
CA LEU B 300 -2.80 -5.28 29.26
C LEU B 300 -4.18 -4.63 29.34
N THR B 301 -5.21 -5.44 29.17
CA THR B 301 -6.56 -4.93 29.18
C THR B 301 -7.45 -5.57 30.24
N LYS B 302 -7.13 -6.80 30.62
CA LYS B 302 -7.93 -7.52 31.59
C LYS B 302 -7.14 -8.03 32.78
N GLY B 303 -6.01 -7.38 33.07
CA GLY B 303 -5.18 -7.82 34.18
C GLY B 303 -5.26 -7.03 35.46
N ARG B 304 -6.06 -5.96 35.46
CA ARG B 304 -6.20 -5.12 36.63
C ARG B 304 -6.69 -5.97 37.83
N LYS B 305 -7.65 -6.84 37.58
CA LYS B 305 -8.23 -7.72 38.58
C LYS B 305 -7.21 -8.68 39.23
N ALA B 306 -6.26 -9.14 38.42
CA ALA B 306 -5.19 -10.04 38.88
C ALA B 306 -4.04 -9.25 39.49
N GLY B 307 -4.07 -7.94 39.27
CA GLY B 307 -3.03 -7.07 39.80
C GLY B 307 -1.82 -6.96 38.88
N LEU B 308 -2.02 -7.24 37.60
CA LEU B 308 -0.94 -7.17 36.62
C LEU B 308 -0.52 -5.73 36.35
N ARG B 309 0.79 -5.50 36.45
CA ARG B 309 1.40 -4.21 36.20
C ARG B 309 2.54 -4.48 35.23
N VAL B 310 2.37 -4.08 33.97
CA VAL B 310 3.41 -4.31 32.99
C VAL B 310 4.26 -3.07 32.73
N VAL B 311 5.56 -3.29 32.58
CA VAL B 311 6.53 -2.24 32.30
C VAL B 311 7.29 -2.71 31.10
N ALA B 312 7.29 -1.90 30.03
CA ALA B 312 7.96 -2.29 28.79
C ALA B 312 8.82 -1.18 28.19
N GLY B 313 9.87 -1.60 27.51
CA GLY B 313 10.75 -0.64 26.86
C GLY B 313 10.66 -0.74 25.35
N LEU B 314 10.94 0.39 24.69
CA LEU B 314 10.92 0.51 23.22
C LEU B 314 12.01 1.51 22.82
N GLN B 315 12.35 1.57 21.54
CA GLN B 315 13.36 2.52 21.05
C GLN B 315 12.79 3.32 19.85
N SER B 316 12.50 2.64 18.73
CA SER B 316 11.94 3.27 17.54
C SER B 316 10.58 2.65 17.21
N THR B 317 9.60 3.49 16.92
CA THR B 317 8.25 3.00 16.61
C THR B 317 8.21 1.94 15.52
N SER B 318 9.22 1.93 14.66
CA SER B 318 9.30 0.97 13.57
C SER B 318 9.61 -0.45 14.03
N GLN B 319 10.24 -0.58 15.19
CA GLN B 319 10.58 -1.92 15.73
C GLN B 319 9.35 -2.75 16.05
N LEU B 320 8.47 -2.21 16.89
CA LEU B 320 7.25 -2.90 17.28
C LEU B 320 6.29 -2.98 16.09
N ASP B 321 6.34 -2.00 15.19
CA ASP B 321 5.49 -1.99 14.01
C ASP B 321 5.86 -3.17 13.13
N ASP B 322 7.15 -3.41 12.95
CA ASP B 322 7.55 -4.51 12.10
C ASP B 322 7.19 -5.88 12.68
N VAL B 323 7.22 -6.01 14.00
CA VAL B 323 6.89 -7.27 14.68
C VAL B 323 5.38 -7.55 14.75
N TYR B 324 4.60 -6.56 15.19
CA TYR B 324 3.16 -6.72 15.33
C TYR B 324 2.31 -6.22 14.17
N GLY B 325 2.90 -5.42 13.28
CA GLY B 325 2.14 -4.88 12.18
C GLY B 325 1.75 -3.51 12.67
N VAL B 326 1.49 -2.58 11.77
CA VAL B 326 1.16 -1.23 12.20
C VAL B 326 -0.08 -1.09 13.10
N LYS B 327 -1.19 -1.67 12.64
CA LYS B 327 -2.44 -1.62 13.38
C LYS B 327 -2.32 -2.27 14.74
N GLU B 328 -1.85 -3.50 14.76
CA GLU B 328 -1.74 -4.21 16.02
C GLU B 328 -0.75 -3.61 16.99
N ALA B 329 0.28 -2.95 16.47
CA ALA B 329 1.28 -2.30 17.31
C ALA B 329 0.69 -1.03 17.94
N GLN B 330 -0.17 -0.33 17.20
CA GLN B 330 -0.81 0.89 17.68
C GLN B 330 -1.67 0.54 18.88
N THR B 331 -2.45 -0.53 18.73
CA THR B 331 -3.33 -1.01 19.78
C THR B 331 -2.51 -1.36 21.02
N LEU B 332 -1.42 -2.08 20.82
CA LEU B 332 -0.56 -2.46 21.92
C LEU B 332 -0.01 -1.24 22.68
N ARG B 333 0.68 -0.34 21.98
CA ARG B 333 1.24 0.86 22.64
C ARG B 333 0.15 1.64 23.36
N ALA B 334 -1.04 1.66 22.77
CA ALA B 334 -2.17 2.40 23.32
C ALA B 334 -2.64 1.84 24.66
N SER B 335 -2.33 0.57 24.93
CA SER B 335 -2.73 -0.10 26.16
C SER B 335 -1.87 0.24 27.36
N PHE B 336 -0.84 1.07 27.13
CA PHE B 336 0.04 1.51 28.21
C PHE B 336 -0.38 2.95 28.46
N ARG B 337 -1.02 3.19 29.60
CA ARG B 337 -1.53 4.50 29.97
C ARG B 337 -0.44 5.49 30.38
N SER B 338 0.63 4.97 30.95
CA SER B 338 1.72 5.83 31.39
C SER B 338 2.95 5.75 30.47
N LEU B 339 3.54 6.92 30.14
CA LEU B 339 4.70 7.03 29.25
C LEU B 339 5.92 7.79 29.82
N VAL B 340 7.13 7.33 29.48
CA VAL B 340 8.38 7.97 29.90
C VAL B 340 9.22 8.08 28.64
N VAL B 341 9.52 9.30 28.21
CA VAL B 341 10.33 9.53 27.01
C VAL B 341 11.77 9.88 27.39
N LEU B 342 12.72 9.02 27.01
CA LEU B 342 14.11 9.23 27.35
C LEU B 342 15.01 9.90 26.31
N GLY B 343 14.46 10.24 25.16
CA GLY B 343 15.31 10.92 24.18
C GLY B 343 15.96 9.98 23.21
N GLY B 344 15.71 10.22 21.94
CA GLY B 344 16.26 9.36 20.92
C GLY B 344 17.30 10.03 20.06
N SER B 345 17.78 9.28 19.08
CA SER B 345 18.78 9.74 18.14
C SER B 345 18.17 10.78 17.23
N ARG B 346 18.97 11.70 16.73
CA ARG B 346 18.42 12.70 15.82
C ARG B 346 18.20 12.09 14.44
N THR B 347 18.72 10.87 14.23
CA THR B 347 18.60 10.16 12.97
C THR B 347 17.28 9.43 12.89
N ASP B 348 16.45 9.62 13.90
CA ASP B 348 15.13 8.98 13.95
C ASP B 348 14.07 10.03 14.16
N PRO B 349 13.97 11.00 13.23
CA PRO B 349 12.98 12.05 13.37
C PRO B 349 11.54 11.56 13.42
N LYS B 350 11.25 10.40 12.84
CA LYS B 350 9.89 9.90 12.86
C LYS B 350 9.46 9.47 14.24
N THR B 351 10.35 8.82 14.98
CA THR B 351 10.01 8.39 16.32
C THR B 351 9.96 9.59 17.28
N ASN B 352 10.84 10.57 17.08
CA ASN B 352 10.88 11.76 17.93
C ASN B 352 9.58 12.54 17.75
N GLU B 353 9.07 12.47 16.54
CA GLU B 353 7.83 13.14 16.20
C GLU B 353 6.69 12.41 16.92
N ASP B 354 6.72 11.08 16.86
CA ASP B 354 5.71 10.24 17.50
C ASP B 354 5.65 10.50 19.01
N MET B 355 6.82 10.58 19.64
CA MET B 355 6.92 10.84 21.07
C MET B 355 6.49 12.26 21.39
N SER B 356 6.85 13.21 20.54
CA SER B 356 6.49 14.61 20.76
C SER B 356 4.96 14.79 20.73
N LEU B 357 4.35 14.07 19.80
CA LEU B 357 2.91 14.10 19.58
C LEU B 357 2.18 13.37 20.71
N SER B 358 2.81 12.34 21.24
CA SER B 358 2.23 11.58 22.34
C SER B 358 2.27 12.42 23.61
N LEU B 359 3.32 13.22 23.74
CA LEU B 359 3.47 14.11 24.90
C LEU B 359 2.39 15.20 24.78
N GLY B 360 1.96 15.45 23.54
CA GLY B 360 0.88 16.39 23.31
C GLY B 360 1.22 17.84 23.14
N GLU B 361 0.17 18.58 22.77
CA GLU B 361 0.21 20.02 22.56
C GLU B 361 -0.54 20.72 23.69
N HIS B 362 -0.45 22.03 23.72
CA HIS B 362 -1.16 22.80 24.71
C HIS B 362 -1.60 24.07 24.01
N GLU B 363 -2.70 24.64 24.45
CA GLU B 363 -3.15 25.88 23.85
C GLU B 363 -2.95 26.92 24.94
N VAL B 364 -2.17 27.93 24.59
CA VAL B 364 -1.81 28.95 25.54
C VAL B 364 -2.10 30.33 25.02
N GLU B 365 -2.13 31.29 25.94
CA GLU B 365 -2.40 32.68 25.65
C GLU B 365 -1.14 33.44 26.03
N ARG B 366 -0.52 34.09 25.05
CA ARG B 366 0.71 34.81 25.34
C ARG B 366 0.52 36.25 24.99
N ASP B 367 1.49 37.07 25.35
CA ASP B 367 1.46 38.50 25.05
C ASP B 367 1.93 38.75 23.63
N ARG B 368 2.46 39.95 23.39
CA ARG B 368 2.93 40.29 22.04
C ARG B 368 4.31 40.97 22.04
N LEU B 383 -2.67 40.11 22.75
CA LEU B 383 -2.91 38.67 23.11
C LEU B 383 -3.02 37.78 21.88
N GLU B 384 -2.48 36.57 21.99
CA GLU B 384 -2.53 35.61 20.90
C GLU B 384 -2.64 34.19 21.43
N ARG B 385 -3.65 33.46 20.95
CA ARG B 385 -3.85 32.07 21.33
C ARG B 385 -2.87 31.29 20.49
N VAL B 386 -2.08 30.46 21.13
CA VAL B 386 -1.10 29.67 20.41
C VAL B 386 -1.24 28.23 20.83
N ARG B 387 -1.26 27.34 19.84
CA ARG B 387 -1.36 25.92 20.07
C ARG B 387 0.04 25.41 19.74
N GLU B 388 0.64 24.63 20.61
CA GLU B 388 1.99 24.16 20.34
C GLU B 388 2.37 22.91 21.09
N ARG B 389 3.39 22.20 20.60
CA ARG B 389 3.84 21.00 21.26
C ARG B 389 4.47 21.43 22.56
N VAL B 390 4.15 20.73 23.64
CA VAL B 390 4.73 21.04 24.95
C VAL B 390 6.23 20.69 24.86
N VAL B 391 6.54 19.59 24.14
CA VAL B 391 7.93 19.15 23.92
C VAL B 391 8.13 18.88 22.45
N MET B 392 9.02 19.66 21.83
CA MET B 392 9.34 19.54 20.41
C MET B 392 10.11 18.26 20.08
N PRO B 393 10.01 17.79 18.84
CA PRO B 393 10.74 16.56 18.50
C PRO B 393 12.23 16.83 18.72
N ALA B 394 12.65 18.07 18.46
CA ALA B 394 14.04 18.49 18.60
C ALA B 394 14.52 18.47 20.05
N GLU B 395 13.60 18.73 20.97
CA GLU B 395 13.93 18.71 22.38
C GLU B 395 14.21 17.29 22.83
N ILE B 396 13.47 16.34 22.27
CA ILE B 396 13.66 14.93 22.62
C ILE B 396 14.94 14.42 21.97
N ALA B 397 15.19 14.83 20.72
CA ALA B 397 16.39 14.41 20.00
C ALA B 397 17.64 14.91 20.70
N ASN B 398 17.52 16.06 21.37
CA ASN B 398 18.64 16.70 22.05
C ASN B 398 18.75 16.48 23.55
N LEU B 399 17.93 15.59 24.10
CA LEU B 399 17.99 15.31 25.53
C LEU B 399 19.30 14.63 25.85
N PRO B 400 19.88 14.95 27.01
CA PRO B 400 21.15 14.31 27.40
C PRO B 400 20.75 13.00 28.04
N ASP B 401 21.71 12.13 28.33
CA ASP B 401 21.39 10.83 28.96
C ASP B 401 20.84 11.00 30.39
N LEU B 402 20.16 9.98 30.87
CA LEU B 402 19.59 10.00 32.22
C LEU B 402 18.70 11.19 32.49
N THR B 403 17.92 11.60 31.49
CA THR B 403 16.97 12.69 31.63
C THR B 403 15.71 12.24 30.90
N ALA B 404 14.56 12.41 31.53
CA ALA B 404 13.34 11.93 30.93
C ALA B 404 12.11 12.79 31.16
N TYR B 405 11.13 12.62 30.29
CA TYR B 405 9.88 13.33 30.43
C TYR B 405 8.93 12.28 31.00
N VAL B 406 8.36 12.52 32.19
CA VAL B 406 7.45 11.55 32.79
C VAL B 406 5.98 11.99 32.73
N GLY B 407 5.19 11.26 31.97
CA GLY B 407 3.79 11.59 31.84
C GLY B 407 2.89 10.47 32.28
N PHE B 408 2.52 10.47 33.56
CA PHE B 408 1.66 9.43 34.12
C PHE B 408 0.26 9.42 33.50
N ALA B 409 -0.40 8.28 33.62
CA ALA B 409 -1.74 8.07 33.10
C ALA B 409 -2.73 9.10 33.68
N GLY B 410 -3.82 9.31 32.96
CA GLY B 410 -4.83 10.25 33.44
C GLY B 410 -4.53 11.73 33.35
N ASN B 411 -5.21 12.49 34.21
CA ASN B 411 -5.07 13.93 34.24
C ASN B 411 -3.91 14.44 35.08
N ARG B 412 -2.69 14.28 34.60
CA ARG B 412 -1.54 14.77 35.34
C ARG B 412 -0.66 15.54 34.39
N PRO B 413 0.12 16.49 34.92
CA PRO B 413 0.98 17.25 34.02
C PRO B 413 2.21 16.39 33.79
N ILE B 414 3.00 16.74 32.79
CA ILE B 414 4.24 15.99 32.54
C ILE B 414 5.37 16.84 33.10
N ALA B 415 6.54 16.25 33.26
CA ALA B 415 7.66 16.99 33.79
C ALA B 415 8.96 16.42 33.26
N LYS B 416 9.99 17.23 33.20
CA LYS B 416 11.31 16.77 32.76
C LYS B 416 12.06 16.47 34.06
N VAL B 417 12.47 15.22 34.24
CA VAL B 417 13.16 14.81 35.46
C VAL B 417 14.48 14.11 35.19
N PRO B 418 15.45 14.29 36.10
CA PRO B 418 16.73 13.63 35.89
C PRO B 418 16.70 12.26 36.56
N LEU B 419 17.37 11.31 35.93
CA LEU B 419 17.47 9.94 36.41
C LEU B 419 18.74 9.80 37.21
N GLU B 420 18.65 9.33 38.45
CA GLU B 420 19.86 9.17 39.23
C GLU B 420 20.31 7.72 39.21
N ILE B 421 21.61 7.51 39.00
CA ILE B 421 22.22 6.19 38.94
C ILE B 421 22.51 5.66 40.34
N LYS B 422 21.51 5.03 40.96
CA LYS B 422 21.72 4.47 42.28
C LYS B 422 22.53 3.20 42.07
N GLN B 423 23.38 2.85 43.03
CA GLN B 423 24.21 1.66 42.91
C GLN B 423 23.65 0.52 43.77
N PHE B 424 23.63 -0.68 43.19
CA PHE B 424 23.13 -1.86 43.89
C PHE B 424 24.21 -2.93 43.97
N ALA B 425 24.42 -3.46 45.16
CA ALA B 425 25.43 -4.50 45.35
C ALA B 425 24.96 -5.82 44.77
N ASN B 426 25.90 -6.60 44.27
CA ASN B 426 25.58 -7.90 43.69
C ASN B 426 25.36 -8.96 44.73
N ARG B 427 24.09 -9.30 44.94
CA ARG B 427 23.73 -10.30 45.92
C ARG B 427 23.47 -11.68 45.28
N GLN B 428 24.13 -11.93 44.16
CA GLN B 428 24.02 -13.20 43.43
C GLN B 428 24.71 -13.09 42.09
N PRO B 429 25.30 -14.18 41.61
CA PRO B 429 25.98 -14.15 40.32
C PRO B 429 24.95 -14.15 39.19
N ALA B 430 25.16 -13.29 38.20
CA ALA B 430 24.24 -13.18 37.07
C ALA B 430 24.03 -14.50 36.33
N PHE B 431 25.10 -15.25 36.16
CA PHE B 431 25.02 -16.52 35.44
C PHE B 431 25.83 -17.60 36.15
N VAL B 432 25.38 -18.84 36.03
CA VAL B 432 26.03 -20.00 36.65
C VAL B 432 25.95 -21.24 35.77
N GLU B 433 27.12 -21.72 35.36
CA GLU B 433 27.31 -22.92 34.51
C GLU B 433 28.08 -22.54 33.25
N GLY B 434 27.59 -22.97 32.08
CA GLY B 434 28.29 -22.68 30.83
C GLY B 434 27.58 -21.79 29.80
N GLN C 5 24.66 36.02 12.48
CA GLN C 5 24.91 35.06 13.60
C GLN C 5 26.24 34.34 13.37
N GLY C 6 26.58 34.11 12.10
CA GLY C 6 27.84 33.45 11.75
C GLY C 6 27.92 31.96 12.01
N GLU C 7 26.77 31.35 12.27
CA GLU C 7 26.68 29.92 12.54
C GLU C 7 25.38 29.42 11.92
N PHE C 8 24.29 30.12 12.23
CA PHE C 8 22.94 29.83 11.76
C PHE C 8 22.71 30.59 10.45
N GLY C 9 22.38 29.85 9.39
CA GLY C 9 22.16 30.46 8.09
C GLY C 9 20.93 31.34 7.91
N GLY C 10 19.94 31.21 8.81
CA GLY C 10 18.75 32.02 8.69
C GLY C 10 18.91 33.41 9.27
N ALA C 11 17.79 34.08 9.52
CA ALA C 11 17.80 35.43 10.08
C ALA C 11 18.26 35.40 11.54
N PRO C 12 19.23 36.27 11.91
CA PRO C 12 19.72 36.29 13.29
C PRO C 12 18.56 36.52 14.23
N PHE C 13 18.70 36.06 15.46
CA PHE C 13 17.62 36.22 16.41
C PHE C 13 18.06 36.82 17.73
N LYS C 14 17.08 37.31 18.45
CA LYS C 14 17.32 37.91 19.74
C LYS C 14 17.47 36.87 20.83
N ARG C 15 16.63 35.83 20.81
CA ARG C 15 16.75 34.85 21.87
C ARG C 15 16.39 33.42 21.48
N PHE C 16 17.26 32.48 21.85
CA PHE C 16 16.99 31.09 21.56
C PHE C 16 16.09 30.46 22.64
N LEU C 17 14.95 29.92 22.21
CA LEU C 17 14.02 29.28 23.12
C LEU C 17 14.26 27.78 23.35
N ARG C 18 14.03 26.98 22.31
CA ARG C 18 14.20 25.54 22.42
C ARG C 18 14.56 24.85 21.13
N GLY C 19 14.95 23.58 21.23
CA GLY C 19 15.29 22.80 20.05
C GLY C 19 16.75 22.62 19.73
N THR C 20 17.06 22.37 18.46
CA THR C 20 18.43 22.19 18.02
C THR C 20 19.16 23.52 17.97
N ARG C 21 20.34 23.54 18.58
CA ARG C 21 21.15 24.76 18.60
C ARG C 21 22.33 24.58 17.66
N ILE C 22 22.64 25.63 16.92
CA ILE C 22 23.77 25.56 15.99
C ILE C 22 24.86 26.48 16.52
N VAL C 23 26.11 26.03 16.41
CA VAL C 23 27.23 26.79 16.93
C VAL C 23 28.35 26.80 15.86
N SER C 24 29.34 27.68 16.03
CA SER C 24 30.43 27.75 15.04
C SER C 24 31.34 26.54 15.12
N GLY C 25 32.08 26.30 14.06
CA GLY C 25 32.98 25.18 14.06
C GLY C 25 33.83 25.22 15.31
N GLY C 26 34.62 26.28 15.44
CA GLY C 26 35.50 26.40 16.59
C GLY C 26 34.86 26.26 17.96
N LYS C 27 33.74 26.93 18.15
CA LYS C 27 33.02 26.90 19.41
C LYS C 27 32.72 25.46 19.81
N LEU C 28 32.29 24.65 18.85
CA LEU C 28 31.97 23.26 19.11
C LEU C 28 33.25 22.48 19.47
N LYS C 29 34.34 22.73 18.74
CA LYS C 29 35.61 22.05 18.99
C LYS C 29 36.11 22.25 20.43
N ARG C 30 35.75 23.37 21.03
CA ARG C 30 36.15 23.63 22.41
C ARG C 30 35.17 22.93 23.33
N MET C 31 33.91 22.93 22.95
CA MET C 31 32.89 22.29 23.75
C MET C 31 33.14 20.80 23.91
N THR C 32 33.39 20.12 22.80
CA THR C 32 33.60 18.68 22.82
C THR C 32 34.99 18.23 23.21
N ARG C 33 35.95 19.16 23.19
CA ARG C 33 37.31 18.80 23.55
C ARG C 33 37.34 18.25 24.96
N GLU C 34 38.08 17.16 25.15
CA GLU C 34 38.20 16.53 26.46
C GLU C 34 39.63 16.25 26.86
N LYS C 35 39.76 15.88 28.12
CA LYS C 35 41.04 15.55 28.71
C LYS C 35 41.65 14.30 28.07
N ALA C 36 40.88 13.22 28.01
CA ALA C 36 41.33 11.96 27.43
C ALA C 36 41.63 12.07 25.92
N LYS C 37 42.40 11.11 25.40
CA LYS C 37 42.73 11.10 23.98
C LYS C 37 41.42 10.89 23.23
N GLN C 38 41.26 11.59 22.12
CA GLN C 38 40.04 11.50 21.33
C GLN C 38 40.29 11.34 19.85
N VAL C 39 39.27 10.89 19.13
CA VAL C 39 39.35 10.73 17.69
C VAL C 39 38.62 11.95 17.18
N THR C 40 38.82 12.31 15.92
CA THR C 40 38.15 13.49 15.40
C THR C 40 37.26 13.22 14.21
N VAL C 41 36.22 14.02 14.12
CA VAL C 41 35.25 13.93 13.05
C VAL C 41 35.22 15.28 12.33
N ALA C 42 35.90 15.37 11.20
CA ALA C 42 35.95 16.62 10.45
C ALA C 42 36.61 17.73 11.26
N GLY C 43 37.64 17.35 12.00
CA GLY C 43 38.35 18.31 12.81
C GLY C 43 37.80 18.46 14.22
N VAL C 44 36.58 17.98 14.44
CA VAL C 44 35.96 18.10 15.75
C VAL C 44 36.24 16.90 16.64
N PRO C 45 36.78 17.13 17.84
CA PRO C 45 37.07 16.00 18.72
C PRO C 45 35.74 15.36 19.10
N MET C 46 35.66 14.04 18.94
CA MET C 46 34.43 13.34 19.28
C MET C 46 34.35 12.97 20.75
N PRO C 47 33.25 13.35 21.42
CA PRO C 47 33.07 13.03 22.83
C PRO C 47 33.30 11.54 23.06
N ARG C 48 34.08 11.20 24.08
CA ARG C 48 34.38 9.81 24.38
C ARG C 48 33.13 8.93 24.55
N ASP C 49 32.11 9.46 25.20
CA ASP C 49 30.87 8.72 25.44
C ASP C 49 29.95 8.58 24.20
N ALA C 50 30.28 9.29 23.14
CA ALA C 50 29.50 9.27 21.90
C ALA C 50 30.01 8.20 20.94
N GLU C 51 31.22 7.71 21.21
CA GLU C 51 31.87 6.69 20.39
C GLU C 51 31.09 5.39 20.29
N PRO C 52 30.71 4.79 21.43
CA PRO C 52 29.96 3.54 21.36
C PRO C 52 28.48 3.73 21.06
N ARG C 53 28.08 4.94 20.69
CA ARG C 53 26.68 5.23 20.34
C ARG C 53 26.60 5.31 18.81
N HIS C 54 27.74 5.06 18.17
CA HIS C 54 27.88 5.02 16.72
C HIS C 54 27.73 6.30 15.93
N LEU C 55 28.29 6.29 14.72
CA LEU C 55 28.28 7.45 13.83
C LEU C 55 27.83 7.13 12.43
N LEU C 56 26.87 7.92 11.95
CA LEU C 56 26.31 7.77 10.62
C LEU C 56 26.69 9.00 9.79
N VAL C 57 27.32 8.77 8.64
CA VAL C 57 27.75 9.86 7.78
C VAL C 57 26.96 9.84 6.49
N ASN C 58 26.03 10.77 6.33
CA ASN C 58 25.20 10.83 5.14
C ASN C 58 25.74 11.90 4.20
N GLY C 59 25.83 11.59 2.90
CA GLY C 59 26.34 12.56 1.96
C GLY C 59 26.36 12.03 0.54
N ALA C 60 26.24 12.91 -0.44
CA ALA C 60 26.26 12.48 -1.82
C ALA C 60 27.67 12.04 -2.14
N THR C 61 27.83 11.41 -3.29
CA THR C 61 29.13 10.89 -3.71
C THR C 61 30.15 11.99 -4.03
N GLY C 62 31.32 11.89 -3.40
CA GLY C 62 32.39 12.84 -3.63
C GLY C 62 32.39 14.04 -2.70
N THR C 63 31.51 13.99 -1.70
CA THR C 63 31.41 15.09 -0.74
C THR C 63 32.47 15.03 0.36
N GLY C 64 33.12 13.88 0.52
CA GLY C 64 34.16 13.76 1.52
C GLY C 64 34.00 12.64 2.54
N LYS C 65 33.14 11.68 2.25
CA LYS C 65 32.93 10.57 3.18
C LYS C 65 34.26 9.86 3.45
N SER C 66 35.10 9.77 2.42
CA SER C 66 36.41 9.13 2.52
C SER C 66 37.38 9.94 3.36
N VAL C 67 37.50 11.22 3.04
CA VAL C 67 38.39 12.13 3.77
C VAL C 67 38.13 12.05 5.27
N LEU C 68 36.84 11.95 5.61
CA LEU C 68 36.38 11.89 7.00
C LEU C 68 36.62 10.55 7.69
N LEU C 69 36.27 9.45 7.03
CA LEU C 69 36.47 8.13 7.63
C LEU C 69 37.96 7.86 7.74
N ARG C 70 38.71 8.38 6.78
CA ARG C 70 40.15 8.24 6.75
C ARG C 70 40.72 8.95 7.97
N GLU C 71 40.18 10.13 8.24
CA GLU C 71 40.59 10.94 9.38
C GLU C 71 40.22 10.27 10.69
N LEU C 72 39.02 9.71 10.74
CA LEU C 72 38.55 9.04 11.94
C LEU C 72 39.44 7.85 12.25
N ALA C 73 39.72 7.07 11.22
CA ALA C 73 40.57 5.88 11.34
C ALA C 73 41.98 6.24 11.79
N TYR C 74 42.57 7.24 11.16
CA TYR C 74 43.90 7.67 11.52
C TYR C 74 43.99 8.02 13.00
N THR C 75 43.18 8.99 13.43
CA THR C 75 43.18 9.43 14.82
C THR C 75 42.83 8.30 15.80
N GLY C 76 42.11 7.30 15.30
CA GLY C 76 41.74 6.16 16.13
C GLY C 76 42.94 5.27 16.31
N LEU C 77 43.76 5.17 15.28
CA LEU C 77 44.96 4.34 15.33
C LEU C 77 45.99 5.01 16.21
N LEU C 78 46.11 6.34 16.10
CA LEU C 78 47.07 7.08 16.91
C LEU C 78 46.78 6.86 18.40
N ARG C 79 45.55 6.51 18.72
CA ARG C 79 45.15 6.28 20.10
C ARG C 79 45.33 4.82 20.44
N GLY C 80 45.57 4.02 19.40
CA GLY C 80 45.77 2.59 19.57
C GLY C 80 44.52 1.72 19.52
N ASP C 81 43.43 2.25 19.00
CA ASP C 81 42.21 1.47 18.93
C ASP C 81 42.36 0.43 17.84
N ARG C 82 41.64 -0.68 17.95
CA ARG C 82 41.68 -1.72 16.93
C ARG C 82 40.50 -1.48 16.03
N MET C 83 40.52 -2.05 14.83
CA MET C 83 39.40 -1.84 13.93
C MET C 83 39.26 -2.80 12.75
N VAL C 84 38.03 -2.90 12.28
CA VAL C 84 37.66 -3.72 11.15
C VAL C 84 37.21 -2.74 10.10
N ILE C 85 37.83 -2.78 8.93
CA ILE C 85 37.48 -1.83 7.90
C ILE C 85 36.99 -2.45 6.60
N VAL C 86 35.75 -2.19 6.26
CA VAL C 86 35.20 -2.67 5.00
C VAL C 86 35.82 -1.68 4.05
N ASP C 87 36.91 -2.14 3.45
CA ASP C 87 37.73 -1.29 2.63
C ASP C 87 37.81 -1.51 1.12
N PRO C 88 36.95 -0.81 0.35
CA PRO C 88 36.87 -0.87 -1.11
C PRO C 88 38.16 -0.54 -1.79
N ASN C 89 38.63 -1.41 -2.67
CA ASN C 89 39.87 -1.18 -3.40
C ASN C 89 41.12 -1.04 -2.54
N GLY C 90 41.07 -1.54 -1.31
CA GLY C 90 42.20 -1.47 -0.41
C GLY C 90 42.77 -0.11 -0.09
N ASP C 91 42.00 0.95 -0.28
CA ASP C 91 42.45 2.31 0.00
C ASP C 91 42.96 2.46 1.44
N MET C 92 42.11 2.12 2.41
CA MET C 92 42.47 2.20 3.82
C MET C 92 43.67 1.31 4.18
N LEU C 93 43.74 0.13 3.57
CA LEU C 93 44.82 -0.82 3.81
C LEU C 93 46.16 -0.27 3.38
N SER C 94 46.15 0.43 2.25
CA SER C 94 47.36 1.00 1.69
C SER C 94 47.90 2.21 2.44
N LYS C 95 47.07 2.82 3.28
CA LYS C 95 47.53 3.98 4.02
C LYS C 95 47.82 3.68 5.50
N PHE C 96 47.06 2.77 6.10
CA PHE C 96 47.19 2.43 7.51
C PHE C 96 47.57 1.01 7.85
N GLY C 97 47.57 0.14 6.85
CA GLY C 97 47.89 -1.24 7.10
C GLY C 97 49.31 -1.44 7.57
N ARG C 98 49.47 -2.14 8.68
CA ARG C 98 50.78 -2.44 9.21
C ARG C 98 51.02 -3.89 8.85
N ASP C 99 52.13 -4.45 9.32
CA ASP C 99 52.44 -5.83 8.99
C ASP C 99 51.69 -6.87 9.79
N LYS C 100 51.30 -6.53 11.01
CA LYS C 100 50.58 -7.46 11.86
C LYS C 100 49.09 -7.49 11.54
N ASP C 101 48.66 -6.59 10.67
CA ASP C 101 47.26 -6.49 10.29
C ASP C 101 46.77 -7.62 9.37
N ILE C 102 45.51 -7.98 9.54
CA ILE C 102 44.82 -9.04 8.77
C ILE C 102 44.18 -8.48 7.50
N ILE C 103 44.07 -9.32 6.48
CA ILE C 103 43.43 -8.94 5.23
C ILE C 103 42.54 -10.08 4.81
N LEU C 104 41.31 -9.78 4.47
CA LEU C 104 40.39 -10.80 4.00
C LEU C 104 39.92 -10.37 2.62
N ASN C 105 40.42 -11.08 1.62
CA ASN C 105 40.10 -10.85 0.22
C ASN C 105 40.46 -12.18 -0.45
N PRO C 106 39.47 -12.91 -0.99
CA PRO C 106 39.78 -14.19 -1.63
C PRO C 106 40.71 -14.12 -2.82
N TYR C 107 40.93 -12.93 -3.34
CA TYR C 107 41.79 -12.73 -4.49
C TYR C 107 43.06 -11.94 -4.23
N ASP C 108 43.45 -11.80 -2.96
CA ASP C 108 44.67 -11.08 -2.63
C ASP C 108 45.68 -12.08 -2.07
N GLN C 109 46.88 -12.04 -2.61
CA GLN C 109 47.99 -12.92 -2.21
C GLN C 109 48.16 -12.98 -0.69
N ARG C 110 47.93 -11.83 -0.06
CA ARG C 110 48.10 -11.67 1.38
C ARG C 110 46.95 -12.10 2.27
N THR C 111 45.84 -12.54 1.68
CA THR C 111 44.68 -12.93 2.49
C THR C 111 44.89 -14.12 3.41
N LYS C 112 44.05 -14.19 4.44
CA LYS C 112 44.07 -15.28 5.40
C LYS C 112 43.16 -16.35 4.83
N GLY C 113 43.34 -17.57 5.31
CA GLY C 113 42.51 -18.66 4.85
C GLY C 113 41.34 -18.68 5.80
N TRP C 114 40.14 -18.73 5.25
CA TRP C 114 38.97 -18.71 6.10
C TRP C 114 37.83 -19.57 5.60
N SER C 115 37.00 -19.97 6.55
CA SER C 115 35.79 -20.75 6.33
C SER C 115 34.90 -20.47 7.54
N PHE C 116 33.58 -20.41 7.37
CA PHE C 116 32.76 -20.13 8.54
C PHE C 116 32.91 -21.21 9.58
N PHE C 117 33.36 -22.39 9.17
CA PHE C 117 33.55 -23.51 10.08
C PHE C 117 34.49 -23.08 11.22
N ASN C 118 35.42 -22.18 10.90
CA ASN C 118 36.41 -21.68 11.85
C ASN C 118 35.82 -20.85 13.01
N GLU C 119 34.54 -20.50 12.92
CA GLU C 119 33.87 -19.69 13.93
C GLU C 119 32.95 -20.47 14.84
N ILE C 120 32.73 -21.74 14.52
CA ILE C 120 31.86 -22.58 15.31
C ILE C 120 32.57 -23.00 16.56
N ARG C 121 31.98 -22.73 17.72
CA ARG C 121 32.59 -23.13 19.00
C ARG C 121 31.59 -23.92 19.85
N ASN C 122 30.30 -23.60 19.71
CA ASN C 122 29.24 -24.29 20.45
C ASN C 122 28.16 -24.66 19.47
N ASP C 123 27.15 -25.38 19.92
CA ASP C 123 26.10 -25.79 19.01
C ASP C 123 25.24 -24.61 18.50
N TYR C 124 24.92 -23.67 19.37
CA TYR C 124 24.10 -22.55 18.96
C TYR C 124 24.80 -21.70 17.90
N ASP C 125 26.08 -21.97 17.67
CA ASP C 125 26.85 -21.22 16.68
C ASP C 125 26.54 -21.62 15.26
N TRP C 126 25.85 -22.74 15.05
CA TRP C 126 25.56 -23.15 13.68
C TRP C 126 24.55 -22.22 13.02
N GLN C 127 23.39 -22.03 13.64
CA GLN C 127 22.39 -21.12 13.06
C GLN C 127 22.90 -19.69 13.10
N ARG C 128 23.59 -19.37 14.19
CA ARG C 128 24.15 -18.06 14.41
C ARG C 128 24.90 -17.57 13.17
N TYR C 129 25.79 -18.41 12.64
CA TYR C 129 26.57 -18.06 11.47
C TYR C 129 25.97 -18.52 10.14
N ALA C 130 24.86 -19.24 10.18
CA ALA C 130 24.22 -19.63 8.94
C ALA C 130 23.49 -18.35 8.57
N LEU C 131 23.18 -17.56 9.59
CA LEU C 131 22.51 -16.26 9.47
C LEU C 131 23.46 -15.27 8.81
N SER C 132 24.75 -15.46 9.07
CA SER C 132 25.80 -14.61 8.52
C SER C 132 26.10 -14.93 7.06
N VAL C 133 26.13 -16.22 6.75
CA VAL C 133 26.41 -16.72 5.41
C VAL C 133 25.23 -16.40 4.49
N VAL C 134 24.03 -16.70 4.97
CA VAL C 134 22.78 -16.47 4.24
C VAL C 134 22.08 -15.26 4.86
N PRO C 135 22.37 -14.06 4.35
CA PRO C 135 21.70 -12.88 4.93
C PRO C 135 20.18 -12.85 4.75
N ARG C 136 19.53 -11.91 5.43
CA ARG C 136 18.08 -11.76 5.37
C ARG C 136 17.57 -11.46 3.97
N GLY C 137 16.47 -12.09 3.62
CA GLY C 137 15.90 -11.90 2.31
C GLY C 137 15.31 -10.51 2.15
N LYS C 138 15.43 -9.95 0.94
CA LYS C 138 14.89 -8.62 0.67
C LYS C 138 13.38 -8.57 0.86
N THR C 139 12.70 -9.67 0.55
CA THR C 139 11.25 -9.75 0.68
C THR C 139 10.87 -10.84 1.66
N ASP C 140 9.64 -10.79 2.17
CA ASP C 140 9.17 -11.82 3.11
C ASP C 140 9.30 -13.19 2.48
N GLU C 141 9.04 -13.25 1.18
CA GLU C 141 9.12 -14.52 0.49
C GLU C 141 10.57 -14.97 0.35
N ALA C 142 11.45 -14.07 -0.05
CA ALA C 142 12.86 -14.40 -0.23
C ALA C 142 13.51 -14.89 1.07
N GLU C 143 13.03 -14.36 2.19
CA GLU C 143 13.52 -14.71 3.50
C GLU C 143 13.01 -16.10 3.88
N GLU C 144 11.84 -16.45 3.37
CA GLU C 144 11.29 -17.77 3.65
C GLU C 144 12.26 -18.77 3.02
N TRP C 145 12.69 -18.50 1.80
CA TRP C 145 13.63 -19.35 1.10
C TRP C 145 14.96 -19.41 1.83
N ALA C 146 15.45 -18.24 2.23
CA ALA C 146 16.70 -18.13 2.96
C ALA C 146 16.65 -18.95 4.25
N SER C 147 15.50 -19.02 4.89
CA SER C 147 15.41 -19.78 6.12
C SER C 147 15.57 -21.27 5.82
N TYR C 148 15.08 -21.72 4.67
CA TYR C 148 15.23 -23.12 4.26
C TYR C 148 16.70 -23.28 3.89
N GLY C 149 17.26 -22.25 3.29
CA GLY C 149 18.66 -22.28 2.90
C GLY C 149 19.53 -22.48 4.13
N ARG C 150 19.18 -21.83 5.23
CA ARG C 150 19.97 -21.96 6.46
C ARG C 150 19.76 -23.30 7.12
N LEU C 151 18.57 -23.87 6.98
CA LEU C 151 18.29 -25.18 7.57
C LEU C 151 19.19 -26.19 6.88
N LEU C 152 19.19 -26.11 5.55
CA LEU C 152 20.00 -27.00 4.72
C LEU C 152 21.49 -26.80 4.98
N LEU C 153 21.90 -25.55 5.15
CA LEU C 153 23.28 -25.23 5.39
C LEU C 153 23.76 -25.73 6.76
N ARG C 154 23.02 -25.38 7.82
CA ARG C 154 23.44 -25.78 9.17
C ARG C 154 23.45 -27.29 9.43
N GLU C 155 22.44 -28.01 8.96
CA GLU C 155 22.40 -29.44 9.17
C GLU C 155 23.48 -30.17 8.37
N THR C 156 23.69 -29.75 7.13
CA THR C 156 24.71 -30.36 6.27
C THR C 156 26.11 -30.08 6.81
N ALA C 157 26.38 -28.78 7.03
CA ALA C 157 27.65 -28.31 7.53
C ALA C 157 27.98 -28.93 8.88
N LYS C 158 26.94 -29.21 9.66
CA LYS C 158 27.12 -29.79 10.99
C LYS C 158 27.54 -31.25 10.92
N LYS C 159 26.93 -32.01 10.00
CA LYS C 159 27.25 -33.41 9.83
C LYS C 159 28.67 -33.50 9.26
N LEU C 160 28.93 -32.76 8.18
CA LEU C 160 30.25 -32.75 7.57
C LEU C 160 31.32 -32.52 8.62
N ALA C 161 31.00 -31.73 9.63
CA ALA C 161 31.95 -31.45 10.69
C ALA C 161 32.07 -32.66 11.58
N LEU C 162 30.93 -33.27 11.86
CA LEU C 162 30.85 -34.46 12.71
C LEU C 162 31.67 -35.63 12.19
N ILE C 163 31.62 -35.84 10.88
CA ILE C 163 32.31 -36.93 10.24
C ILE C 163 33.74 -36.59 9.85
N GLY C 164 34.30 -35.56 10.47
CA GLY C 164 35.67 -35.16 10.20
C GLY C 164 35.99 -34.48 8.89
N THR C 165 34.98 -34.12 8.10
CA THR C 165 35.25 -33.46 6.83
C THR C 165 34.61 -32.09 6.66
N PRO C 166 35.02 -31.14 7.50
CA PRO C 166 34.49 -29.78 7.45
C PRO C 166 34.95 -29.09 6.17
N SER C 167 34.61 -29.66 5.03
CA SER C 167 35.01 -29.10 3.74
C SER C 167 33.98 -28.17 3.14
N MET C 168 34.42 -26.99 2.71
CA MET C 168 33.52 -26.04 2.09
C MET C 168 33.14 -26.58 0.72
N ARG C 169 34.06 -27.31 0.10
CA ARG C 169 33.80 -27.88 -1.23
C ARG C 169 32.80 -29.03 -1.12
N GLU C 170 32.86 -29.75 -0.01
CA GLU C 170 31.95 -30.86 0.27
C GLU C 170 30.55 -30.31 0.50
N LEU C 171 30.50 -29.27 1.32
CA LEU C 171 29.25 -28.60 1.65
C LEU C 171 28.59 -28.08 0.39
N PHE C 172 29.35 -27.44 -0.48
CA PHE C 172 28.81 -26.88 -1.71
C PHE C 172 28.33 -27.97 -2.64
N HIS C 173 29.07 -29.07 -2.68
CA HIS C 173 28.71 -30.18 -3.52
C HIS C 173 27.35 -30.74 -3.07
N TRP C 174 27.29 -31.12 -1.80
CA TRP C 174 26.07 -31.67 -1.22
C TRP C 174 24.85 -30.81 -1.42
N THR C 175 24.98 -29.52 -1.07
CA THR C 175 23.89 -28.55 -1.15
C THR C 175 23.49 -28.01 -2.53
N THR C 176 24.36 -28.08 -3.54
CA THR C 176 23.98 -27.55 -4.86
C THR C 176 24.34 -28.42 -6.08
N ILE C 177 25.11 -29.48 -5.85
CA ILE C 177 25.51 -30.36 -6.95
C ILE C 177 24.91 -31.76 -6.83
N ALA C 178 24.98 -32.34 -5.64
CA ALA C 178 24.44 -33.68 -5.41
C ALA C 178 22.99 -33.74 -5.87
N THR C 179 22.54 -34.91 -6.31
CA THR C 179 21.15 -35.05 -6.77
C THR C 179 20.26 -34.97 -5.55
N PHE C 180 19.00 -34.66 -5.78
CA PHE C 180 18.04 -34.54 -4.71
C PHE C 180 18.08 -35.73 -3.77
N ASP C 181 18.09 -36.93 -4.35
CA ASP C 181 18.10 -38.16 -3.56
C ASP C 181 19.33 -38.36 -2.69
N ASP C 182 20.51 -38.16 -3.27
CA ASP C 182 21.75 -38.32 -2.54
C ASP C 182 21.76 -37.40 -1.35
N LEU C 183 21.42 -36.14 -1.62
CA LEU C 183 21.36 -35.11 -0.60
C LEU C 183 20.43 -35.63 0.51
N ARG C 184 19.21 -36.03 0.12
CA ARG C 184 18.22 -36.56 1.05
C ARG C 184 18.83 -37.68 1.86
N GLY C 185 19.59 -38.52 1.19
CA GLY C 185 20.24 -39.63 1.87
C GLY C 185 21.24 -39.08 2.86
N PHE C 186 22.12 -38.20 2.40
CA PHE C 186 23.12 -37.62 3.29
C PHE C 186 22.48 -36.98 4.52
N LEU C 187 21.34 -36.33 4.31
CA LEU C 187 20.65 -35.66 5.42
C LEU C 187 20.03 -36.60 6.43
N GLU C 188 19.91 -37.87 6.09
CA GLU C 188 19.35 -38.84 7.01
C GLU C 188 20.14 -38.81 8.31
N GLY C 189 19.44 -38.78 9.43
CA GLY C 189 20.13 -38.75 10.70
C GLY C 189 20.22 -37.33 11.25
N THR C 190 20.04 -36.33 10.38
CA THR C 190 20.09 -34.92 10.80
C THR C 190 18.67 -34.39 11.01
N LEU C 191 18.56 -33.28 11.74
CA LEU C 191 17.24 -32.67 12.01
C LEU C 191 16.45 -32.44 10.72
N ALA C 192 17.18 -32.22 9.62
CA ALA C 192 16.59 -31.96 8.31
C ALA C 192 16.18 -33.21 7.54
N GLU C 193 16.41 -34.38 8.12
CA GLU C 193 16.06 -35.62 7.45
C GLU C 193 14.61 -35.62 6.96
N SER C 194 13.67 -35.38 7.86
CA SER C 194 12.26 -35.40 7.48
C SER C 194 11.72 -34.10 6.96
N LEU C 195 12.16 -32.99 7.55
CA LEU C 195 11.68 -31.67 7.16
C LEU C 195 11.62 -31.36 5.66
N PHE C 196 12.54 -31.92 4.89
CA PHE C 196 12.56 -31.68 3.46
C PHE C 196 11.99 -32.84 2.69
N ALA C 197 11.12 -33.60 3.32
CA ALA C 197 10.52 -34.71 2.62
C ALA C 197 9.08 -34.88 3.05
N GLY C 198 8.30 -35.61 2.25
CA GLY C 198 6.91 -35.86 2.62
C GLY C 198 5.81 -35.22 1.81
N SER C 199 6.13 -34.18 1.03
CA SER C 199 5.10 -33.54 0.22
C SER C 199 5.74 -32.70 -0.85
N ASN C 200 4.93 -32.12 -1.72
CA ASN C 200 5.49 -31.27 -2.76
C ASN C 200 6.09 -30.05 -2.07
N GLU C 201 5.40 -29.59 -1.04
CA GLU C 201 5.87 -28.44 -0.29
C GLU C 201 7.28 -28.70 0.26
N ALA C 202 7.49 -29.85 0.88
CA ALA C 202 8.80 -30.22 1.42
C ALA C 202 9.90 -30.19 0.35
N SER C 203 9.58 -30.70 -0.83
CA SER C 203 10.51 -30.76 -1.95
C SER C 203 10.72 -29.38 -2.52
N LYS C 204 9.68 -28.55 -2.45
CA LYS C 204 9.77 -27.20 -2.95
C LYS C 204 10.77 -26.48 -2.06
N ALA C 205 10.56 -26.63 -0.75
CA ALA C 205 11.42 -26.02 0.26
C ALA C 205 12.88 -26.35 0.02
N LEU C 206 13.16 -27.63 -0.26
CA LEU C 206 14.52 -28.07 -0.51
C LEU C 206 15.09 -27.34 -1.72
N THR C 207 14.32 -27.31 -2.80
CA THR C 207 14.72 -26.65 -4.03
C THR C 207 15.06 -25.17 -3.81
N SER C 208 14.31 -24.54 -2.92
CA SER C 208 14.51 -23.13 -2.60
C SER C 208 15.82 -22.98 -1.87
N ALA C 209 16.04 -23.89 -0.92
CA ALA C 209 17.26 -23.88 -0.12
C ALA C 209 18.50 -24.07 -1.01
N ARG C 210 18.37 -24.91 -2.04
CA ARG C 210 19.47 -25.17 -2.96
C ARG C 210 19.81 -23.91 -3.74
N PHE C 211 18.78 -23.28 -4.28
CA PHE C 211 18.99 -22.08 -5.04
C PHE C 211 19.70 -21.03 -4.21
N VAL C 212 19.21 -20.81 -3.00
CA VAL C 212 19.82 -19.83 -2.12
C VAL C 212 21.29 -20.13 -1.86
N LEU C 213 21.60 -21.33 -1.38
CA LEU C 213 22.98 -21.68 -1.13
C LEU C 213 23.86 -21.63 -2.37
N SER C 214 23.25 -21.84 -3.54
CA SER C 214 24.00 -21.82 -4.79
C SER C 214 24.35 -20.38 -5.11
N ASP C 215 23.58 -19.44 -4.57
CA ASP C 215 23.83 -18.02 -4.81
C ASP C 215 24.84 -17.45 -3.82
N LYS C 216 24.72 -17.85 -2.56
CA LYS C 216 25.58 -17.35 -1.49
C LYS C 216 26.94 -18.01 -1.33
N LEU C 217 26.96 -19.33 -1.34
CA LEU C 217 28.19 -20.11 -1.15
C LEU C 217 29.37 -20.01 -2.15
N PRO C 218 29.11 -19.75 -3.43
CA PRO C 218 30.22 -19.66 -4.38
C PRO C 218 31.55 -19.10 -3.88
N GLU C 219 31.59 -17.83 -3.52
CA GLU C 219 32.82 -17.19 -3.08
C GLU C 219 33.42 -17.79 -1.80
N HIS C 220 32.57 -18.43 -1.01
CA HIS C 220 32.98 -19.08 0.24
C HIS C 220 33.83 -20.30 -0.07
N VAL C 221 33.45 -20.99 -1.13
CA VAL C 221 34.16 -22.18 -1.57
C VAL C 221 35.53 -21.78 -2.14
N THR C 222 35.53 -20.94 -3.17
CA THR C 222 36.78 -20.48 -3.80
C THR C 222 37.66 -19.66 -2.87
N MET C 223 37.23 -19.47 -1.63
CA MET C 223 38.02 -18.69 -0.68
C MET C 223 39.17 -19.54 -0.17
N PRO C 224 40.41 -19.01 -0.25
CA PRO C 224 41.60 -19.72 0.20
C PRO C 224 41.35 -20.36 1.55
N ASP C 225 41.85 -21.57 1.74
CA ASP C 225 41.67 -22.26 3.00
C ASP C 225 42.69 -21.86 4.05
N GLY C 226 42.28 -21.91 5.31
CA GLY C 226 43.17 -21.54 6.38
C GLY C 226 42.44 -21.75 7.68
N ASP C 227 43.11 -21.55 8.80
CA ASP C 227 42.49 -21.75 10.10
C ASP C 227 42.15 -20.44 10.80
N PHE C 228 42.13 -19.34 10.05
CA PHE C 228 41.83 -18.04 10.63
C PHE C 228 40.41 -17.97 11.18
N SER C 229 40.27 -17.38 12.37
CA SER C 229 38.99 -17.22 13.06
C SER C 229 38.79 -15.77 13.48
N ILE C 230 37.77 -15.12 12.95
CA ILE C 230 37.46 -13.74 13.28
C ILE C 230 37.19 -13.66 14.76
N ARG C 231 36.59 -14.71 15.32
CA ARG C 231 36.28 -14.75 16.73
C ARG C 231 37.58 -14.71 17.54
N SER C 232 38.50 -15.60 17.20
CA SER C 232 39.79 -15.65 17.91
C SER C 232 40.58 -14.35 17.72
N TRP C 233 40.54 -13.81 16.52
CA TRP C 233 41.22 -12.56 16.22
C TRP C 233 40.73 -11.45 17.13
N LEU C 234 39.42 -11.40 17.39
CA LEU C 234 38.81 -10.36 18.24
C LEU C 234 39.26 -10.47 19.71
N GLU C 235 39.46 -11.70 20.16
CA GLU C 235 39.88 -11.96 21.53
C GLU C 235 41.35 -11.70 21.74
N ASP C 236 42.10 -11.68 20.64
CA ASP C 236 43.54 -11.44 20.69
C ASP C 236 43.89 -9.96 20.68
N PRO C 237 44.35 -9.41 21.81
CA PRO C 237 44.71 -8.00 21.91
C PRO C 237 45.77 -7.62 20.90
N ASN C 238 46.82 -8.43 20.83
CA ASN C 238 47.92 -8.18 19.92
C ASN C 238 47.54 -8.43 18.46
N GLY C 239 46.32 -8.89 18.24
CA GLY C 239 45.86 -9.12 16.88
C GLY C 239 45.89 -7.73 16.27
N GLY C 240 46.12 -7.63 14.98
CA GLY C 240 46.18 -6.31 14.40
C GLY C 240 44.84 -5.72 14.09
N ASN C 241 44.69 -5.23 12.87
CA ASN C 241 43.43 -4.65 12.40
C ASN C 241 42.98 -5.49 11.22
N LEU C 242 41.69 -5.59 11.01
CA LEU C 242 41.19 -6.39 9.90
C LEU C 242 40.71 -5.50 8.77
N PHE C 243 41.31 -5.68 7.59
CA PHE C 243 40.92 -4.93 6.40
C PHE C 243 40.19 -5.84 5.44
N ILE C 244 38.92 -5.61 5.21
CA ILE C 244 38.18 -6.42 4.27
C ILE C 244 38.26 -5.64 2.98
N THR C 245 39.04 -6.13 2.02
CA THR C 245 39.19 -5.42 0.75
C THR C 245 38.62 -6.20 -0.45
N TRP C 246 38.55 -5.53 -1.60
CA TRP C 246 38.05 -6.12 -2.84
C TRP C 246 38.08 -5.11 -3.97
N ARG C 247 38.28 -5.57 -5.20
CA ARG C 247 38.30 -4.65 -6.33
C ARG C 247 36.85 -4.37 -6.71
N GLU C 248 36.55 -3.10 -6.95
CA GLU C 248 35.21 -2.68 -7.28
C GLU C 248 34.45 -3.44 -8.35
N ASP C 249 35.13 -3.84 -9.43
CA ASP C 249 34.43 -4.55 -10.49
C ASP C 249 33.89 -5.92 -10.00
N MET C 250 34.33 -6.35 -8.82
CA MET C 250 33.88 -7.61 -8.26
C MET C 250 33.00 -7.41 -7.05
N GLY C 251 32.62 -6.17 -6.80
CA GLY C 251 31.77 -5.87 -5.67
C GLY C 251 30.50 -6.69 -5.63
N PRO C 252 29.74 -6.76 -6.74
CA PRO C 252 28.52 -7.55 -6.75
C PRO C 252 28.72 -9.03 -6.43
N ALA C 253 29.80 -9.61 -6.94
CA ALA C 253 30.12 -11.00 -6.72
C ALA C 253 30.45 -11.32 -5.26
N LEU C 254 31.17 -10.41 -4.62
CA LEU C 254 31.58 -10.60 -3.24
C LEU C 254 30.61 -10.04 -2.22
N ARG C 255 29.51 -9.43 -2.67
CA ARG C 255 28.55 -8.86 -1.74
C ARG C 255 28.07 -9.85 -0.66
N PRO C 256 27.79 -11.10 -1.03
CA PRO C 256 27.34 -12.08 -0.04
C PRO C 256 28.42 -12.57 0.92
N LEU C 257 29.67 -12.57 0.47
CA LEU C 257 30.76 -13.02 1.31
C LEU C 257 31.17 -11.90 2.27
N ILE C 258 31.36 -10.71 1.74
CA ILE C 258 31.73 -9.56 2.55
C ILE C 258 30.67 -9.29 3.60
N SER C 259 29.41 -9.45 3.24
CA SER C 259 28.31 -9.23 4.18
C SER C 259 28.41 -10.30 5.25
N ALA C 260 28.93 -11.47 4.89
CA ALA C 260 29.07 -12.56 5.85
C ALA C 260 30.11 -12.19 6.88
N TRP C 261 31.23 -11.64 6.43
CA TRP C 261 32.27 -11.26 7.37
C TRP C 261 31.79 -10.16 8.28
N VAL C 262 31.16 -9.15 7.73
CA VAL C 262 30.65 -8.06 8.55
C VAL C 262 29.70 -8.59 9.61
N ASP C 263 28.81 -9.49 9.22
CA ASP C 263 27.88 -10.02 10.19
C ASP C 263 28.53 -10.88 11.24
N VAL C 264 29.58 -11.61 10.86
CA VAL C 264 30.29 -12.44 11.81
C VAL C 264 30.88 -11.58 12.91
N VAL C 265 31.37 -10.41 12.53
CA VAL C 265 31.95 -9.50 13.52
C VAL C 265 30.81 -9.04 14.42
N CYS C 266 29.68 -8.69 13.80
CA CYS C 266 28.51 -8.22 14.53
C CYS C 266 27.96 -9.15 15.59
N THR C 267 28.02 -10.46 15.36
CA THR C 267 27.52 -11.41 16.35
C THR C 267 28.63 -11.77 17.32
N SER C 268 29.83 -11.98 16.79
CA SER C 268 30.97 -12.37 17.58
C SER C 268 31.33 -11.42 18.73
N ILE C 269 31.23 -10.12 18.50
CA ILE C 269 31.58 -9.19 19.56
C ILE C 269 30.64 -9.34 20.77
N LEU C 270 29.55 -10.07 20.56
CA LEU C 270 28.57 -10.28 21.61
C LEU C 270 29.00 -11.39 22.53
N SER C 271 30.04 -12.11 22.11
CA SER C 271 30.59 -13.23 22.86
C SER C 271 31.95 -12.96 23.46
N LEU C 272 32.54 -11.82 23.12
CA LEU C 272 33.85 -11.48 23.66
C LEU C 272 33.78 -11.34 25.18
N PRO C 273 34.86 -11.69 25.88
CA PRO C 273 34.86 -11.58 27.34
C PRO C 273 34.86 -10.12 27.80
N GLU C 274 34.22 -9.86 28.94
CA GLU C 274 34.14 -8.51 29.50
C GLU C 274 35.49 -7.82 29.59
N GLU C 275 35.71 -6.84 28.72
CA GLU C 275 36.96 -6.10 28.72
C GLU C 275 36.68 -4.61 28.51
N PRO C 276 36.66 -3.84 29.62
CA PRO C 276 36.42 -2.40 29.66
C PRO C 276 37.39 -1.57 28.84
N LYS C 277 38.59 -2.10 28.64
CA LYS C 277 39.64 -1.42 27.90
C LYS C 277 39.60 -1.61 26.39
N ARG C 278 38.73 -2.49 25.89
CA ARG C 278 38.66 -2.70 24.45
C ARG C 278 37.95 -1.59 23.70
N ARG C 279 38.52 -1.21 22.57
CA ARG C 279 37.95 -0.18 21.70
C ARG C 279 38.04 -0.73 20.30
N LEU C 280 36.93 -1.22 19.78
CA LEU C 280 36.89 -1.82 18.45
C LEU C 280 35.99 -1.06 17.48
N TRP C 281 36.57 -0.58 16.37
CA TRP C 281 35.81 0.15 15.37
C TRP C 281 35.38 -0.72 14.20
N LEU C 282 34.18 -0.46 13.71
CA LEU C 282 33.65 -1.19 12.57
C LEU C 282 33.29 -0.16 11.52
N PHE C 283 34.12 -0.04 10.51
CA PHE C 283 33.90 0.91 9.42
C PHE C 283 33.21 0.20 8.27
N ILE C 284 32.02 0.67 7.92
CA ILE C 284 31.26 0.09 6.82
C ILE C 284 31.06 1.25 5.85
N ASP C 285 32.02 1.45 4.95
CA ASP C 285 31.96 2.57 4.03
C ASP C 285 30.58 2.93 3.46
N GLU C 286 29.79 1.93 3.08
CA GLU C 286 28.45 2.20 2.56
C GLU C 286 27.52 1.05 2.97
N LEU C 287 26.76 1.32 4.02
CA LEU C 287 25.83 0.36 4.62
C LEU C 287 24.79 -0.30 3.74
N ALA C 288 24.26 0.46 2.79
CA ALA C 288 23.24 -0.07 1.88
C ALA C 288 23.84 -0.96 0.79
N SER C 289 25.16 -1.05 0.74
CA SER C 289 25.87 -1.84 -0.26
C SER C 289 26.06 -3.29 0.14
N LEU C 290 25.88 -3.58 1.42
CA LEU C 290 26.00 -4.94 1.92
C LEU C 290 24.57 -5.49 1.89
N GLU C 291 24.41 -6.74 2.30
CA GLU C 291 23.07 -7.31 2.31
C GLU C 291 22.36 -6.96 3.60
N LYS C 292 21.12 -7.39 3.72
CA LYS C 292 20.31 -7.16 4.90
C LYS C 292 20.95 -7.99 6.01
N LEU C 293 21.87 -7.37 6.75
CA LEU C 293 22.59 -8.07 7.82
C LEU C 293 21.69 -8.54 8.94
N ALA C 294 21.87 -9.78 9.32
CA ALA C 294 21.07 -10.38 10.37
C ALA C 294 21.40 -9.94 11.79
N SER C 295 22.67 -9.60 12.06
CA SER C 295 23.07 -9.21 13.43
C SER C 295 23.48 -7.76 13.68
N LEU C 296 23.42 -6.92 12.66
CA LEU C 296 23.80 -5.51 12.81
C LEU C 296 22.98 -4.82 13.90
N ALA C 297 21.66 -5.01 13.85
CA ALA C 297 20.77 -4.39 14.83
C ALA C 297 21.22 -4.62 16.27
N ASP C 298 21.40 -5.87 16.66
CA ASP C 298 21.81 -6.17 18.02
C ASP C 298 23.20 -5.63 18.34
N ALA C 299 24.06 -5.54 17.33
CA ALA C 299 25.41 -5.04 17.51
C ALA C 299 25.41 -3.55 17.81
N LEU C 300 24.46 -2.84 17.21
CA LEU C 300 24.34 -1.39 17.38
C LEU C 300 23.62 -1.04 18.67
N THR C 301 23.17 -2.08 19.38
CA THR C 301 22.43 -1.91 20.62
C THR C 301 23.04 -2.61 21.83
N LYS C 302 23.78 -3.68 21.61
CA LYS C 302 24.37 -4.42 22.70
C LYS C 302 25.86 -4.58 22.62
N GLY C 303 26.52 -3.66 21.92
CA GLY C 303 27.96 -3.74 21.79
C GLY C 303 28.73 -2.78 22.67
N ARG C 304 28.06 -2.03 23.54
CA ARG C 304 28.80 -1.10 24.38
C ARG C 304 29.84 -1.78 25.24
N LYS C 305 29.47 -2.83 25.98
CA LYS C 305 30.46 -3.46 26.86
C LYS C 305 31.53 -4.25 26.16
N ALA C 306 31.33 -4.53 24.88
CA ALA C 306 32.34 -5.22 24.10
C ALA C 306 33.23 -4.13 23.51
N GLY C 307 32.78 -2.87 23.60
CA GLY C 307 33.52 -1.74 23.08
C GLY C 307 33.33 -1.45 21.60
N LEU C 308 32.26 -1.98 21.01
CA LEU C 308 32.01 -1.77 19.58
C LEU C 308 31.68 -0.32 19.31
N ARG C 309 32.23 0.19 18.22
CA ARG C 309 32.03 1.56 17.76
C ARG C 309 31.82 1.41 16.26
N VAL C 310 30.60 1.69 15.80
CA VAL C 310 30.29 1.56 14.39
C VAL C 310 30.17 2.89 13.66
N VAL C 311 30.81 2.97 12.50
CA VAL C 311 30.78 4.15 11.65
C VAL C 311 30.31 3.67 10.31
N ALA C 312 29.19 4.21 9.83
CA ALA C 312 28.63 3.79 8.55
C ALA C 312 28.33 4.97 7.61
N GLY C 313 28.33 4.72 6.31
CA GLY C 313 28.03 5.76 5.35
C GLY C 313 26.76 5.44 4.59
N LEU C 314 26.07 6.50 4.14
CA LEU C 314 24.82 6.40 3.39
C LEU C 314 24.78 7.56 2.40
N GLN C 315 23.88 7.50 1.42
CA GLN C 315 23.73 8.57 0.43
C GLN C 315 22.28 9.02 0.39
N SER C 316 21.41 8.13 -0.04
CA SER C 316 19.97 8.42 -0.13
C SER C 316 19.20 7.50 0.82
N THR C 317 18.18 8.03 1.49
CA THR C 317 17.37 7.24 2.42
C THR C 317 16.68 6.04 1.74
N SER C 318 16.53 6.13 0.42
CA SER C 318 15.90 5.09 -0.36
C SER C 318 16.79 3.87 -0.54
N GLN C 319 18.10 4.07 -0.43
CA GLN C 319 19.02 2.95 -0.57
C GLN C 319 18.79 1.95 0.54
N LEU C 320 19.03 2.35 1.78
CA LEU C 320 18.84 1.47 2.92
C LEU C 320 17.40 0.99 3.01
N ASP C 321 16.46 1.85 2.65
CA ASP C 321 15.06 1.49 2.71
C ASP C 321 14.78 0.29 1.82
N ASP C 322 15.35 0.30 0.62
CA ASP C 322 15.13 -0.81 -0.31
C ASP C 322 15.77 -2.12 0.14
N VAL C 323 16.90 -2.05 0.85
CA VAL C 323 17.59 -3.25 1.31
C VAL C 323 16.99 -3.86 2.56
N TYR C 324 16.69 -3.00 3.55
CA TYR C 324 16.15 -3.47 4.83
C TYR C 324 14.65 -3.35 4.99
N GLY C 325 14.03 -2.55 4.14
CA GLY C 325 12.60 -2.33 4.28
C GLY C 325 12.48 -1.02 5.03
N VAL C 326 11.42 -0.26 4.80
CA VAL C 326 11.27 1.02 5.47
C VAL C 326 11.33 0.96 7.01
N LYS C 327 10.57 0.06 7.60
CA LYS C 327 10.52 -0.09 9.08
C LYS C 327 11.87 -0.47 9.68
N GLU C 328 12.47 -1.51 9.11
CA GLU C 328 13.74 -2.02 9.59
C GLU C 328 14.89 -1.08 9.34
N ALA C 329 14.79 -0.28 8.28
CA ALA C 329 15.85 0.69 7.98
C ALA C 329 15.74 1.89 8.94
N GLN C 330 14.53 2.26 9.33
CA GLN C 330 14.39 3.38 10.26
C GLN C 330 15.03 2.97 11.57
N THR C 331 14.70 1.77 12.04
CA THR C 331 15.23 1.22 13.28
C THR C 331 16.76 1.25 13.22
N LEU C 332 17.31 0.87 12.07
CA LEU C 332 18.74 0.84 11.90
C LEU C 332 19.35 2.23 12.00
N ARG C 333 18.88 3.17 11.19
CA ARG C 333 19.39 4.54 11.23
C ARG C 333 19.25 5.13 12.63
N ALA C 334 18.16 4.81 13.31
CA ALA C 334 17.91 5.33 14.64
C ALA C 334 18.92 4.86 15.68
N SER C 335 19.61 3.76 15.39
CA SER C 335 20.60 3.18 16.30
C SER C 335 21.96 3.86 16.26
N PHE C 336 22.11 4.86 15.41
CA PHE C 336 23.34 5.64 15.31
C PHE C 336 23.05 6.98 15.94
N ARG C 337 23.53 7.18 17.15
CA ARG C 337 23.28 8.40 17.87
C ARG C 337 23.92 9.68 17.32
N SER C 338 25.05 9.54 16.63
CA SER C 338 25.75 10.70 16.07
C SER C 338 25.56 10.76 14.56
N LEU C 339 25.42 11.96 14.00
CA LEU C 339 25.21 12.15 12.57
C LEU C 339 26.08 13.22 11.93
N VAL C 340 26.41 13.02 10.66
CA VAL C 340 27.20 13.96 9.89
C VAL C 340 26.53 14.12 8.54
N VAL C 341 26.15 15.34 8.20
CA VAL C 341 25.50 15.58 6.93
C VAL C 341 26.45 16.29 5.98
N LEU C 342 26.74 15.61 4.89
CA LEU C 342 27.68 16.09 3.92
C LEU C 342 27.12 16.82 2.72
N GLY C 343 25.81 16.84 2.59
CA GLY C 343 25.28 17.54 1.45
C GLY C 343 25.03 16.62 0.30
N GLY C 344 23.79 16.61 -0.17
CA GLY C 344 23.37 15.75 -1.26
C GLY C 344 22.96 16.48 -2.53
N SER C 345 22.53 15.72 -3.51
CA SER C 345 22.15 16.28 -4.79
C SER C 345 20.83 17.00 -4.65
N ARG C 346 20.62 18.03 -5.48
CA ARG C 346 19.34 18.75 -5.45
C ARG C 346 18.26 17.94 -6.13
N THR C 347 18.66 16.79 -6.70
CA THR C 347 17.75 15.87 -7.38
C THR C 347 17.19 14.84 -6.40
N ASP C 348 17.58 14.96 -5.13
CA ASP C 348 17.09 14.06 -4.10
C ASP C 348 16.47 14.87 -2.95
N PRO C 349 15.44 15.66 -3.27
CA PRO C 349 14.77 16.49 -2.28
C PRO C 349 14.29 15.75 -1.05
N LYS C 350 13.90 14.49 -1.22
CA LYS C 350 13.40 13.73 -0.08
C LYS C 350 14.47 13.45 0.94
N THR C 351 15.65 13.02 0.50
CA THR C 351 16.68 12.74 1.46
C THR C 351 17.16 14.02 2.11
N ASN C 352 17.17 15.12 1.36
CA ASN C 352 17.61 16.40 1.90
C ASN C 352 16.63 16.87 2.97
N GLU C 353 15.38 16.48 2.79
CA GLU C 353 14.35 16.80 3.75
C GLU C 353 14.51 15.93 4.98
N ASP C 354 14.83 14.66 4.75
CA ASP C 354 15.01 13.73 5.87
C ASP C 354 16.18 14.19 6.74
N MET C 355 17.26 14.64 6.11
CA MET C 355 18.42 15.11 6.82
C MET C 355 18.16 16.44 7.51
N SER C 356 17.44 17.32 6.82
CA SER C 356 17.12 18.63 7.38
C SER C 356 16.30 18.42 8.64
N LEU C 357 15.34 17.49 8.56
CA LEU C 357 14.45 17.20 9.65
C LEU C 357 15.19 16.51 10.79
N SER C 358 16.15 15.67 10.45
CA SER C 358 16.93 14.96 11.46
C SER C 358 17.79 16.00 12.22
N LEU C 359 18.36 16.94 11.48
CA LEU C 359 19.17 18.01 12.08
C LEU C 359 18.31 18.78 13.09
N GLY C 360 17.02 18.90 12.75
CA GLY C 360 16.09 19.54 13.66
C GLY C 360 15.71 21.00 13.45
N GLU C 361 14.71 21.40 14.22
CA GLU C 361 14.22 22.76 14.21
C GLU C 361 14.54 23.38 15.56
N HIS C 362 14.35 24.68 15.64
CA HIS C 362 14.57 25.40 16.88
C HIS C 362 13.43 26.40 16.99
N GLU C 363 13.11 26.81 18.21
CA GLU C 363 12.08 27.82 18.38
C GLU C 363 12.86 29.02 18.86
N VAL C 364 12.73 30.11 18.13
CA VAL C 364 13.49 31.30 18.41
C VAL C 364 12.63 32.55 18.53
N GLU C 365 13.21 33.58 19.15
CA GLU C 365 12.52 34.86 19.37
C GLU C 365 13.29 35.93 18.62
N ARG C 366 12.65 36.54 17.63
CA ARG C 366 13.30 37.56 16.81
C ARG C 366 12.64 38.93 16.87
N ASP C 367 13.42 39.97 16.56
CA ASP C 367 12.95 41.36 16.55
C ASP C 367 12.33 41.67 15.19
N ARG C 368 11.06 42.07 15.17
CA ARG C 368 10.36 42.39 13.92
C ARG C 368 10.74 43.73 13.28
N LEU C 383 8.24 41.50 18.86
CA LEU C 383 8.90 40.17 19.00
C LEU C 383 8.03 39.04 18.47
N GLU C 384 8.68 38.08 17.79
CA GLU C 384 7.99 36.96 17.19
C GLU C 384 8.64 35.61 17.51
N ARG C 385 7.85 34.67 18.06
CA ARG C 385 8.37 33.34 18.33
C ARG C 385 8.27 32.66 16.98
N VAL C 386 9.34 32.03 16.55
CA VAL C 386 9.36 31.36 15.26
C VAL C 386 9.99 30.00 15.41
N ARG C 387 9.36 29.01 14.79
CA ARG C 387 9.88 27.65 14.80
C ARG C 387 10.40 27.46 13.39
N GLU C 388 11.64 27.00 13.27
CA GLU C 388 12.23 26.82 11.95
C GLU C 388 13.37 25.81 11.88
N ARG C 389 13.61 25.29 10.69
CA ARG C 389 14.68 24.33 10.48
C ARG C 389 16.00 25.04 10.71
N VAL C 390 16.89 24.45 11.49
CA VAL C 390 18.18 25.08 11.71
C VAL C 390 18.92 25.03 10.38
N VAL C 391 18.75 23.92 9.66
CA VAL C 391 19.38 23.74 8.36
C VAL C 391 18.31 23.36 7.35
N MET C 392 18.11 24.20 6.35
CA MET C 392 17.10 23.97 5.32
C MET C 392 17.49 22.86 4.36
N PRO C 393 16.50 22.16 3.81
CA PRO C 393 16.80 21.09 2.86
C PRO C 393 17.69 21.67 1.76
N ALA C 394 17.36 22.90 1.35
CA ALA C 394 18.09 23.62 0.32
C ALA C 394 19.52 23.92 0.71
N GLU C 395 19.77 24.13 2.00
CA GLU C 395 21.12 24.42 2.46
C GLU C 395 22.01 23.18 2.33
N ILE C 396 21.42 22.01 2.53
CA ILE C 396 22.16 20.75 2.42
C ILE C 396 22.36 20.42 0.95
N ALA C 397 21.41 20.81 0.11
CA ALA C 397 21.50 20.55 -1.31
C ALA C 397 22.57 21.41 -1.95
N ASN C 398 22.80 22.57 -1.36
CA ASN C 398 23.79 23.54 -1.87
C ASN C 398 25.14 23.50 -1.16
N LEU C 399 25.34 22.55 -0.25
CA LEU C 399 26.62 22.46 0.46
C LEU C 399 27.72 22.17 -0.54
N PRO C 400 28.91 22.81 -0.38
CA PRO C 400 30.04 22.59 -1.29
C PRO C 400 30.73 21.34 -0.76
N ASP C 401 31.54 20.69 -1.58
CA ASP C 401 32.19 19.48 -1.08
C ASP C 401 33.09 19.80 0.11
N LEU C 402 33.40 18.76 0.87
CA LEU C 402 34.26 18.88 2.03
C LEU C 402 33.74 19.85 3.07
N THR C 403 32.41 19.94 3.19
CA THR C 403 31.77 20.77 4.19
C THR C 403 30.68 19.90 4.78
N ALA C 404 30.55 19.92 6.09
CA ALA C 404 29.55 19.08 6.74
C ALA C 404 28.99 19.63 8.02
N TYR C 405 27.81 19.14 8.37
CA TYR C 405 27.16 19.52 9.61
C TYR C 405 27.42 18.37 10.57
N VAL C 406 28.03 18.65 11.72
CA VAL C 406 28.32 17.61 12.70
C VAL C 406 27.43 17.67 13.95
N GLY C 407 26.57 16.68 14.11
CA GLY C 407 25.70 16.65 15.27
C GLY C 407 25.94 15.43 16.12
N PHE C 408 26.79 15.58 17.14
CA PHE C 408 27.10 14.45 18.02
C PHE C 408 25.91 14.03 18.81
N ALA C 409 25.99 12.81 19.34
CA ALA C 409 24.92 12.22 20.13
C ALA C 409 24.66 13.05 21.38
N GLY C 410 23.44 12.96 21.91
CA GLY C 410 23.11 13.68 23.13
C GLY C 410 22.81 15.16 23.00
N ASN C 411 23.03 15.90 24.09
CA ASN C 411 22.78 17.31 24.10
C ASN C 411 23.94 18.21 23.69
N ARG C 412 24.17 18.35 22.39
CA ARG C 412 25.24 19.21 21.90
C ARG C 412 24.69 20.00 20.74
N PRO C 413 25.24 21.19 20.48
CA PRO C 413 24.72 21.95 19.35
C PRO C 413 25.35 21.34 18.12
N ILE C 414 24.84 21.64 16.93
CA ILE C 414 25.45 21.13 15.72
C ILE C 414 26.35 22.25 15.18
N ALA C 415 27.22 21.94 14.22
CA ALA C 415 28.11 22.97 13.67
C ALA C 415 28.44 22.67 12.22
N LYS C 416 28.60 23.71 11.42
CA LYS C 416 28.96 23.55 10.03
C LYS C 416 30.47 23.65 10.05
N VAL C 417 31.12 22.56 9.69
CA VAL C 417 32.57 22.47 9.72
C VAL C 417 33.18 22.08 8.36
N PRO C 418 34.40 22.58 8.08
CA PRO C 418 35.07 22.23 6.83
C PRO C 418 35.93 20.98 7.01
N LEU C 419 35.98 20.14 5.99
CA LEU C 419 36.78 18.91 6.01
C LEU C 419 38.10 19.19 5.34
N GLU C 420 39.21 18.90 6.00
CA GLU C 420 40.50 19.14 5.39
C GLU C 420 41.08 17.83 4.87
N ILE C 421 41.57 17.87 3.63
CA ILE C 421 42.15 16.71 2.99
C ILE C 421 43.56 16.46 3.45
N LYS C 422 43.74 15.66 4.50
CA LYS C 422 45.06 15.36 4.99
C LYS C 422 45.63 14.27 4.08
N GLN C 423 46.93 14.34 3.83
CA GLN C 423 47.60 13.39 2.95
C GLN C 423 48.29 12.28 3.75
N PHE C 424 48.10 11.04 3.30
CA PHE C 424 48.70 9.87 3.95
C PHE C 424 49.53 9.09 2.93
N ALA C 425 50.77 8.77 3.31
CA ALA C 425 51.69 8.03 2.45
C ALA C 425 51.33 6.56 2.38
N ASN C 426 51.50 5.96 1.20
CA ASN C 426 51.16 4.56 1.00
C ASN C 426 52.15 3.64 1.67
N ARG C 427 51.77 3.10 2.82
CA ARG C 427 52.63 2.19 3.54
C ARG C 427 52.31 0.72 3.27
N GLN C 428 51.83 0.44 2.05
CA GLN C 428 51.47 -0.90 1.60
C GLN C 428 50.65 -0.88 0.33
N PRO C 429 50.87 -1.86 -0.55
CA PRO C 429 50.11 -1.90 -1.82
C PRO C 429 48.66 -2.26 -1.54
N ALA C 430 47.75 -1.54 -2.20
CA ALA C 430 46.32 -1.77 -2.02
C ALA C 430 45.88 -3.18 -2.34
N PHE C 431 46.41 -3.72 -3.44
CA PHE C 431 46.06 -5.06 -3.89
C PHE C 431 47.31 -5.83 -4.34
N VAL C 432 47.24 -7.14 -4.22
CA VAL C 432 48.34 -8.02 -4.62
C VAL C 432 47.73 -9.27 -5.26
N GLU C 433 47.66 -9.27 -6.59
CA GLU C 433 47.13 -10.36 -7.41
C GLU C 433 47.62 -11.73 -6.93
N GLY C 434 46.74 -12.74 -6.94
CA GLY C 434 47.12 -14.07 -6.45
C GLY C 434 47.31 -15.22 -7.44
N GLN D 5 13.31 43.04 -10.20
CA GLN D 5 14.43 42.06 -10.24
C GLN D 5 14.77 41.75 -11.71
N GLY D 6 14.53 40.51 -12.12
CA GLY D 6 14.82 40.11 -13.50
C GLY D 6 15.39 38.70 -13.54
N GLU D 7 16.12 38.37 -12.47
CA GLU D 7 16.74 37.07 -12.31
C GLU D 7 15.73 36.15 -11.62
N PHE D 8 15.21 36.60 -10.48
CA PHE D 8 14.20 35.86 -9.70
C PHE D 8 12.80 36.28 -10.16
N GLY D 9 11.93 35.30 -10.37
CA GLY D 9 10.59 35.58 -10.85
C GLY D 9 9.60 36.12 -9.83
N GLY D 10 9.93 35.99 -8.56
CA GLY D 10 9.04 36.48 -7.52
C GLY D 10 9.28 37.94 -7.16
N ALA D 11 8.71 38.36 -6.02
CA ALA D 11 8.85 39.73 -5.56
C ALA D 11 10.31 39.95 -5.16
N PRO D 12 10.92 41.07 -5.63
CA PRO D 12 12.33 41.40 -5.32
C PRO D 12 12.49 41.49 -3.81
N PHE D 13 13.69 41.21 -3.32
CA PHE D 13 13.90 41.26 -1.89
C PHE D 13 15.08 42.12 -1.48
N LYS D 14 15.07 42.48 -0.20
CA LYS D 14 16.10 43.32 0.37
C LYS D 14 17.39 42.57 0.67
N ARG D 15 17.28 41.34 1.16
CA ARG D 15 18.46 40.57 1.52
C ARG D 15 18.23 39.07 1.48
N PHE D 16 19.21 38.35 0.93
CA PHE D 16 19.14 36.89 0.82
C PHE D 16 19.71 36.26 2.09
N LEU D 17 18.93 35.38 2.71
CA LEU D 17 19.36 34.72 3.94
C LEU D 17 20.03 33.34 3.76
N ARG D 18 19.30 32.36 3.25
CA ARG D 18 19.85 31.01 3.05
C ARG D 18 19.09 30.28 1.95
N GLY D 19 19.57 29.10 1.55
CA GLY D 19 18.86 28.34 0.53
C GLY D 19 19.37 28.50 -0.88
N THR D 20 18.56 28.06 -1.83
CA THR D 20 18.92 28.16 -3.24
C THR D 20 18.95 29.62 -3.70
N ARG D 21 20.01 30.00 -4.41
CA ARG D 21 20.09 31.37 -4.91
C ARG D 21 20.00 31.34 -6.42
N ILE D 22 19.32 32.30 -7.01
CA ILE D 22 19.19 32.35 -8.46
C ILE D 22 19.95 33.55 -8.99
N VAL D 23 20.56 33.38 -10.15
CA VAL D 23 21.34 34.42 -10.73
C VAL D 23 21.01 34.55 -12.23
N SER D 24 21.50 35.61 -12.86
CA SER D 24 21.24 35.83 -14.27
C SER D 24 22.03 34.86 -15.14
N GLY D 25 21.60 34.68 -16.39
CA GLY D 25 22.31 33.78 -17.26
C GLY D 25 23.78 34.17 -17.33
N GLY D 26 24.03 35.42 -17.72
CA GLY D 26 25.39 35.92 -17.84
C GLY D 26 26.25 35.88 -16.58
N LYS D 27 25.64 36.22 -15.46
CA LYS D 27 26.32 36.21 -14.17
C LYS D 27 26.85 34.82 -13.84
N LEU D 28 26.02 33.81 -14.09
CA LEU D 28 26.40 32.45 -13.83
C LEU D 28 27.52 32.06 -14.78
N LYS D 29 27.39 32.38 -16.06
CA LYS D 29 28.42 32.06 -17.05
C LYS D 29 29.79 32.55 -16.60
N ARG D 30 29.83 33.68 -15.89
CA ARG D 30 31.10 34.22 -15.40
C ARG D 30 31.58 33.44 -14.21
N MET D 31 30.63 33.06 -13.37
CA MET D 31 30.93 32.33 -12.16
C MET D 31 31.50 30.95 -12.43
N THR D 32 30.90 30.22 -13.37
CA THR D 32 31.34 28.87 -13.66
C THR D 32 32.53 28.77 -14.61
N ARG D 33 32.82 29.84 -15.36
CA ARG D 33 33.94 29.80 -16.30
C ARG D 33 35.24 29.51 -15.59
N GLU D 34 36.02 28.64 -16.20
CA GLU D 34 37.31 28.23 -15.66
C GLU D 34 38.39 28.33 -16.72
N LYS D 35 39.62 28.20 -16.25
CA LYS D 35 40.82 28.26 -17.08
C LYS D 35 40.91 27.13 -18.10
N ALA D 36 40.76 25.89 -17.64
CA ALA D 36 40.82 24.71 -18.50
C ALA D 36 39.67 24.66 -19.49
N LYS D 37 39.84 23.86 -20.54
CA LYS D 37 38.79 23.75 -21.54
C LYS D 37 37.55 23.17 -20.85
N GLN D 38 36.38 23.66 -21.22
CA GLN D 38 35.16 23.17 -20.62
C GLN D 38 34.09 22.88 -21.68
N VAL D 39 33.08 22.13 -21.25
CA VAL D 39 31.96 21.77 -22.10
C VAL D 39 30.86 22.74 -21.69
N THR D 40 29.84 22.93 -22.50
CA THR D 40 28.80 23.85 -22.09
C THR D 40 27.43 23.19 -21.99
N VAL D 41 26.64 23.72 -21.07
CA VAL D 41 25.29 23.26 -20.84
C VAL D 41 24.39 24.47 -21.08
N ALA D 42 23.70 24.50 -22.20
CA ALA D 42 22.82 25.61 -22.50
C ALA D 42 23.57 26.93 -22.55
N GLY D 43 24.81 26.88 -23.03
CA GLY D 43 25.62 28.08 -23.12
C GLY D 43 26.42 28.34 -21.87
N VAL D 44 26.11 27.63 -20.78
CA VAL D 44 26.83 27.83 -19.54
C VAL D 44 27.98 26.83 -19.40
N PRO D 45 29.21 27.34 -19.24
CA PRO D 45 30.35 26.43 -19.09
C PRO D 45 30.18 25.59 -17.84
N MET D 46 30.32 24.29 -17.97
CA MET D 46 30.15 23.39 -16.84
C MET D 46 31.43 23.20 -16.05
N PRO D 47 31.35 23.40 -14.71
CA PRO D 47 32.47 23.25 -13.77
C PRO D 47 33.12 21.94 -14.04
N ARG D 48 34.42 21.93 -14.28
CA ARG D 48 35.09 20.67 -14.57
C ARG D 48 34.87 19.58 -13.52
N ASP D 49 34.74 19.98 -12.26
CA ASP D 49 34.54 19.03 -11.17
C ASP D 49 33.13 18.46 -11.14
N ALA D 50 32.19 19.14 -11.78
CA ALA D 50 30.79 18.71 -11.81
C ALA D 50 30.54 17.66 -12.89
N GLU D 51 31.50 17.53 -13.80
CA GLU D 51 31.37 16.60 -14.91
C GLU D 51 31.18 15.13 -14.52
N PRO D 52 32.08 14.59 -13.67
CA PRO D 52 31.98 13.18 -13.23
C PRO D 52 30.94 12.97 -12.12
N ARG D 53 30.18 14.03 -11.84
CA ARG D 53 29.12 14.00 -10.84
C ARG D 53 27.79 13.85 -11.59
N HIS D 54 27.89 13.77 -12.92
CA HIS D 54 26.75 13.57 -13.80
C HIS D 54 25.72 14.68 -13.90
N LEU D 55 24.91 14.60 -14.95
CA LEU D 55 23.87 15.59 -15.25
C LEU D 55 22.54 14.98 -15.69
N LEU D 56 21.46 15.46 -15.10
CA LEU D 56 20.14 14.99 -15.43
C LEU D 56 19.37 16.14 -16.11
N VAL D 57 18.85 15.87 -17.29
CA VAL D 57 18.09 16.86 -18.08
C VAL D 57 16.62 16.49 -18.07
N ASN D 58 15.82 17.21 -17.31
CA ASN D 58 14.40 16.92 -17.22
C ASN D 58 13.54 17.92 -17.99
N GLY D 59 12.60 17.41 -18.79
CA GLY D 59 11.75 18.31 -19.53
C GLY D 59 10.76 17.59 -20.40
N ALA D 60 9.67 18.28 -20.73
CA ALA D 60 8.66 17.68 -21.56
C ALA D 60 9.24 17.51 -22.95
N THR D 61 8.54 16.74 -23.75
CA THR D 61 8.98 16.47 -25.10
C THR D 61 8.95 17.73 -25.98
N GLY D 62 10.05 17.97 -26.70
CA GLY D 62 10.14 19.11 -27.58
C GLY D 62 10.63 20.40 -26.97
N THR D 63 11.07 20.32 -25.72
CA THR D 63 11.56 21.49 -25.00
C THR D 63 13.01 21.85 -25.29
N GLY D 64 13.76 20.92 -25.86
CA GLY D 64 15.15 21.21 -26.17
C GLY D 64 16.17 20.23 -25.65
N LYS D 65 15.74 19.08 -25.15
CA LYS D 65 16.70 18.10 -24.63
C LYS D 65 17.76 17.80 -25.69
N SER D 66 17.33 17.75 -26.95
CA SER D 66 18.24 17.44 -28.06
C SER D 66 19.23 18.57 -28.34
N VAL D 67 18.73 19.80 -28.45
CA VAL D 67 19.59 20.95 -28.69
C VAL D 67 20.70 21.02 -27.66
N LEU D 68 20.35 20.69 -26.42
CA LEU D 68 21.26 20.70 -25.28
C LEU D 68 22.25 19.55 -25.28
N LEU D 69 21.76 18.33 -25.45
CA LEU D 69 22.63 17.16 -25.47
C LEU D 69 23.55 17.24 -26.69
N ARG D 70 23.07 17.87 -27.75
CA ARG D 70 23.84 18.01 -28.98
C ARG D 70 24.98 18.99 -28.71
N GLU D 71 24.66 20.07 -27.99
CA GLU D 71 25.64 21.09 -27.65
C GLU D 71 26.71 20.52 -26.72
N LEU D 72 26.28 19.73 -25.74
CA LEU D 72 27.21 19.12 -24.80
C LEU D 72 28.19 18.23 -25.55
N ALA D 73 27.65 17.35 -26.40
CA ALA D 73 28.44 16.42 -27.19
C ALA D 73 29.45 17.15 -28.06
N TYR D 74 29.01 18.22 -28.70
CA TYR D 74 29.90 18.99 -29.56
C TYR D 74 31.10 19.56 -28.81
N THR D 75 30.82 20.32 -27.76
CA THR D 75 31.87 20.94 -26.95
C THR D 75 32.79 19.91 -26.31
N GLY D 76 32.25 18.72 -26.06
CA GLY D 76 33.06 17.68 -25.45
C GLY D 76 33.99 17.10 -26.49
N LEU D 77 33.53 17.05 -27.72
CA LEU D 77 34.32 16.52 -28.81
C LEU D 77 35.44 17.50 -29.12
N LEU D 78 35.09 18.78 -29.18
CA LEU D 78 36.08 19.83 -29.45
C LEU D 78 37.21 19.76 -28.44
N ARG D 79 36.89 19.26 -27.26
CA ARG D 79 37.86 19.13 -26.20
C ARG D 79 38.60 17.81 -26.32
N GLY D 80 38.07 16.93 -27.17
CA GLY D 80 38.70 15.64 -27.38
C GLY D 80 38.29 14.52 -26.45
N ASP D 81 37.14 14.66 -25.80
CA ASP D 81 36.69 13.62 -24.90
C ASP D 81 36.08 12.53 -25.75
N ARG D 82 36.05 11.33 -25.22
CA ARG D 82 35.45 10.20 -25.93
C ARG D 82 34.03 10.04 -25.42
N MET D 83 33.20 9.32 -26.16
CA MET D 83 31.84 9.12 -25.71
C MET D 83 31.04 7.99 -26.33
N VAL D 84 30.07 7.52 -25.55
CA VAL D 84 29.15 6.46 -25.94
C VAL D 84 27.81 7.16 -25.99
N ILE D 85 27.15 7.15 -27.15
CA ILE D 85 25.89 7.83 -27.29
C ILE D 85 24.69 6.97 -27.63
N VAL D 86 23.74 6.83 -26.71
CA VAL D 86 22.52 6.06 -26.98
C VAL D 86 21.80 7.02 -27.92
N ASP D 87 22.01 6.79 -29.21
CA ASP D 87 21.51 7.67 -30.24
C ASP D 87 20.36 7.22 -31.13
N PRO D 88 19.13 7.64 -30.80
CA PRO D 88 17.91 7.30 -31.55
C PRO D 88 17.93 7.84 -32.99
N ASN D 89 17.60 6.98 -33.95
CA ASN D 89 17.56 7.35 -35.36
C ASN D 89 18.90 7.91 -35.85
N GLY D 90 19.99 7.47 -35.21
CA GLY D 90 21.31 7.93 -35.61
C GLY D 90 21.50 9.42 -35.79
N ASP D 91 20.70 10.24 -35.11
CA ASP D 91 20.85 11.69 -35.23
C ASP D 91 22.26 12.16 -34.86
N MET D 92 22.67 11.86 -33.64
CA MET D 92 24.00 12.24 -33.16
C MET D 92 25.09 11.72 -34.08
N LEU D 93 24.90 10.50 -34.57
CA LEU D 93 25.84 9.87 -35.47
C LEU D 93 26.03 10.67 -36.76
N SER D 94 24.92 11.12 -37.34
CA SER D 94 24.97 11.86 -38.58
C SER D 94 25.61 13.24 -38.42
N LYS D 95 25.67 13.76 -37.21
CA LYS D 95 26.25 15.08 -37.05
C LYS D 95 27.70 15.07 -36.57
N PHE D 96 28.03 14.13 -35.68
CA PHE D 96 29.36 14.05 -35.08
C PHE D 96 30.20 12.82 -35.36
N GLY D 97 29.63 11.81 -36.01
CA GLY D 97 30.39 10.61 -36.28
C GLY D 97 31.54 10.75 -37.26
N ARG D 98 32.73 10.32 -36.85
CA ARG D 98 33.90 10.37 -37.73
C ARG D 98 34.07 8.96 -38.29
N ASP D 99 35.11 8.76 -39.08
CA ASP D 99 35.32 7.47 -39.69
C ASP D 99 35.81 6.40 -38.73
N LYS D 100 36.55 6.82 -37.70
CA LYS D 100 37.11 5.89 -36.70
C LYS D 100 36.10 5.48 -35.63
N ASP D 101 34.95 6.14 -35.61
CA ASP D 101 33.93 5.85 -34.62
C ASP D 101 33.18 4.56 -34.84
N ILE D 102 32.75 3.95 -33.73
CA ILE D 102 32.03 2.68 -33.74
C ILE D 102 30.50 2.86 -33.81
N ILE D 103 29.81 1.88 -34.41
CA ILE D 103 28.34 1.88 -34.51
C ILE D 103 27.82 0.50 -34.08
N LEU D 104 26.81 0.48 -33.20
CA LEU D 104 26.20 -0.77 -32.74
C LEU D 104 24.70 -0.70 -33.07
N ASN D 105 24.31 -1.40 -34.14
CA ASN D 105 22.93 -1.47 -34.63
C ASN D 105 22.89 -2.76 -35.46
N PRO D 106 22.14 -3.79 -35.01
CA PRO D 106 22.09 -5.04 -35.78
C PRO D 106 21.57 -4.93 -37.21
N TYR D 107 20.92 -3.81 -37.52
CA TYR D 107 20.37 -3.59 -38.86
C TYR D 107 21.05 -2.51 -39.67
N ASP D 108 22.23 -2.08 -39.25
CA ASP D 108 22.95 -1.06 -40.01
C ASP D 108 24.18 -1.72 -40.62
N GLN D 109 24.32 -1.50 -41.92
CA GLN D 109 25.43 -2.04 -42.70
C GLN D 109 26.79 -1.83 -42.01
N ARG D 110 26.96 -0.66 -41.40
CA ARG D 110 28.21 -0.28 -40.74
C ARG D 110 28.46 -0.82 -39.32
N THR D 111 27.49 -1.54 -38.76
CA THR D 111 27.63 -2.09 -37.40
C THR D 111 28.80 -3.04 -37.24
N LYS D 112 29.26 -3.19 -36.00
CA LYS D 112 30.37 -4.11 -35.70
C LYS D 112 29.69 -5.42 -35.28
N GLY D 113 30.42 -6.52 -35.38
CA GLY D 113 29.86 -7.79 -34.98
C GLY D 113 30.05 -7.91 -33.49
N TRP D 114 29.02 -8.34 -32.78
CA TRP D 114 29.14 -8.46 -31.33
C TRP D 114 28.31 -9.57 -30.73
N SER D 115 28.79 -10.05 -29.59
CA SER D 115 28.15 -11.08 -28.82
C SER D 115 28.71 -10.82 -27.43
N PHE D 116 27.93 -11.06 -26.39
CA PHE D 116 28.46 -10.81 -25.06
C PHE D 116 29.63 -11.72 -24.73
N PHE D 117 29.82 -12.80 -25.49
CA PHE D 117 30.95 -13.71 -25.27
C PHE D 117 32.25 -12.90 -25.37
N ASN D 118 32.23 -11.86 -26.21
CA ASN D 118 33.37 -10.97 -26.46
C ASN D 118 33.83 -10.15 -25.27
N GLU D 119 33.02 -10.10 -24.21
CA GLU D 119 33.35 -9.33 -23.03
C GLU D 119 33.85 -10.19 -21.88
N ILE D 120 33.67 -11.51 -21.98
CA ILE D 120 34.13 -12.41 -20.91
C ILE D 120 35.65 -12.52 -20.91
N ARG D 121 36.26 -12.25 -19.77
CA ARG D 121 37.71 -12.31 -19.64
C ARG D 121 38.14 -13.13 -18.41
N ASN D 122 37.29 -13.15 -17.39
CA ASN D 122 37.55 -13.89 -16.16
C ASN D 122 36.27 -14.64 -15.84
N ASP D 123 36.28 -15.46 -14.80
CA ASP D 123 35.09 -16.22 -14.47
C ASP D 123 33.94 -15.39 -13.92
N TYR D 124 34.27 -14.41 -13.07
CA TYR D 124 33.26 -13.57 -12.48
C TYR D 124 32.58 -12.70 -13.52
N ASP D 125 33.05 -12.77 -14.77
CA ASP D 125 32.48 -11.98 -15.84
C ASP D 125 31.24 -12.62 -16.46
N TRP D 126 30.97 -13.88 -16.12
CA TRP D 126 29.79 -14.54 -16.69
C TRP D 126 28.49 -14.03 -16.06
N GLN D 127 28.45 -13.94 -14.74
CA GLN D 127 27.24 -13.43 -14.09
C GLN D 127 27.15 -11.93 -14.36
N ARG D 128 28.30 -11.26 -14.28
CA ARG D 128 28.44 -9.83 -14.49
C ARG D 128 27.71 -9.33 -15.72
N TYR D 129 27.88 -10.04 -16.83
CA TYR D 129 27.25 -9.68 -18.09
C TYR D 129 25.94 -10.42 -18.33
N ALA D 130 25.65 -11.40 -17.48
CA ALA D 130 24.39 -12.13 -17.58
C ALA D 130 23.39 -11.11 -17.08
N LEU D 131 23.88 -10.24 -16.19
CA LEU D 131 23.10 -9.15 -15.60
C LEU D 131 22.84 -8.10 -16.65
N SER D 132 23.75 -7.95 -17.61
CA SER D 132 23.60 -6.96 -18.68
C SER D 132 22.60 -7.44 -19.73
N VAL D 133 22.68 -8.73 -20.04
CA VAL D 133 21.84 -9.39 -21.04
C VAL D 133 20.40 -9.54 -20.56
N VAL D 134 20.27 -9.91 -19.29
CA VAL D 134 18.98 -10.12 -18.65
C VAL D 134 18.83 -9.06 -17.55
N PRO D 135 18.30 -7.88 -17.91
CA PRO D 135 18.14 -6.82 -16.91
C PRO D 135 17.27 -7.19 -15.71
N ARG D 136 17.16 -6.29 -14.74
CA ARG D 136 16.36 -6.53 -13.54
C ARG D 136 14.88 -6.51 -13.85
N GLY D 137 14.16 -7.42 -13.21
CA GLY D 137 12.72 -7.50 -13.40
C GLY D 137 11.99 -6.32 -12.83
N LYS D 138 10.96 -5.86 -13.55
CA LYS D 138 10.16 -4.72 -13.13
C LYS D 138 9.60 -4.95 -11.73
N THR D 139 9.23 -6.19 -11.46
CA THR D 139 8.65 -6.60 -10.18
C THR D 139 9.54 -7.63 -9.50
N ASP D 140 9.31 -7.87 -8.21
CA ASP D 140 10.11 -8.84 -7.43
C ASP D 140 9.97 -10.22 -8.01
N GLU D 141 8.76 -10.56 -8.43
CA GLU D 141 8.52 -11.85 -9.00
C GLU D 141 9.22 -11.97 -10.36
N ALA D 142 9.13 -10.93 -11.19
CA ALA D 142 9.77 -10.91 -12.51
C ALA D 142 11.28 -11.03 -12.40
N GLU D 143 11.82 -10.54 -11.30
CA GLU D 143 13.25 -10.60 -11.05
C GLU D 143 13.65 -12.01 -10.64
N GLU D 144 12.76 -12.69 -9.94
CA GLU D 144 13.05 -14.06 -9.54
C GLU D 144 13.25 -14.86 -10.82
N TRP D 145 12.34 -14.70 -11.78
CA TRP D 145 12.46 -15.42 -13.05
C TRP D 145 13.77 -15.03 -13.71
N ALA D 146 14.05 -13.73 -13.75
CA ALA D 146 15.26 -13.25 -14.36
C ALA D 146 16.49 -13.91 -13.76
N SER D 147 16.50 -14.11 -12.44
CA SER D 147 17.65 -14.74 -11.81
C SER D 147 17.84 -16.17 -12.32
N TYR D 148 16.74 -16.88 -12.55
CA TYR D 148 16.76 -18.24 -13.06
C TYR D 148 17.25 -18.17 -14.50
N GLY D 149 16.85 -17.11 -15.19
CA GLY D 149 17.24 -16.89 -16.57
C GLY D 149 18.73 -16.64 -16.67
N ARG D 150 19.31 -15.96 -15.69
CA ARG D 150 20.74 -15.68 -15.69
C ARG D 150 21.51 -16.95 -15.31
N LEU D 151 20.93 -17.78 -14.45
CA LEU D 151 21.58 -19.01 -14.04
C LEU D 151 21.71 -19.91 -15.26
N LEU D 152 20.63 -20.04 -16.02
CA LEU D 152 20.61 -20.86 -17.23
C LEU D 152 21.54 -20.27 -18.28
N LEU D 153 21.49 -18.94 -18.43
CA LEU D 153 22.32 -18.25 -19.41
C LEU D 153 23.81 -18.43 -19.14
N ARG D 154 24.23 -18.13 -17.92
CA ARG D 154 25.64 -18.22 -17.60
C ARG D 154 26.22 -19.63 -17.64
N GLU D 155 25.48 -20.62 -17.14
CA GLU D 155 25.98 -21.98 -17.14
C GLU D 155 26.04 -22.59 -18.53
N THR D 156 25.05 -22.28 -19.36
CA THR D 156 24.98 -22.80 -20.74
C THR D 156 26.02 -22.10 -21.60
N ALA D 157 26.08 -20.78 -21.53
CA ALA D 157 27.03 -20.02 -22.32
C ALA D 157 28.46 -20.31 -21.91
N LYS D 158 28.64 -20.67 -20.64
CA LYS D 158 29.96 -20.98 -20.13
C LYS D 158 30.43 -22.31 -20.69
N LYS D 159 29.56 -23.32 -20.69
CA LYS D 159 29.91 -24.63 -21.22
C LYS D 159 30.21 -24.55 -22.72
N LEU D 160 29.33 -23.85 -23.47
CA LEU D 160 29.50 -23.67 -24.91
C LEU D 160 30.87 -23.08 -25.19
N ALA D 161 31.31 -22.15 -24.36
CA ALA D 161 32.60 -21.52 -24.54
C ALA D 161 33.70 -22.53 -24.26
N LEU D 162 33.46 -23.37 -23.26
CA LEU D 162 34.40 -24.42 -22.87
C LEU D 162 34.66 -25.40 -24.00
N ILE D 163 33.57 -25.89 -24.58
CA ILE D 163 33.65 -26.84 -25.67
C ILE D 163 33.96 -26.19 -27.03
N GLY D 164 34.49 -24.97 -26.99
CA GLY D 164 34.85 -24.26 -28.21
C GLY D 164 33.76 -23.77 -29.15
N THR D 165 32.49 -23.83 -28.73
CA THR D 165 31.40 -23.36 -29.59
C THR D 165 30.65 -22.18 -28.97
N PRO D 166 31.34 -21.06 -28.76
CA PRO D 166 30.71 -19.87 -28.18
C PRO D 166 29.75 -19.25 -29.18
N SER D 167 28.72 -20.01 -29.54
CA SER D 167 27.73 -19.56 -30.51
C SER D 167 26.44 -19.03 -29.90
N MET D 168 26.05 -17.82 -30.32
CA MET D 168 24.82 -17.21 -29.82
C MET D 168 23.61 -18.00 -30.29
N ARG D 169 23.75 -18.64 -31.44
CA ARG D 169 22.69 -19.43 -32.04
C ARG D 169 22.56 -20.75 -31.25
N GLU D 170 23.70 -21.31 -30.85
CA GLU D 170 23.69 -22.54 -30.07
C GLU D 170 23.07 -22.27 -28.72
N LEU D 171 23.53 -21.21 -28.08
CA LEU D 171 23.05 -20.80 -26.79
C LEU D 171 21.54 -20.56 -26.84
N PHE D 172 21.06 -19.90 -27.89
CA PHE D 172 19.62 -19.65 -28.00
C PHE D 172 18.86 -20.94 -28.20
N HIS D 173 19.45 -21.85 -28.95
CA HIS D 173 18.82 -23.13 -29.22
C HIS D 173 18.64 -23.89 -27.93
N TRP D 174 19.75 -24.06 -27.23
CA TRP D 174 19.76 -24.79 -25.98
C TRP D 174 18.79 -24.25 -24.98
N THR D 175 18.88 -22.96 -24.74
CA THR D 175 18.04 -22.28 -23.78
C THR D 175 16.55 -22.11 -24.14
N THR D 176 16.18 -22.04 -25.42
CA THR D 176 14.76 -21.84 -25.72
C THR D 176 14.13 -22.77 -26.77
N ILE D 177 14.96 -23.61 -27.40
CA ILE D 177 14.41 -24.51 -28.42
C ILE D 177 14.52 -25.97 -28.04
N ALA D 178 15.70 -26.38 -27.57
CA ALA D 178 15.91 -27.78 -27.18
C ALA D 178 14.83 -28.23 -26.18
N THR D 179 14.47 -29.51 -26.20
CA THR D 179 13.45 -30.01 -25.27
C THR D 179 14.00 -29.95 -23.86
N PHE D 180 13.10 -30.02 -22.89
CA PHE D 180 13.51 -29.95 -21.50
C PHE D 180 14.60 -30.95 -21.14
N ASP D 181 14.43 -32.20 -21.56
CA ASP D 181 15.40 -33.26 -21.25
C ASP D 181 16.76 -33.05 -21.88
N ASP D 182 16.77 -32.65 -23.15
CA ASP D 182 18.02 -32.41 -23.87
C ASP D 182 18.81 -31.32 -23.15
N LEU D 183 18.11 -30.23 -22.85
CA LEU D 183 18.73 -29.12 -22.14
C LEU D 183 19.26 -29.68 -20.82
N ARG D 184 18.38 -30.38 -20.08
CA ARG D 184 18.74 -31.00 -18.80
C ARG D 184 20.04 -31.79 -18.96
N GLY D 185 20.11 -32.57 -20.04
CA GLY D 185 21.30 -33.35 -20.31
C GLY D 185 22.49 -32.46 -20.58
N PHE D 186 22.32 -31.48 -21.47
CA PHE D 186 23.41 -30.56 -21.80
C PHE D 186 23.95 -29.91 -20.54
N LEU D 187 23.06 -29.60 -19.61
CA LEU D 187 23.47 -28.95 -18.36
C LEU D 187 24.22 -29.84 -17.39
N GLU D 188 24.14 -31.16 -17.58
CA GLU D 188 24.88 -32.08 -16.71
C GLU D 188 26.35 -31.69 -16.69
N GLY D 189 26.95 -31.66 -15.50
CA GLY D 189 28.34 -31.29 -15.40
C GLY D 189 28.51 -29.83 -15.02
N THR D 190 27.46 -29.04 -15.25
CA THR D 190 27.48 -27.61 -14.89
C THR D 190 26.76 -27.40 -13.56
N LEU D 191 27.08 -26.30 -12.89
CA LEU D 191 26.49 -25.96 -11.59
C LEU D 191 24.96 -26.04 -11.61
N ALA D 192 24.37 -25.84 -12.79
CA ALA D 192 22.92 -25.86 -12.98
C ALA D 192 22.41 -27.27 -13.19
N GLU D 193 23.31 -28.23 -13.16
CA GLU D 193 22.94 -29.61 -13.35
C GLU D 193 21.76 -30.01 -12.48
N SER D 194 21.95 -29.87 -11.17
CA SER D 194 20.96 -30.23 -10.20
C SER D 194 19.96 -29.16 -9.85
N LEU D 195 20.37 -27.90 -9.88
CA LEU D 195 19.49 -26.82 -9.52
C LEU D 195 18.14 -26.82 -10.22
N PHE D 196 18.12 -27.20 -11.49
CA PHE D 196 16.87 -27.23 -12.25
C PHE D 196 16.22 -28.59 -12.34
N ALA D 197 16.41 -29.43 -11.33
CA ALA D 197 15.82 -30.76 -11.32
C ALA D 197 15.53 -31.19 -9.89
N GLY D 198 14.65 -32.17 -9.73
CA GLY D 198 14.35 -32.67 -8.39
C GLY D 198 12.97 -32.38 -7.83
N SER D 199 12.21 -31.49 -8.45
CA SER D 199 10.87 -31.18 -7.96
C SER D 199 10.15 -30.34 -8.98
N ASN D 200 8.85 -30.12 -8.75
CA ASN D 200 8.09 -29.31 -9.68
C ASN D 200 8.67 -27.92 -9.63
N GLU D 201 9.05 -27.48 -8.43
CA GLU D 201 9.63 -26.15 -8.25
C GLU D 201 10.82 -25.97 -9.19
N ALA D 202 11.77 -26.88 -9.11
CA ALA D 202 12.95 -26.84 -9.96
C ALA D 202 12.59 -26.76 -11.45
N SER D 203 11.59 -27.51 -11.86
CA SER D 203 11.18 -27.51 -13.26
C SER D 203 10.55 -26.17 -13.59
N LYS D 204 9.83 -25.62 -12.62
CA LYS D 204 9.14 -24.36 -12.79
C LYS D 204 10.21 -23.31 -13.02
N ALA D 205 11.24 -23.35 -12.19
CA ALA D 205 12.34 -22.40 -12.31
C ALA D 205 12.96 -22.48 -13.69
N LEU D 206 13.14 -23.68 -14.21
CA LEU D 206 13.71 -23.85 -15.53
C LEU D 206 12.80 -23.22 -16.57
N THR D 207 11.51 -23.52 -16.49
CA THR D 207 10.51 -22.98 -17.41
C THR D 207 10.50 -21.46 -17.43
N SER D 208 10.68 -20.85 -16.26
CA SER D 208 10.69 -19.40 -16.12
C SER D 208 11.94 -18.85 -16.79
N ALA D 209 13.04 -19.57 -16.56
CA ALA D 209 14.32 -19.21 -17.12
C ALA D 209 14.24 -19.17 -18.64
N ARG D 210 13.60 -20.17 -19.23
CA ARG D 210 13.45 -20.27 -20.68
C ARG D 210 12.68 -19.12 -21.25
N PHE D 211 11.57 -18.78 -20.62
CA PHE D 211 10.74 -17.69 -21.09
C PHE D 211 11.54 -16.40 -21.10
N VAL D 212 12.24 -16.11 -20.00
CA VAL D 212 13.02 -14.88 -19.94
C VAL D 212 13.98 -14.83 -21.13
N LEU D 213 14.87 -15.81 -21.19
CA LEU D 213 15.85 -15.90 -22.25
C LEU D 213 15.24 -15.82 -23.66
N SER D 214 14.03 -16.33 -23.84
CA SER D 214 13.41 -16.31 -25.15
C SER D 214 12.95 -14.90 -25.45
N ASP D 215 12.79 -14.10 -24.40
CA ASP D 215 12.37 -12.71 -24.53
C ASP D 215 13.58 -11.78 -24.79
N LYS D 216 14.67 -12.01 -24.06
CA LYS D 216 15.88 -11.19 -24.17
C LYS D 216 16.81 -11.52 -25.34
N LEU D 217 17.15 -12.80 -25.46
CA LEU D 217 18.08 -13.30 -26.47
C LEU D 217 17.85 -13.07 -27.98
N PRO D 218 16.59 -13.10 -28.45
CA PRO D 218 16.36 -12.90 -29.89
C PRO D 218 17.27 -11.93 -30.65
N GLU D 219 17.28 -10.66 -30.27
CA GLU D 219 18.12 -9.68 -30.96
C GLU D 219 19.60 -9.92 -30.84
N HIS D 220 20.00 -10.62 -29.77
CA HIS D 220 21.39 -10.97 -29.51
C HIS D 220 21.87 -12.01 -30.54
N VAL D 221 20.96 -12.91 -30.88
CA VAL D 221 21.21 -13.97 -31.84
C VAL D 221 21.33 -13.40 -33.25
N THR D 222 20.30 -12.67 -33.69
CA THR D 222 20.24 -12.05 -35.01
C THR D 222 21.26 -10.90 -35.21
N MET D 223 21.99 -10.54 -34.17
CA MET D 223 23.00 -9.49 -34.24
C MET D 223 24.19 -10.01 -35.03
N PRO D 224 24.64 -9.24 -36.04
CA PRO D 224 25.78 -9.61 -36.89
C PRO D 224 26.95 -10.05 -36.02
N ASP D 225 27.59 -11.15 -36.38
CA ASP D 225 28.72 -11.63 -35.59
C ASP D 225 30.03 -10.89 -35.84
N GLY D 226 30.90 -10.85 -34.83
CA GLY D 226 32.17 -10.17 -34.96
C GLY D 226 32.95 -10.36 -33.68
N ASP D 227 34.17 -9.83 -33.62
CA ASP D 227 34.97 -9.99 -32.41
C ASP D 227 35.06 -8.70 -31.60
N PHE D 228 34.23 -7.71 -31.96
CA PHE D 228 34.22 -6.43 -31.28
C PHE D 228 33.92 -6.56 -29.78
N SER D 229 34.71 -5.86 -28.97
CA SER D 229 34.56 -5.89 -27.52
C SER D 229 34.49 -4.47 -26.98
N ILE D 230 33.40 -4.15 -26.29
CA ILE D 230 33.19 -2.84 -25.69
C ILE D 230 34.29 -2.62 -24.65
N ARG D 231 34.64 -3.68 -23.93
CA ARG D 231 35.69 -3.59 -22.92
C ARG D 231 36.97 -3.11 -23.59
N SER D 232 37.43 -3.86 -24.60
CA SER D 232 38.67 -3.53 -25.30
C SER D 232 38.61 -2.15 -25.93
N TRP D 233 37.46 -1.81 -26.48
CA TRP D 233 37.24 -0.51 -27.11
C TRP D 233 37.44 0.59 -26.09
N LEU D 234 37.00 0.35 -24.85
CA LEU D 234 37.14 1.33 -23.77
C LEU D 234 38.63 1.56 -23.44
N GLU D 235 39.40 0.49 -23.38
CA GLU D 235 40.82 0.58 -23.05
C GLU D 235 41.68 1.19 -24.16
N ASP D 236 41.16 1.18 -25.38
CA ASP D 236 41.91 1.73 -26.50
C ASP D 236 41.71 3.24 -26.63
N PRO D 237 42.74 4.04 -26.31
CA PRO D 237 42.64 5.50 -26.41
C PRO D 237 42.27 5.97 -27.82
N ASN D 238 42.91 5.39 -28.83
CA ASN D 238 42.67 5.75 -30.21
C ASN D 238 41.33 5.23 -30.69
N GLY D 239 40.64 4.48 -29.83
CA GLY D 239 39.33 3.97 -30.18
C GLY D 239 38.48 5.21 -30.39
N GLY D 240 37.55 5.17 -31.32
CA GLY D 240 36.76 6.36 -31.56
C GLY D 240 35.72 6.62 -30.50
N ASN D 241 34.49 6.84 -30.97
CA ASN D 241 33.34 7.08 -30.11
C ASN D 241 32.34 5.98 -30.44
N LEU D 242 31.48 5.61 -29.50
CA LEU D 242 30.54 4.55 -29.77
C LEU D 242 29.14 5.12 -29.90
N PHE D 243 28.50 4.85 -31.05
CA PHE D 243 27.13 5.30 -31.28
C PHE D 243 26.18 4.12 -31.34
N ILE D 244 25.26 4.05 -30.38
CA ILE D 244 24.26 2.98 -30.35
C ILE D 244 23.02 3.55 -31.02
N THR D 245 22.78 3.16 -32.26
CA THR D 245 21.63 3.68 -32.98
C THR D 245 20.57 2.61 -33.27
N TRP D 246 19.41 3.07 -33.72
CA TRP D 246 18.28 2.20 -34.06
C TRP D 246 17.11 3.03 -34.57
N ARG D 247 16.31 2.43 -35.44
CA ARG D 247 15.15 3.11 -35.98
C ARG D 247 14.04 3.04 -34.94
N GLU D 248 13.42 4.17 -34.64
CA GLU D 248 12.36 4.23 -33.65
C GLU D 248 11.26 3.19 -33.69
N ASP D 249 10.80 2.78 -34.87
CA ASP D 249 9.73 1.79 -34.90
C ASP D 249 10.18 0.45 -34.35
N MET D 250 11.48 0.32 -34.13
CA MET D 250 12.05 -0.91 -33.59
C MET D 250 12.55 -0.75 -32.17
N GLY D 251 12.28 0.41 -31.58
CA GLY D 251 12.73 0.65 -30.24
C GLY D 251 12.32 -0.43 -29.25
N PRO D 252 11.03 -0.82 -29.23
CA PRO D 252 10.59 -1.86 -28.30
C PRO D 252 11.30 -3.19 -28.49
N ALA D 253 11.53 -3.55 -29.75
CA ALA D 253 12.20 -4.80 -30.07
C ALA D 253 13.63 -4.79 -29.53
N LEU D 254 14.30 -3.67 -29.76
CA LEU D 254 15.69 -3.50 -29.35
C LEU D 254 15.91 -3.08 -27.92
N ARG D 255 14.83 -2.79 -27.19
CA ARG D 255 15.00 -2.36 -25.82
C ARG D 255 15.92 -3.25 -24.97
N PRO D 256 15.75 -4.59 -24.99
CA PRO D 256 16.62 -5.45 -24.19
C PRO D 256 18.09 -5.56 -24.65
N LEU D 257 18.33 -5.35 -25.95
CA LEU D 257 19.68 -5.42 -26.51
C LEU D 257 20.42 -4.13 -26.17
N ILE D 258 19.78 -3.01 -26.51
CA ILE D 258 20.36 -1.69 -26.24
C ILE D 258 20.67 -1.53 -24.75
N SER D 259 19.80 -2.06 -23.89
CA SER D 259 19.99 -1.98 -22.44
C SER D 259 21.19 -2.83 -22.08
N ALA D 260 21.38 -3.91 -22.82
CA ALA D 260 22.50 -4.81 -22.61
C ALA D 260 23.80 -4.05 -22.87
N TRP D 261 23.85 -3.29 -23.96
CA TRP D 261 25.05 -2.53 -24.28
C TRP D 261 25.31 -1.43 -23.27
N VAL D 262 24.29 -0.65 -22.95
CA VAL D 262 24.44 0.40 -21.98
C VAL D 262 24.95 -0.19 -20.68
N ASP D 263 24.37 -1.29 -20.23
CA ASP D 263 24.84 -1.85 -18.98
C ASP D 263 26.26 -2.39 -19.04
N VAL D 264 26.68 -2.91 -20.20
CA VAL D 264 28.02 -3.43 -20.39
C VAL D 264 29.05 -2.33 -20.23
N VAL D 265 28.70 -1.14 -20.71
CA VAL D 265 29.61 -0.03 -20.55
C VAL D 265 29.70 0.30 -19.06
N CYS D 266 28.55 0.25 -18.39
CA CYS D 266 28.44 0.53 -16.95
C CYS D 266 29.25 -0.36 -16.02
N THR D 267 29.38 -1.66 -16.31
CA THR D 267 30.17 -2.51 -15.44
C THR D 267 31.59 -2.41 -15.91
N SER D 268 31.76 -2.41 -17.22
CA SER D 268 33.09 -2.38 -17.81
C SER D 268 34.00 -1.23 -17.41
N ILE D 269 33.48 -0.01 -17.36
CA ILE D 269 34.33 1.10 -16.99
C ILE D 269 34.93 0.91 -15.61
N LEU D 270 34.33 0.04 -14.81
CA LEU D 270 34.79 -0.26 -13.46
C LEU D 270 36.05 -1.12 -13.46
N SER D 271 36.38 -1.70 -14.61
CA SER D 271 37.54 -2.55 -14.72
C SER D 271 38.66 -1.90 -15.54
N LEU D 272 38.43 -0.71 -16.06
CA LEU D 272 39.44 0.00 -16.85
C LEU D 272 40.64 0.32 -15.97
N PRO D 273 41.85 0.32 -16.55
CA PRO D 273 43.04 0.63 -15.78
C PRO D 273 43.06 2.10 -15.37
N GLU D 274 43.55 2.36 -14.17
CA GLU D 274 43.63 3.71 -13.60
C GLU D 274 44.27 4.71 -14.57
N GLU D 275 43.45 5.57 -15.17
CA GLU D 275 43.92 6.58 -16.10
C GLU D 275 43.24 7.92 -15.83
N PRO D 276 43.96 8.82 -15.13
CA PRO D 276 43.52 10.16 -14.74
C PRO D 276 43.15 11.08 -15.90
N LYS D 277 43.70 10.80 -17.07
CA LYS D 277 43.44 11.65 -18.23
C LYS D 277 42.26 11.20 -19.09
N ARG D 278 41.59 10.12 -18.69
CA ARG D 278 40.45 9.65 -19.45
C ARG D 278 39.18 10.38 -19.08
N ARG D 279 38.44 10.79 -20.11
CA ARG D 279 37.17 11.49 -19.96
C ARG D 279 36.21 10.84 -20.93
N LEU D 280 35.32 10.00 -20.39
CA LEU D 280 34.33 9.26 -21.18
C LEU D 280 32.90 9.65 -20.83
N TRP D 281 32.14 10.09 -21.83
CA TRP D 281 30.75 10.50 -21.64
C TRP D 281 29.77 9.38 -21.96
N LEU D 282 28.66 9.33 -21.23
CA LEU D 282 27.64 8.33 -21.48
C LEU D 282 26.34 9.09 -21.66
N PHE D 283 25.87 9.18 -22.89
CA PHE D 283 24.63 9.86 -23.20
C PHE D 283 23.48 8.87 -23.33
N ILE D 284 22.50 8.94 -22.42
CA ILE D 284 21.32 8.07 -22.45
C ILE D 284 20.14 9.01 -22.68
N ASP D 285 19.85 9.31 -23.93
CA ASP D 285 18.79 10.26 -24.24
C ASP D 285 17.54 10.19 -23.36
N GLU D 286 17.08 8.98 -23.05
CA GLU D 286 15.88 8.87 -22.25
C GLU D 286 16.02 7.63 -21.38
N LEU D 287 16.49 7.87 -20.16
CA LEU D 287 16.74 6.85 -19.17
C LEU D 287 15.61 5.88 -18.85
N ALA D 288 14.39 6.38 -18.80
CA ALA D 288 13.25 5.53 -18.47
C ALA D 288 12.84 4.67 -19.67
N SER D 289 13.53 4.86 -20.79
CA SER D 289 13.24 4.10 -22.00
C SER D 289 14.01 2.77 -22.05
N LEU D 290 15.06 2.64 -21.25
CA LEU D 290 15.83 1.41 -21.22
C LEU D 290 15.22 0.57 -20.11
N GLU D 291 15.70 -0.65 -19.91
CA GLU D 291 15.16 -1.50 -18.86
C GLU D 291 15.86 -1.19 -17.54
N LYS D 292 15.45 -1.88 -16.49
CA LYS D 292 16.04 -1.65 -15.19
C LYS D 292 17.49 -2.12 -15.23
N LEU D 293 18.41 -1.23 -15.57
CA LEU D 293 19.82 -1.58 -15.66
C LEU D 293 20.41 -2.03 -14.33
N ALA D 294 21.13 -3.15 -14.35
CA ALA D 294 21.75 -3.73 -13.16
C ALA D 294 23.00 -3.04 -12.64
N SER D 295 23.77 -2.40 -13.52
CA SER D 295 25.02 -1.76 -13.13
C SER D 295 25.03 -0.24 -13.11
N LEU D 296 23.97 0.38 -13.61
CA LEU D 296 23.91 1.84 -13.67
C LEU D 296 24.23 2.53 -12.34
N ALA D 297 23.61 2.05 -11.27
CA ALA D 297 23.81 2.64 -9.94
C ALA D 297 25.28 2.77 -9.55
N ASP D 298 26.02 1.68 -9.62
CA ASP D 298 27.43 1.71 -9.24
C ASP D 298 28.27 2.54 -10.19
N ALA D 299 27.85 2.63 -11.44
CA ALA D 299 28.58 3.42 -12.41
C ALA D 299 28.50 4.90 -12.05
N LEU D 300 27.35 5.32 -11.53
CA LEU D 300 27.10 6.71 -11.16
C LEU D 300 27.70 7.03 -9.80
N THR D 301 28.31 6.03 -9.21
CA THR D 301 28.88 6.14 -7.88
C THR D 301 30.38 5.87 -7.81
N LYS D 302 30.85 4.97 -8.66
CA LYS D 302 32.25 4.57 -8.65
C LYS D 302 32.97 4.77 -9.98
N GLY D 303 32.45 5.65 -10.83
CA GLY D 303 33.09 5.86 -12.10
C GLY D 303 33.97 7.07 -12.20
N ARG D 304 34.13 7.82 -11.11
CA ARG D 304 34.96 9.02 -11.15
C ARG D 304 36.36 8.66 -11.61
N LYS D 305 36.96 7.65 -10.98
CA LYS D 305 38.31 7.21 -11.32
C LYS D 305 38.49 6.78 -12.79
N ALA D 306 37.45 6.22 -13.39
CA ALA D 306 37.53 5.79 -14.77
C ALA D 306 37.25 7.00 -15.64
N GLY D 307 36.74 8.07 -15.01
CA GLY D 307 36.44 9.28 -15.74
C GLY D 307 35.08 9.24 -16.41
N LEU D 308 34.16 8.47 -15.83
CA LEU D 308 32.82 8.35 -16.40
C LEU D 308 32.02 9.62 -16.10
N ARG D 309 31.32 10.10 -17.11
CA ARG D 309 30.49 11.28 -17.02
C ARG D 309 29.17 10.94 -17.67
N VAL D 310 28.13 10.74 -16.87
CA VAL D 310 26.82 10.36 -17.40
C VAL D 310 25.81 11.52 -17.56
N VAL D 311 25.19 11.60 -18.74
CA VAL D 311 24.16 12.60 -19.03
C VAL D 311 22.89 11.81 -19.40
N ALA D 312 21.79 12.07 -18.69
CA ALA D 312 20.55 11.36 -18.94
C ALA D 312 19.34 12.29 -19.02
N GLY D 313 18.34 11.89 -19.78
CA GLY D 313 17.13 12.68 -19.90
C GLY D 313 15.92 12.00 -19.28
N LEU D 314 14.99 12.81 -18.80
CA LEU D 314 13.78 12.30 -18.17
C LEU D 314 12.66 13.23 -18.57
N GLN D 315 11.41 12.80 -18.36
CA GLN D 315 10.27 13.65 -18.68
C GLN D 315 9.36 13.76 -17.47
N SER D 316 8.84 12.63 -17.03
CA SER D 316 7.94 12.59 -15.88
C SER D 316 8.56 11.70 -14.81
N THR D 317 8.44 12.10 -13.55
CA THR D 317 9.03 11.30 -12.51
C THR D 317 8.38 9.92 -12.41
N SER D 318 7.22 9.76 -13.02
CA SER D 318 6.50 8.48 -12.99
C SER D 318 7.08 7.42 -13.91
N GLN D 319 7.78 7.86 -14.95
CA GLN D 319 8.38 6.94 -15.91
C GLN D 319 9.46 6.08 -15.28
N LEU D 320 10.45 6.76 -14.69
CA LEU D 320 11.57 6.07 -14.04
C LEU D 320 11.07 5.25 -12.86
N ASP D 321 10.09 5.81 -12.16
CA ASP D 321 9.49 5.18 -11.00
C ASP D 321 8.90 3.84 -11.39
N ASP D 322 8.24 3.82 -12.53
CA ASP D 322 7.60 2.60 -13.01
C ASP D 322 8.62 1.51 -13.41
N VAL D 323 9.72 1.91 -14.03
CA VAL D 323 10.74 0.97 -14.49
C VAL D 323 11.63 0.42 -13.35
N TYR D 324 12.09 1.31 -12.47
CA TYR D 324 12.97 0.96 -11.34
C TYR D 324 12.29 0.80 -9.98
N GLY D 325 11.07 1.31 -9.88
CA GLY D 325 10.37 1.27 -8.61
C GLY D 325 10.66 2.62 -7.97
N VAL D 326 9.80 3.06 -7.06
CA VAL D 326 9.99 4.35 -6.40
C VAL D 326 11.30 4.51 -5.62
N LYS D 327 11.62 3.56 -4.74
CA LYS D 327 12.82 3.61 -3.92
C LYS D 327 14.08 3.64 -4.77
N GLU D 328 14.17 2.69 -5.68
CA GLU D 328 15.32 2.57 -6.56
C GLU D 328 15.48 3.75 -7.51
N ALA D 329 14.35 4.31 -7.93
CA ALA D 329 14.32 5.46 -8.84
C ALA D 329 14.84 6.72 -8.15
N GLN D 330 14.50 6.88 -6.87
CA GLN D 330 14.94 8.02 -6.05
C GLN D 330 16.46 8.02 -5.92
N THR D 331 16.99 6.83 -5.63
CA THR D 331 18.41 6.62 -5.46
C THR D 331 19.12 6.98 -6.77
N LEU D 332 18.53 6.53 -7.86
CA LEU D 332 19.11 6.77 -9.16
C LEU D 332 19.16 8.26 -9.51
N ARG D 333 18.04 8.97 -9.42
CA ARG D 333 18.06 10.40 -9.72
C ARG D 333 19.02 11.11 -8.81
N ALA D 334 19.00 10.75 -7.54
CA ALA D 334 19.85 11.35 -6.53
C ALA D 334 21.33 11.24 -6.83
N SER D 335 21.69 10.32 -7.72
CA SER D 335 23.10 10.10 -8.09
C SER D 335 23.63 11.06 -9.16
N PHE D 336 22.74 11.90 -9.70
CA PHE D 336 23.08 12.92 -10.71
C PHE D 336 23.12 14.24 -9.92
N ARG D 337 24.32 14.76 -9.70
CA ARG D 337 24.50 15.97 -8.92
C ARG D 337 24.09 17.28 -9.62
N SER D 338 24.15 17.28 -10.96
CA SER D 338 23.77 18.46 -11.74
C SER D 338 22.40 18.26 -12.39
N LEU D 339 21.55 19.29 -12.35
CA LEU D 339 20.20 19.20 -12.90
C LEU D 339 19.79 20.32 -13.86
N VAL D 340 19.08 19.98 -14.92
CA VAL D 340 18.59 20.97 -15.89
C VAL D 340 17.11 20.72 -16.07
N VAL D 341 16.30 21.75 -15.81
CA VAL D 341 14.85 21.65 -15.93
C VAL D 341 14.38 22.42 -17.16
N LEU D 342 13.73 21.71 -18.07
CA LEU D 342 13.26 22.30 -19.32
C LEU D 342 11.79 22.68 -19.39
N GLY D 343 11.06 22.47 -18.30
CA GLY D 343 9.67 22.86 -18.33
C GLY D 343 8.82 21.78 -18.92
N GLY D 344 7.79 21.39 -18.18
CA GLY D 344 6.90 20.33 -18.63
C GLY D 344 5.49 20.76 -18.92
N SER D 345 4.64 19.78 -19.12
CA SER D 345 3.24 20.02 -19.43
C SER D 345 2.53 20.44 -18.16
N ARG D 346 1.47 21.22 -18.30
CA ARG D 346 0.71 21.66 -17.14
C ARG D 346 -0.17 20.53 -16.65
N THR D 347 -0.25 19.47 -17.45
CA THR D 347 -1.06 18.31 -17.12
C THR D 347 -0.28 17.36 -16.19
N ASP D 348 0.95 17.73 -15.85
CA ASP D 348 1.81 16.92 -14.98
C ASP D 348 2.26 17.76 -13.80
N PRO D 349 1.31 18.17 -12.94
CA PRO D 349 1.61 18.99 -11.77
C PRO D 349 2.53 18.34 -10.73
N LYS D 350 2.54 17.00 -10.70
CA LYS D 350 3.39 16.26 -9.75
C LYS D 350 4.86 16.38 -10.12
N THR D 351 5.18 16.31 -11.41
CA THR D 351 6.54 16.42 -11.85
C THR D 351 7.00 17.87 -11.76
N ASN D 352 6.10 18.80 -12.07
CA ASN D 352 6.47 20.20 -11.98
C ASN D 352 6.80 20.53 -10.54
N GLU D 353 6.07 19.88 -9.62
CA GLU D 353 6.29 20.06 -8.19
C GLU D 353 7.62 19.44 -7.76
N ASP D 354 7.91 18.26 -8.27
CA ASP D 354 9.15 17.57 -7.95
C ASP D 354 10.34 18.41 -8.37
N MET D 355 10.25 18.96 -9.59
CA MET D 355 11.31 19.78 -10.16
C MET D 355 11.45 21.08 -9.39
N SER D 356 10.31 21.67 -9.04
CA SER D 356 10.28 22.92 -8.30
C SER D 356 10.97 22.74 -6.94
N LEU D 357 10.59 21.67 -6.24
CA LEU D 357 11.14 21.34 -4.94
C LEU D 357 12.64 21.03 -5.04
N SER D 358 13.03 20.35 -6.11
CA SER D 358 14.42 20.01 -6.33
C SER D 358 15.25 21.28 -6.55
N LEU D 359 14.66 22.24 -7.27
CA LEU D 359 15.30 23.52 -7.53
C LEU D 359 15.46 24.23 -6.18
N GLY D 360 14.56 23.88 -5.26
CA GLY D 360 14.60 24.39 -3.90
C GLY D 360 13.97 25.71 -3.54
N GLU D 361 14.00 25.99 -2.25
CA GLU D 361 13.48 27.22 -1.67
C GLU D 361 14.62 28.10 -1.18
N HIS D 362 14.27 29.33 -0.82
CA HIS D 362 15.25 30.24 -0.28
C HIS D 362 14.56 30.98 0.85
N GLU D 363 15.34 31.47 1.82
CA GLU D 363 14.77 32.24 2.92
C GLU D 363 15.30 33.62 2.64
N VAL D 364 14.37 34.53 2.41
CA VAL D 364 14.69 35.89 2.05
C VAL D 364 14.12 36.90 3.02
N GLU D 365 14.65 38.12 2.98
CA GLU D 365 14.22 39.21 3.85
C GLU D 365 13.68 40.33 2.96
N ARG D 366 12.39 40.60 3.05
CA ARG D 366 11.79 41.64 2.23
C ARG D 366 11.07 42.64 3.11
N ASP D 367 10.68 43.76 2.51
CA ASP D 367 9.98 44.80 3.25
C ASP D 367 8.47 44.60 3.11
N ARG D 368 7.76 44.87 4.20
CA ARG D 368 6.31 44.73 4.29
C ARG D 368 5.53 45.70 3.38
N LEU D 383 10.93 44.76 8.37
CA LEU D 383 11.24 43.66 7.42
C LEU D 383 10.43 42.41 7.73
N GLU D 384 10.46 41.44 6.82
CA GLU D 384 9.74 40.16 6.98
C GLU D 384 10.51 38.96 6.38
N ARG D 385 10.76 37.91 7.16
CA ARG D 385 11.47 36.74 6.62
C ARG D 385 10.47 35.84 5.90
N VAL D 386 10.79 35.46 4.68
CA VAL D 386 9.93 34.63 3.85
C VAL D 386 10.67 33.46 3.26
N ARG D 387 10.09 32.27 3.36
CA ARG D 387 10.68 31.07 2.80
C ARG D 387 9.81 30.75 1.59
N GLU D 388 10.42 30.65 0.41
CA GLU D 388 9.65 30.37 -0.81
C GLU D 388 10.41 29.62 -1.91
N ARG D 389 9.69 28.96 -2.81
CA ARG D 389 10.31 28.24 -3.91
C ARG D 389 10.99 29.25 -4.82
N VAL D 390 12.22 28.98 -5.23
CA VAL D 390 12.90 29.91 -6.13
C VAL D 390 12.15 29.86 -7.47
N VAL D 391 11.70 28.66 -7.83
CA VAL D 391 10.97 28.42 -9.07
C VAL D 391 9.70 27.66 -8.75
N MET D 392 8.56 28.29 -9.00
CA MET D 392 7.27 27.68 -8.75
C MET D 392 6.94 26.58 -9.75
N PRO D 393 6.14 25.61 -9.34
CA PRO D 393 5.77 24.52 -10.24
C PRO D 393 5.17 25.16 -11.50
N ALA D 394 4.33 26.18 -11.30
CA ALA D 394 3.68 26.90 -12.37
C ALA D 394 4.67 27.54 -13.32
N GLU D 395 5.77 28.04 -12.79
CA GLU D 395 6.79 28.67 -13.63
C GLU D 395 7.38 27.64 -14.58
N ILE D 396 7.55 26.41 -14.08
CA ILE D 396 8.11 25.35 -14.90
C ILE D 396 7.10 24.93 -15.97
N ALA D 397 5.84 24.87 -15.59
CA ALA D 397 4.79 24.46 -16.52
C ALA D 397 4.59 25.47 -17.66
N ASN D 398 4.90 26.73 -17.38
CA ASN D 398 4.72 27.78 -18.37
C ASN D 398 5.99 28.18 -19.09
N LEU D 399 7.05 27.40 -18.91
CA LEU D 399 8.30 27.70 -19.57
C LEU D 399 8.11 27.53 -21.07
N PRO D 400 8.67 28.45 -21.87
CA PRO D 400 8.53 28.32 -23.32
C PRO D 400 9.63 27.33 -23.73
N ASP D 401 9.60 26.85 -24.97
CA ASP D 401 10.62 25.90 -25.43
C ASP D 401 12.02 26.53 -25.45
N LEU D 402 13.04 25.68 -25.49
CA LEU D 402 14.42 26.14 -25.53
C LEU D 402 14.78 27.10 -24.40
N THR D 403 14.22 26.86 -23.21
CA THR D 403 14.49 27.66 -22.04
C THR D 403 14.66 26.70 -20.88
N ALA D 404 15.74 26.83 -20.14
CA ALA D 404 16.00 25.93 -19.04
C ALA D 404 16.60 26.57 -17.80
N TYR D 405 16.41 25.90 -16.67
CA TYR D 405 16.98 26.34 -15.41
C TYR D 405 18.18 25.43 -15.20
N VAL D 406 19.39 26.00 -15.11
CA VAL D 406 20.59 25.20 -14.91
C VAL D 406 21.15 25.25 -13.50
N GLY D 407 21.09 24.12 -12.80
CA GLY D 407 21.59 24.07 -11.44
C GLY D 407 22.72 23.06 -11.32
N PHE D 408 23.95 23.54 -11.47
CA PHE D 408 25.12 22.68 -11.38
C PHE D 408 25.30 22.12 -9.99
N ALA D 409 26.01 21.00 -9.91
CA ALA D 409 26.25 20.36 -8.64
C ALA D 409 26.98 21.30 -7.70
N GLY D 410 26.91 20.99 -6.42
CA GLY D 410 27.58 21.78 -5.41
C GLY D 410 26.94 23.11 -5.05
N ASN D 411 27.76 24.01 -4.52
CA ASN D 411 27.31 25.32 -4.11
C ASN D 411 27.32 26.37 -5.23
N ARG D 412 26.39 26.24 -6.17
CA ARG D 412 26.30 27.21 -7.27
C ARG D 412 24.86 27.69 -7.35
N PRO D 413 24.67 28.96 -7.74
CA PRO D 413 23.30 29.45 -7.83
C PRO D 413 22.73 28.88 -9.14
N ILE D 414 21.41 28.89 -9.30
CA ILE D 414 20.82 28.39 -10.54
C ILE D 414 20.55 29.62 -11.43
N ALA D 415 20.35 29.41 -12.73
CA ALA D 415 20.08 30.52 -13.65
C ALA D 415 19.14 30.08 -14.75
N LYS D 416 18.24 30.96 -15.15
CA LYS D 416 17.31 30.65 -16.23
C LYS D 416 18.03 31.11 -17.49
N VAL D 417 18.32 30.17 -18.37
CA VAL D 417 19.07 30.48 -19.57
C VAL D 417 18.36 30.02 -20.83
N PRO D 418 18.68 30.67 -21.98
CA PRO D 418 18.05 30.26 -23.23
C PRO D 418 18.98 29.28 -23.93
N LEU D 419 18.37 28.32 -24.62
CA LEU D 419 19.09 27.30 -25.37
C LEU D 419 19.07 27.77 -26.82
N GLU D 420 20.25 27.86 -27.43
CA GLU D 420 20.33 28.30 -28.83
C GLU D 420 20.46 27.09 -29.75
N ILE D 421 19.70 27.12 -30.85
CA ILE D 421 19.69 26.04 -31.82
C ILE D 421 20.86 26.18 -32.78
N LYS D 422 22.01 25.61 -32.44
CA LYS D 422 23.17 25.69 -33.31
C LYS D 422 22.97 24.64 -34.40
N GLN D 423 23.39 24.96 -35.62
CA GLN D 423 23.23 24.02 -36.74
C GLN D 423 24.51 23.25 -37.02
N PHE D 424 24.34 21.93 -37.20
CA PHE D 424 25.46 21.04 -37.48
C PHE D 424 25.21 20.33 -38.80
N ALA D 425 26.24 20.30 -39.64
CA ALA D 425 26.17 19.66 -40.94
C ALA D 425 26.26 18.15 -40.85
N ASN D 426 25.51 17.46 -41.70
CA ASN D 426 25.47 15.99 -41.72
C ASN D 426 26.73 15.39 -42.31
N ARG D 427 27.67 15.03 -41.45
CA ARG D 427 28.92 14.44 -41.90
C ARG D 427 28.88 12.92 -41.97
N GLN D 428 27.67 12.37 -42.19
CA GLN D 428 27.44 10.93 -42.30
C GLN D 428 25.97 10.57 -42.33
N PRO D 429 25.59 9.51 -43.04
CA PRO D 429 24.19 9.12 -43.09
C PRO D 429 23.76 8.50 -41.77
N ALA D 430 22.62 8.93 -41.25
CA ALA D 430 22.11 8.43 -39.98
C ALA D 430 21.89 6.93 -39.97
N PHE D 431 21.40 6.39 -41.08
CA PHE D 431 21.14 4.97 -41.19
C PHE D 431 21.63 4.49 -42.54
N VAL D 432 22.05 3.23 -42.61
CA VAL D 432 22.56 2.65 -43.85
C VAL D 432 22.19 1.19 -44.02
N GLU D 433 21.53 0.89 -45.13
CA GLU D 433 21.10 -0.46 -45.48
C GLU D 433 20.07 -0.95 -44.47
N GLY E 6 -11.13 42.24 -13.23
CA GLY E 6 -10.41 41.33 -14.17
C GLY E 6 -11.22 40.11 -14.58
N GLU E 7 -10.64 39.29 -15.45
CA GLU E 7 -11.30 38.07 -15.92
C GLU E 7 -10.95 36.99 -14.91
N PHE E 8 -9.98 37.29 -14.05
CA PHE E 8 -9.57 36.38 -13.00
C PHE E 8 -10.65 36.36 -11.93
N GLY E 9 -11.23 35.19 -11.70
CA GLY E 9 -12.31 35.05 -10.72
C GLY E 9 -12.07 35.47 -9.28
N GLY E 10 -10.81 35.63 -8.87
CA GLY E 10 -10.55 36.02 -7.50
C GLY E 10 -10.47 37.52 -7.31
N ALA E 11 -9.91 37.95 -6.18
CA ALA E 11 -9.76 39.38 -5.90
C ALA E 11 -8.79 40.01 -6.90
N PRO E 12 -9.19 41.13 -7.56
CA PRO E 12 -8.31 41.79 -8.52
C PRO E 12 -7.00 42.12 -7.83
N PHE E 13 -5.94 42.22 -8.61
CA PHE E 13 -4.64 42.53 -8.03
C PHE E 13 -3.90 43.66 -8.72
N LYS E 14 -2.96 44.25 -7.99
CA LYS E 14 -2.16 45.37 -8.46
C LYS E 14 -1.05 44.95 -9.44
N ARG E 15 -0.43 43.80 -9.19
CA ARG E 15 0.67 43.34 -10.05
C ARG E 15 0.91 41.84 -10.06
N PHE E 16 1.04 41.28 -11.25
CA PHE E 16 1.30 39.87 -11.42
C PHE E 16 2.79 39.58 -11.29
N LEU E 17 3.17 38.66 -10.41
CA LEU E 17 4.57 38.32 -10.21
C LEU E 17 5.09 37.17 -11.05
N ARG E 18 4.51 35.98 -10.85
CA ARG E 18 4.90 34.78 -11.57
C ARG E 18 3.80 33.70 -11.57
N GLY E 19 3.95 32.72 -12.46
CA GLY E 19 2.98 31.64 -12.50
C GLY E 19 2.05 31.62 -13.69
N THR E 20 0.89 30.98 -13.51
CA THR E 20 -0.11 30.87 -14.55
C THR E 20 -0.87 32.17 -14.65
N ARG E 21 -0.92 32.72 -15.86
CA ARG E 21 -1.62 33.97 -16.07
C ARG E 21 -2.92 33.68 -16.79
N ILE E 22 -3.98 34.38 -16.38
CA ILE E 22 -5.28 34.20 -17.00
C ILE E 22 -5.59 35.47 -17.75
N VAL E 23 -6.22 35.27 -18.90
CA VAL E 23 -6.55 36.35 -19.81
C VAL E 23 -7.99 36.14 -20.31
N SER E 24 -8.60 37.19 -20.85
CA SER E 24 -9.98 37.10 -21.36
C SER E 24 -10.06 36.22 -22.61
N GLY E 25 -11.26 35.74 -22.91
CA GLY E 25 -11.41 34.89 -24.09
C GLY E 25 -10.81 35.55 -25.32
N GLY E 26 -11.36 36.72 -25.68
CA GLY E 26 -10.89 37.45 -26.84
C GLY E 26 -9.43 37.84 -26.87
N LYS E 27 -8.88 38.17 -25.71
CA LYS E 27 -7.48 38.55 -25.59
C LYS E 27 -6.60 37.36 -26.00
N LEU E 28 -6.99 36.16 -25.58
CA LEU E 28 -6.26 34.96 -25.92
C LEU E 28 -6.39 34.71 -27.42
N LYS E 29 -7.60 34.85 -27.95
CA LYS E 29 -7.86 34.63 -29.37
C LYS E 29 -6.97 35.48 -30.27
N ARG E 30 -6.59 36.68 -29.82
CA ARG E 30 -5.73 37.53 -30.62
C ARG E 30 -4.29 37.08 -30.48
N MET E 31 -3.94 36.68 -29.26
CA MET E 31 -2.58 36.24 -28.99
C MET E 31 -2.21 34.99 -29.77
N THR E 32 -3.09 33.99 -29.77
CA THR E 32 -2.82 32.72 -30.43
C THR E 32 -3.00 32.74 -31.95
N ARG E 33 -3.73 33.74 -32.45
CA ARG E 33 -3.97 33.89 -33.88
C ARG E 33 -2.65 33.96 -34.64
N GLU E 34 -2.57 33.18 -35.72
CA GLU E 34 -1.38 33.11 -36.55
C GLU E 34 -1.70 33.29 -38.02
N LYS E 35 -0.66 33.55 -38.82
CA LYS E 35 -0.79 33.76 -40.26
C LYS E 35 -1.35 32.54 -41.00
N ALA E 36 -0.70 31.39 -40.81
CA ALA E 36 -1.10 30.14 -41.46
C ALA E 36 -2.49 29.68 -41.04
N LYS E 37 -3.07 28.75 -41.80
CA LYS E 37 -4.39 28.22 -41.47
C LYS E 37 -4.27 27.46 -40.15
N GLN E 38 -5.21 27.69 -39.24
CA GLN E 38 -5.19 27.02 -37.94
C GLN E 38 -6.52 26.35 -37.62
N VAL E 39 -6.49 25.46 -36.65
CA VAL E 39 -7.70 24.79 -36.20
C VAL E 39 -8.12 25.53 -34.92
N THR E 40 -9.36 25.37 -34.50
CA THR E 40 -9.79 26.06 -33.29
C THR E 40 -10.28 25.14 -32.20
N VAL E 41 -9.99 25.55 -30.97
CA VAL E 41 -10.37 24.83 -29.78
C VAL E 41 -11.29 25.76 -29.00
N ALA E 42 -12.59 25.48 -29.01
CA ALA E 42 -13.54 26.34 -28.31
C ALA E 42 -13.46 27.81 -28.75
N GLY E 43 -13.33 28.02 -30.05
CA GLY E 43 -13.27 29.37 -30.58
C GLY E 43 -11.90 30.00 -30.58
N VAL E 44 -10.96 29.40 -29.89
CA VAL E 44 -9.58 29.93 -29.82
C VAL E 44 -8.70 29.24 -30.86
N PRO E 45 -8.11 30.01 -31.79
CA PRO E 45 -7.26 29.33 -32.76
C PRO E 45 -6.07 28.69 -32.04
N MET E 46 -5.77 27.45 -32.40
CA MET E 46 -4.67 26.72 -31.77
C MET E 46 -3.31 27.00 -32.40
N PRO E 47 -2.30 27.35 -31.57
CA PRO E 47 -0.95 27.63 -32.04
C PRO E 47 -0.51 26.45 -32.88
N ARG E 48 -0.02 26.70 -34.09
CA ARG E 48 0.39 25.59 -34.93
C ARG E 48 1.38 24.63 -34.25
N ASP E 49 2.27 25.15 -33.40
CA ASP E 49 3.26 24.31 -32.73
C ASP E 49 2.74 23.50 -31.55
N ALA E 50 1.54 23.81 -31.09
CA ALA E 50 0.97 23.07 -29.97
C ALA E 50 0.18 21.88 -30.49
N GLU E 51 0.00 21.83 -31.82
CA GLU E 51 -0.75 20.75 -32.46
C GLU E 51 -0.14 19.36 -32.24
N PRO E 52 1.14 19.17 -32.59
CA PRO E 52 1.76 17.86 -32.38
C PRO E 52 2.16 17.57 -30.92
N ARG E 53 1.83 18.50 -30.02
CA ARG E 53 2.11 18.36 -28.60
C ARG E 53 0.89 17.74 -27.93
N HIS E 54 -0.18 17.57 -28.71
CA HIS E 54 -1.42 16.95 -28.24
C HIS E 54 -2.29 17.78 -27.36
N LEU E 55 -3.56 17.39 -27.30
CA LEU E 55 -4.55 18.09 -26.50
C LEU E 55 -5.39 17.15 -25.66
N LEU E 56 -5.57 17.50 -24.39
CA LEU E 56 -6.36 16.68 -23.50
C LEU E 56 -7.58 17.49 -23.11
N VAL E 57 -8.77 16.90 -23.23
CA VAL E 57 -10.00 17.61 -22.88
C VAL E 57 -10.64 16.86 -21.72
N ASN E 58 -10.61 17.49 -20.55
CA ASN E 58 -11.19 16.89 -19.36
C ASN E 58 -12.48 17.56 -18.99
N GLY E 59 -13.55 16.78 -18.83
CA GLY E 59 -14.83 17.36 -18.46
C GLY E 59 -15.89 16.33 -18.13
N ALA E 60 -16.82 16.69 -17.24
CA ALA E 60 -17.89 15.77 -16.89
C ALA E 60 -18.76 15.51 -18.11
N THR E 61 -19.59 14.48 -18.03
CA THR E 61 -20.47 14.12 -19.13
C THR E 61 -21.52 15.20 -19.44
N GLY E 62 -21.58 15.62 -20.69
CA GLY E 62 -22.55 16.62 -21.11
C GLY E 62 -22.08 18.06 -21.05
N THR E 63 -20.78 18.24 -20.77
CA THR E 63 -20.21 19.57 -20.67
C THR E 63 -19.79 20.19 -22.01
N GLY E 64 -19.73 19.37 -23.07
CA GLY E 64 -19.35 19.91 -24.37
C GLY E 64 -18.17 19.26 -25.08
N LYS E 65 -17.67 18.15 -24.54
CA LYS E 65 -16.53 17.49 -25.17
C LYS E 65 -16.85 17.25 -26.66
N SER E 66 -18.10 16.90 -26.94
CA SER E 66 -18.54 16.64 -28.30
C SER E 66 -18.47 17.89 -29.15
N VAL E 67 -19.16 18.93 -28.70
CA VAL E 67 -19.19 20.19 -29.41
C VAL E 67 -17.79 20.67 -29.76
N LEU E 68 -16.85 20.40 -28.85
CA LEU E 68 -15.46 20.80 -29.02
C LEU E 68 -14.69 19.93 -30.01
N LEU E 69 -14.79 18.61 -29.84
CA LEU E 69 -14.10 17.68 -30.72
C LEU E 69 -14.65 17.78 -32.13
N ARG E 70 -15.94 18.09 -32.23
CA ARG E 70 -16.63 18.23 -33.50
C ARG E 70 -16.09 19.48 -34.22
N GLU E 71 -15.89 20.54 -33.44
CA GLU E 71 -15.38 21.80 -33.97
C GLU E 71 -13.95 21.63 -34.45
N LEU E 72 -13.14 20.98 -33.62
CA LEU E 72 -11.74 20.74 -33.92
C LEU E 72 -11.61 19.94 -35.21
N ALA E 73 -12.38 18.86 -35.31
CA ALA E 73 -12.37 18.01 -36.49
C ALA E 73 -12.77 18.81 -37.74
N TYR E 74 -13.80 19.65 -37.58
CA TYR E 74 -14.30 20.46 -38.66
C TYR E 74 -13.25 21.43 -39.24
N THR E 75 -12.67 22.26 -38.38
CA THR E 75 -11.66 23.23 -38.80
C THR E 75 -10.41 22.54 -39.35
N GLY E 76 -10.18 21.32 -38.88
CA GLY E 76 -9.03 20.55 -39.32
C GLY E 76 -9.29 20.07 -40.73
N LEU E 77 -10.52 19.63 -41.00
CA LEU E 77 -10.85 19.15 -42.32
C LEU E 77 -10.80 20.30 -43.34
N LEU E 78 -11.30 21.46 -42.93
CA LEU E 78 -11.30 22.65 -43.79
C LEU E 78 -9.88 22.99 -44.21
N ARG E 79 -8.92 22.58 -43.40
CA ARG E 79 -7.51 22.86 -43.67
C ARG E 79 -6.94 21.72 -44.52
N GLY E 80 -7.69 20.64 -44.63
CA GLY E 80 -7.25 19.50 -45.41
C GLY E 80 -6.44 18.45 -44.63
N ASP E 81 -6.50 18.50 -43.30
CA ASP E 81 -5.75 17.53 -42.51
C ASP E 81 -6.47 16.19 -42.61
N ARG E 82 -5.73 15.11 -42.39
CA ARG E 82 -6.32 13.77 -42.40
C ARG E 82 -6.56 13.37 -40.95
N MET E 83 -7.39 12.37 -40.72
CA MET E 83 -7.62 11.97 -39.36
C MET E 83 -8.26 10.61 -39.15
N VAL E 84 -8.05 10.11 -37.94
CA VAL E 84 -8.59 8.84 -37.50
C VAL E 84 -9.47 9.23 -36.34
N ILE E 85 -10.72 8.81 -36.37
CA ILE E 85 -11.63 9.19 -35.31
C ILE E 85 -12.27 8.01 -34.63
N VAL E 86 -12.00 7.84 -33.34
CA VAL E 86 -12.66 6.78 -32.59
C VAL E 86 -14.03 7.44 -32.41
N ASP E 87 -14.98 7.04 -33.27
CA ASP E 87 -16.29 7.64 -33.27
C ASP E 87 -17.46 6.78 -32.85
N PRO E 88 -17.92 6.97 -31.59
CA PRO E 88 -19.05 6.21 -31.06
C PRO E 88 -20.35 6.59 -31.80
N ASN E 89 -21.13 5.57 -32.13
CA ASN E 89 -22.41 5.69 -32.84
C ASN E 89 -22.29 6.50 -34.13
N GLY E 90 -21.12 6.44 -34.75
CA GLY E 90 -20.89 7.13 -36.00
C GLY E 90 -21.33 8.58 -36.06
N ASP E 91 -21.35 9.26 -34.91
CA ASP E 91 -21.75 10.66 -34.92
C ASP E 91 -20.86 11.45 -35.89
N MET E 92 -19.57 11.45 -35.64
CA MET E 92 -18.61 12.17 -36.47
C MET E 92 -18.71 11.77 -37.95
N LEU E 93 -18.82 10.48 -38.20
CA LEU E 93 -18.93 9.96 -39.57
C LEU E 93 -20.11 10.56 -40.32
N SER E 94 -21.26 10.65 -39.66
CA SER E 94 -22.46 11.18 -40.28
C SER E 94 -22.40 12.67 -40.58
N LYS E 95 -21.47 13.39 -39.96
CA LYS E 95 -21.38 14.83 -40.20
C LYS E 95 -20.20 15.20 -41.09
N PHE E 96 -19.12 14.43 -41.02
CA PHE E 96 -17.93 14.74 -41.80
C PHE E 96 -17.45 13.67 -42.77
N GLY E 97 -18.08 12.50 -42.74
CA GLY E 97 -17.65 11.43 -43.64
C GLY E 97 -17.90 11.66 -45.12
N ARG E 98 -16.84 11.58 -45.92
CA ARG E 98 -16.94 11.75 -47.36
C ARG E 98 -16.99 10.37 -47.98
N ASP E 99 -17.07 10.30 -49.30
CA ASP E 99 -17.16 9.01 -49.98
C ASP E 99 -15.84 8.24 -50.03
N LYS E 100 -14.73 8.97 -50.01
CA LYS E 100 -13.39 8.36 -50.05
C LYS E 100 -12.91 7.92 -48.66
N ASP E 101 -13.68 8.25 -47.63
CA ASP E 101 -13.31 7.91 -46.26
C ASP E 101 -13.59 6.48 -45.89
N ILE E 102 -12.70 5.94 -45.05
CA ILE E 102 -12.75 4.57 -44.58
C ILE E 102 -13.60 4.42 -43.34
N ILE E 103 -14.14 3.23 -43.17
CA ILE E 103 -14.97 2.92 -42.01
C ILE E 103 -14.59 1.55 -41.50
N LEU E 104 -14.31 1.47 -40.21
CA LEU E 104 -13.98 0.21 -39.59
C LEU E 104 -15.02 -0.08 -38.51
N ASN E 105 -15.87 -1.07 -38.80
CA ASN E 105 -16.94 -1.51 -37.91
C ASN E 105 -17.35 -2.88 -38.44
N PRO E 106 -17.14 -3.94 -37.64
CA PRO E 106 -17.50 -5.29 -38.09
C PRO E 106 -18.97 -5.49 -38.42
N TYR E 107 -19.84 -4.62 -37.90
CA TYR E 107 -21.28 -4.72 -38.13
C TYR E 107 -21.90 -3.66 -39.06
N ASP E 108 -21.05 -2.90 -39.75
CA ASP E 108 -21.52 -1.88 -40.69
C ASP E 108 -21.28 -2.38 -42.11
N GLN E 109 -22.31 -2.31 -42.95
CA GLN E 109 -22.26 -2.75 -44.34
C GLN E 109 -21.11 -2.11 -45.13
N ARG E 110 -20.76 -0.88 -44.76
CA ARG E 110 -19.72 -0.12 -45.41
C ARG E 110 -18.28 -0.36 -44.95
N THR E 111 -18.11 -1.13 -43.89
CA THR E 111 -16.79 -1.39 -43.34
C THR E 111 -15.85 -2.02 -44.37
N LYS E 112 -14.55 -1.90 -44.10
CA LYS E 112 -13.53 -2.47 -44.96
C LYS E 112 -13.19 -3.83 -44.36
N GLY E 113 -12.58 -4.71 -45.15
CA GLY E 113 -12.25 -6.01 -44.64
C GLY E 113 -10.90 -5.89 -44.01
N TRP E 114 -10.71 -6.47 -42.82
CA TRP E 114 -9.42 -6.36 -42.15
C TRP E 114 -9.05 -7.54 -41.24
N SER E 115 -7.74 -7.72 -41.13
CA SER E 115 -7.10 -8.76 -40.31
C SER E 115 -5.76 -8.16 -39.93
N PHE E 116 -5.27 -8.43 -38.72
CA PHE E 116 -3.99 -7.87 -38.36
C PHE E 116 -2.93 -8.39 -39.30
N PHE E 117 -3.22 -9.50 -39.96
CA PHE E 117 -2.28 -10.07 -40.90
C PHE E 117 -1.89 -9.03 -41.93
N ASN E 118 -2.86 -8.16 -42.27
CA ASN E 118 -2.71 -7.07 -43.25
C ASN E 118 -1.67 -6.01 -42.90
N GLU E 119 -1.18 -6.02 -41.67
CA GLU E 119 -0.21 -5.03 -41.24
C GLU E 119 1.19 -5.59 -41.14
N ILE E 120 1.35 -6.90 -41.26
CA ILE E 120 2.67 -7.52 -41.16
C ILE E 120 3.49 -7.29 -42.43
N ARG E 121 4.69 -6.74 -42.27
CA ARG E 121 5.56 -6.53 -43.43
C ARG E 121 6.97 -7.05 -43.18
N ASN E 122 7.39 -7.03 -41.92
CA ASN E 122 8.71 -7.51 -41.52
C ASN E 122 8.50 -8.50 -40.41
N ASP E 123 9.57 -9.11 -39.94
CA ASP E 123 9.41 -10.09 -38.88
C ASP E 123 9.14 -9.45 -37.52
N TYR E 124 9.74 -8.30 -37.25
CA TYR E 124 9.55 -7.63 -35.97
C TYR E 124 8.12 -7.15 -35.83
N ASP E 125 7.37 -7.22 -36.93
CA ASP E 125 5.99 -6.77 -36.95
C ASP E 125 5.00 -7.73 -36.28
N TRP E 126 5.42 -8.97 -36.08
CA TRP E 126 4.54 -9.94 -35.44
C TRP E 126 4.28 -9.59 -33.97
N GLN E 127 5.33 -9.42 -33.18
CA GLN E 127 5.13 -9.06 -31.77
C GLN E 127 4.56 -7.64 -31.66
N ARG E 128 4.98 -6.79 -32.58
CA ARG E 128 4.55 -5.41 -32.64
C ARG E 128 3.04 -5.29 -32.62
N TYR E 129 2.40 -6.12 -33.43
CA TYR E 129 0.96 -6.09 -33.52
C TYR E 129 0.25 -7.09 -32.61
N ALA E 130 0.98 -8.03 -32.01
CA ALA E 130 0.33 -8.96 -31.09
C ALA E 130 0.08 -8.09 -29.85
N LEU E 131 0.88 -7.04 -29.74
CA LEU E 131 0.80 -6.05 -28.65
C LEU E 131 -0.46 -5.23 -28.84
N SER E 132 -0.85 -5.06 -30.10
CA SER E 132 -2.05 -4.31 -30.44
C SER E 132 -3.28 -5.17 -30.22
N VAL E 133 -3.20 -6.43 -30.63
CA VAL E 133 -4.30 -7.36 -30.51
C VAL E 133 -4.54 -7.70 -29.05
N VAL E 134 -3.43 -7.99 -28.35
CA VAL E 134 -3.43 -8.35 -26.93
C VAL E 134 -2.89 -7.16 -26.13
N PRO E 135 -3.76 -6.22 -25.71
CA PRO E 135 -3.31 -5.06 -24.94
C PRO E 135 -2.70 -5.43 -23.60
N ARG E 136 -2.06 -4.45 -22.97
CA ARG E 136 -1.42 -4.68 -21.67
C ARG E 136 -2.42 -5.09 -20.62
N GLY E 137 -2.07 -6.06 -19.80
CA GLY E 137 -2.98 -6.48 -18.74
C GLY E 137 -3.13 -5.40 -17.67
N LYS E 138 -4.33 -5.29 -17.10
CA LYS E 138 -4.61 -4.26 -16.06
C LYS E 138 -3.68 -4.39 -14.85
N THR E 139 -3.38 -5.63 -14.49
CA THR E 139 -2.51 -5.91 -13.36
C THR E 139 -1.27 -6.63 -13.84
N ASP E 140 -0.28 -6.71 -12.98
CA ASP E 140 0.97 -7.37 -13.33
C ASP E 140 0.73 -8.81 -13.70
N GLU E 141 -0.11 -9.48 -12.91
CA GLU E 141 -0.39 -10.88 -13.20
C GLU E 141 -1.12 -11.04 -14.55
N ALA E 142 -2.14 -10.22 -14.81
CA ALA E 142 -2.88 -10.29 -16.07
C ALA E 142 -1.99 -10.02 -17.29
N GLU E 143 -0.94 -9.22 -17.09
CA GLU E 143 -0.01 -8.89 -18.16
C GLU E 143 0.91 -10.08 -18.39
N GLU E 144 1.18 -10.85 -17.33
CA GLU E 144 2.00 -12.04 -17.46
C GLU E 144 1.26 -12.99 -18.42
N TRP E 145 -0.03 -13.21 -18.17
CA TRP E 145 -0.84 -14.06 -19.03
C TRP E 145 -0.84 -13.47 -20.43
N ALA E 146 -1.09 -12.16 -20.52
CA ALA E 146 -1.14 -11.47 -21.79
C ALA E 146 0.12 -11.74 -22.61
N SER E 147 1.27 -11.82 -21.94
CA SER E 147 2.53 -12.06 -22.64
C SER E 147 2.61 -13.46 -23.23
N TYR E 148 1.97 -14.43 -22.54
CA TYR E 148 1.92 -15.82 -22.98
C TYR E 148 0.98 -15.87 -24.18
N GLY E 149 -0.07 -15.06 -24.09
CA GLY E 149 -1.04 -14.98 -25.16
C GLY E 149 -0.43 -14.42 -26.43
N ARG E 150 0.49 -13.45 -26.32
CA ARG E 150 1.09 -12.90 -27.50
C ARG E 150 2.11 -13.89 -28.07
N LEU E 151 2.74 -14.68 -27.21
CA LEU E 151 3.72 -15.67 -27.66
C LEU E 151 3.00 -16.71 -28.51
N LEU E 152 1.86 -17.16 -27.98
CA LEU E 152 1.02 -18.16 -28.66
C LEU E 152 0.46 -17.53 -29.92
N LEU E 153 -0.02 -16.30 -29.81
CA LEU E 153 -0.60 -15.61 -30.95
C LEU E 153 0.41 -15.40 -32.08
N ARG E 154 1.55 -14.82 -31.78
CA ARG E 154 2.55 -14.54 -32.80
C ARG E 154 3.16 -15.79 -33.46
N GLU E 155 3.42 -16.84 -32.69
CA GLU E 155 4.02 -18.04 -33.25
C GLU E 155 3.05 -18.86 -34.07
N THR E 156 1.79 -18.83 -33.67
CA THR E 156 0.74 -19.56 -34.37
C THR E 156 0.39 -18.83 -35.66
N ALA E 157 0.16 -17.53 -35.54
CA ALA E 157 -0.20 -16.69 -36.68
C ALA E 157 0.95 -16.57 -37.68
N LYS E 158 2.17 -16.78 -37.21
CA LYS E 158 3.32 -16.67 -38.09
C LYS E 158 3.39 -17.92 -38.97
N LYS E 159 3.14 -19.08 -38.35
CA LYS E 159 3.17 -20.35 -39.05
C LYS E 159 2.07 -20.42 -40.06
N LEU E 160 0.86 -20.10 -39.63
CA LEU E 160 -0.28 -20.11 -40.53
C LEU E 160 0.02 -19.25 -41.75
N ALA E 161 0.79 -18.17 -41.57
CA ALA E 161 1.15 -17.29 -42.67
C ALA E 161 2.16 -17.98 -43.57
N LEU E 162 3.12 -18.65 -42.95
CA LEU E 162 4.15 -19.38 -43.67
C LEU E 162 3.60 -20.44 -44.58
N ILE E 163 2.69 -21.26 -44.04
CA ILE E 163 2.08 -22.35 -44.77
C ILE E 163 0.97 -21.92 -45.72
N GLY E 164 0.89 -20.62 -45.99
CA GLY E 164 -0.12 -20.12 -46.91
C GLY E 164 -1.54 -19.95 -46.40
N THR E 165 -1.80 -20.20 -45.11
CA THR E 165 -3.17 -20.01 -44.63
C THR E 165 -3.38 -18.94 -43.56
N PRO E 166 -3.16 -17.66 -43.91
CA PRO E 166 -3.32 -16.57 -42.94
C PRO E 166 -4.80 -16.36 -42.58
N SER E 167 -5.40 -17.39 -41.98
CA SER E 167 -6.81 -17.39 -41.58
C SER E 167 -7.04 -17.05 -40.11
N MET E 168 -7.93 -16.10 -39.86
CA MET E 168 -8.24 -15.72 -38.49
C MET E 168 -9.07 -16.82 -37.87
N ARG E 169 -9.81 -17.52 -38.71
CA ARG E 169 -10.64 -18.62 -38.22
C ARG E 169 -9.75 -19.77 -37.80
N GLU E 170 -8.69 -20.01 -38.55
CA GLU E 170 -7.77 -21.10 -38.22
C GLU E 170 -6.96 -20.73 -36.98
N LEU E 171 -6.51 -19.48 -36.92
CA LEU E 171 -5.74 -18.98 -35.80
C LEU E 171 -6.59 -19.10 -34.55
N PHE E 172 -7.87 -18.79 -34.67
CA PHE E 172 -8.77 -18.85 -33.52
C PHE E 172 -9.01 -20.30 -33.15
N HIS E 173 -9.09 -21.18 -34.15
CA HIS E 173 -9.30 -22.60 -33.89
C HIS E 173 -8.16 -23.18 -33.09
N TRP E 174 -6.95 -22.97 -33.60
CA TRP E 174 -5.74 -23.48 -32.96
C TRP E 174 -5.56 -22.96 -31.55
N THR E 175 -5.65 -21.65 -31.41
CA THR E 175 -5.46 -21.02 -30.12
C THR E 175 -6.52 -21.25 -29.05
N THR E 176 -7.78 -21.48 -29.41
CA THR E 176 -8.76 -21.67 -28.35
C THR E 176 -9.71 -22.86 -28.51
N ILE E 177 -9.64 -23.55 -29.64
CA ILE E 177 -10.50 -24.70 -29.88
C ILE E 177 -9.80 -26.04 -29.94
N ALA E 178 -8.72 -26.12 -30.72
CA ALA E 178 -8.00 -27.38 -30.84
C ALA E 178 -7.58 -27.88 -29.45
N THR E 179 -7.43 -29.19 -29.30
CA THR E 179 -7.02 -29.76 -28.01
C THR E 179 -5.60 -29.34 -27.73
N PHE E 180 -5.22 -29.47 -26.46
CA PHE E 180 -3.88 -29.12 -26.01
C PHE E 180 -2.80 -29.80 -26.84
N ASP E 181 -2.96 -31.09 -27.04
CA ASP E 181 -1.99 -31.85 -27.80
C ASP E 181 -1.89 -31.38 -29.24
N ASP E 182 -3.03 -31.22 -29.92
CA ASP E 182 -3.04 -30.78 -31.32
C ASP E 182 -2.33 -29.43 -31.47
N LEU E 183 -2.69 -28.51 -30.58
CA LEU E 183 -2.09 -27.18 -30.58
C LEU E 183 -0.60 -27.40 -30.42
N ARG E 184 -0.24 -28.16 -29.40
CA ARG E 184 1.16 -28.49 -29.09
C ARG E 184 1.85 -28.97 -30.35
N GLY E 185 1.18 -29.88 -31.04
CA GLY E 185 1.72 -30.43 -32.27
C GLY E 185 1.87 -29.34 -33.31
N PHE E 186 0.83 -28.55 -33.51
CA PHE E 186 0.89 -27.48 -34.47
C PHE E 186 2.07 -26.55 -34.21
N LEU E 187 2.35 -26.30 -32.92
CA LEU E 187 3.45 -25.41 -32.50
C LEU E 187 4.86 -25.97 -32.70
N GLU E 188 4.97 -27.27 -32.91
CA GLU E 188 6.27 -27.88 -33.12
C GLU E 188 6.91 -27.19 -34.32
N GLY E 189 8.19 -26.85 -34.22
CA GLY E 189 8.85 -26.18 -35.32
C GLY E 189 8.90 -24.67 -35.17
N THR E 190 8.06 -24.16 -34.27
CA THR E 190 7.99 -22.74 -33.98
C THR E 190 8.71 -22.50 -32.65
N LEU E 191 9.15 -21.27 -32.43
CA LEU E 191 9.86 -20.92 -31.20
C LEU E 191 9.07 -21.34 -29.93
N ALA E 192 7.74 -21.41 -30.05
CA ALA E 192 6.82 -21.79 -28.96
C ALA E 192 6.72 -23.29 -28.78
N GLU E 193 7.46 -24.04 -29.59
CA GLU E 193 7.41 -25.49 -29.50
C GLU E 193 7.69 -25.98 -28.10
N SER E 194 8.87 -25.63 -27.61
CA SER E 194 9.31 -26.06 -26.29
C SER E 194 8.80 -25.19 -25.16
N LEU E 195 8.77 -23.90 -25.39
CA LEU E 195 8.34 -22.97 -24.38
C LEU E 195 7.10 -23.39 -23.61
N PHE E 196 6.10 -23.90 -24.32
CA PHE E 196 4.85 -24.32 -23.68
C PHE E 196 4.82 -25.79 -23.30
N ALA E 197 5.98 -26.38 -23.06
CA ALA E 197 6.01 -27.79 -22.68
C ALA E 197 7.15 -28.04 -21.72
N GLY E 198 7.07 -29.15 -20.98
CA GLY E 198 8.14 -29.49 -20.04
C GLY E 198 7.88 -29.44 -18.54
N SER E 199 6.74 -28.91 -18.12
CA SER E 199 6.42 -28.82 -16.70
C SER E 199 4.99 -28.36 -16.55
N ASN E 200 4.51 -28.34 -15.31
CA ASN E 200 3.16 -27.89 -15.06
C ASN E 200 3.11 -26.38 -15.36
N GLU E 201 4.20 -25.69 -15.03
CA GLU E 201 4.28 -24.25 -15.27
C GLU E 201 4.15 -23.93 -16.76
N ALA E 202 4.81 -24.72 -17.60
CA ALA E 202 4.73 -24.55 -19.05
C ALA E 202 3.28 -24.77 -19.56
N SER E 203 2.59 -25.78 -19.01
CA SER E 203 1.20 -26.10 -19.37
C SER E 203 0.24 -25.04 -18.85
N LYS E 204 0.57 -24.51 -17.68
CA LYS E 204 -0.24 -23.47 -17.06
C LYS E 204 -0.15 -22.21 -17.94
N ALA E 205 1.07 -21.89 -18.38
CA ALA E 205 1.32 -20.72 -19.23
C ALA E 205 0.50 -20.80 -20.53
N LEU E 206 0.43 -21.99 -21.09
CA LEU E 206 -0.30 -22.23 -22.32
C LEU E 206 -1.78 -21.98 -22.04
N THR E 207 -2.28 -22.57 -20.96
CA THR E 207 -3.68 -22.44 -20.58
C THR E 207 -4.09 -21.00 -20.41
N SER E 208 -3.16 -20.17 -19.93
CA SER E 208 -3.45 -18.76 -19.72
C SER E 208 -3.41 -18.02 -21.02
N ALA E 209 -2.53 -18.48 -21.92
CA ALA E 209 -2.39 -17.87 -23.24
C ALA E 209 -3.71 -18.09 -23.99
N ARG E 210 -4.30 -19.28 -23.82
CA ARG E 210 -5.55 -19.63 -24.48
C ARG E 210 -6.74 -18.81 -24.02
N PHE E 211 -6.83 -18.58 -22.72
CA PHE E 211 -7.92 -17.80 -22.16
C PHE E 211 -7.85 -16.37 -22.61
N VAL E 212 -6.65 -15.83 -22.67
CA VAL E 212 -6.50 -14.45 -23.10
C VAL E 212 -6.98 -14.31 -24.55
N LEU E 213 -6.42 -15.15 -25.41
CA LEU E 213 -6.76 -15.14 -26.82
C LEU E 213 -8.24 -15.38 -27.07
N SER E 214 -8.88 -16.19 -26.22
CA SER E 214 -10.30 -16.45 -26.42
C SER E 214 -11.11 -15.24 -26.03
N ASP E 215 -10.51 -14.36 -25.20
CA ASP E 215 -11.17 -13.13 -24.75
C ASP E 215 -10.96 -12.00 -25.75
N LYS E 216 -9.75 -11.95 -26.33
CA LYS E 216 -9.42 -10.90 -27.28
C LYS E 216 -9.80 -11.15 -28.75
N LEU E 217 -9.49 -12.33 -29.25
CA LEU E 217 -9.74 -12.71 -30.64
C LEU E 217 -11.14 -12.73 -31.23
N PRO E 218 -12.16 -13.17 -30.46
CA PRO E 218 -13.52 -13.22 -30.99
C PRO E 218 -13.93 -12.22 -32.08
N GLU E 219 -13.95 -10.94 -31.78
CA GLU E 219 -14.36 -9.93 -32.75
C GLU E 219 -13.44 -9.82 -33.95
N HIS E 220 -12.21 -10.27 -33.78
CA HIS E 220 -11.19 -10.25 -34.84
C HIS E 220 -11.56 -11.29 -35.89
N VAL E 221 -12.13 -12.40 -35.40
CA VAL E 221 -12.57 -13.54 -36.21
C VAL E 221 -13.80 -13.18 -37.03
N THR E 222 -14.85 -12.72 -36.34
CA THR E 222 -16.12 -12.35 -36.94
C THR E 222 -16.03 -11.04 -37.73
N MET E 223 -14.82 -10.50 -37.84
CA MET E 223 -14.61 -9.25 -38.55
C MET E 223 -14.55 -9.54 -40.05
N PRO E 224 -15.43 -8.88 -40.83
CA PRO E 224 -15.47 -9.06 -42.30
C PRO E 224 -14.06 -9.05 -42.90
N ASP E 225 -13.77 -10.00 -43.77
CA ASP E 225 -12.46 -10.09 -44.39
C ASP E 225 -12.17 -9.13 -45.54
N GLY E 226 -10.91 -8.74 -45.68
CA GLY E 226 -10.54 -7.81 -46.74
C GLY E 226 -9.04 -7.71 -46.80
N ASP E 227 -8.52 -6.86 -47.69
CA ASP E 227 -7.08 -6.67 -47.83
C ASP E 227 -6.65 -5.31 -47.28
N PHE E 228 -7.58 -4.64 -46.59
CA PHE E 228 -7.32 -3.32 -46.04
C PHE E 228 -6.19 -3.29 -45.02
N SER E 229 -5.30 -2.31 -45.18
CA SER E 229 -4.16 -2.16 -44.29
C SER E 229 -4.09 -0.74 -43.77
N ILE E 230 -4.20 -0.59 -42.45
CA ILE E 230 -4.14 0.72 -41.80
C ILE E 230 -2.79 1.35 -42.08
N ARG E 231 -1.75 0.53 -42.22
CA ARG E 231 -0.42 1.07 -42.50
C ARG E 231 -0.43 1.68 -43.89
N SER E 232 -0.90 0.90 -44.87
CA SER E 232 -0.95 1.34 -46.27
C SER E 232 -1.77 2.61 -46.39
N TRP E 233 -2.90 2.61 -45.70
CA TRP E 233 -3.82 3.75 -45.68
C TRP E 233 -3.11 5.02 -45.23
N LEU E 234 -2.27 4.91 -44.20
CA LEU E 234 -1.54 6.05 -43.63
C LEU E 234 -0.54 6.62 -44.63
N GLU E 235 0.09 5.74 -45.41
CA GLU E 235 1.08 6.14 -46.39
C GLU E 235 0.45 6.76 -47.62
N ASP E 236 -0.83 6.47 -47.83
CA ASP E 236 -1.57 6.98 -48.97
C ASP E 236 -2.16 8.36 -48.69
N PRO E 237 -1.60 9.43 -49.32
CA PRO E 237 -2.07 10.82 -49.14
C PRO E 237 -3.53 11.03 -49.53
N ASN E 238 -3.90 10.42 -50.65
CA ASN E 238 -5.25 10.51 -51.17
C ASN E 238 -6.19 9.60 -50.39
N GLY E 239 -5.62 8.82 -49.47
CA GLY E 239 -6.42 7.94 -48.63
C GLY E 239 -7.34 8.89 -47.90
N GLY E 240 -8.51 8.43 -47.50
CA GLY E 240 -9.42 9.34 -46.84
C GLY E 240 -9.11 9.59 -45.38
N ASN E 241 -10.16 9.49 -44.58
CA ASN E 241 -10.07 9.65 -43.15
C ASN E 241 -10.64 8.34 -42.62
N LEU E 242 -10.16 7.90 -41.48
CA LEU E 242 -10.64 6.64 -40.94
C LEU E 242 -11.60 6.91 -39.81
N PHE E 243 -12.78 6.29 -39.88
CA PHE E 243 -13.78 6.42 -38.85
C PHE E 243 -13.96 5.05 -38.21
N ILE E 244 -13.68 4.95 -36.93
CA ILE E 244 -13.87 3.70 -36.22
C ILE E 244 -15.17 3.90 -35.47
N THR E 245 -16.23 3.25 -35.94
CA THR E 245 -17.53 3.40 -35.32
C THR E 245 -18.05 2.11 -34.66
N TRP E 246 -19.11 2.23 -33.88
CA TRP E 246 -19.74 1.09 -33.21
C TRP E 246 -20.98 1.54 -32.44
N ARG E 247 -21.92 0.62 -32.27
CA ARG E 247 -23.12 0.95 -31.54
C ARG E 247 -22.80 0.80 -30.07
N GLU E 248 -23.18 1.83 -29.30
CA GLU E 248 -22.92 1.85 -27.88
C GLU E 248 -23.19 0.59 -27.10
N ASP E 249 -24.31 -0.08 -27.37
CA ASP E 249 -24.63 -1.31 -26.63
C ASP E 249 -23.64 -2.45 -26.86
N MET E 250 -22.73 -2.25 -27.81
CA MET E 250 -21.70 -3.24 -28.15
C MET E 250 -20.31 -2.76 -27.77
N GLY E 251 -20.25 -1.61 -27.11
CA GLY E 251 -18.97 -1.05 -26.71
C GLY E 251 -18.08 -2.00 -25.93
N PRO E 252 -18.61 -2.70 -24.92
CA PRO E 252 -17.81 -3.65 -24.14
C PRO E 252 -17.30 -4.84 -24.94
N ALA E 253 -18.10 -5.29 -25.88
CA ALA E 253 -17.74 -6.43 -26.72
C ALA E 253 -16.64 -6.07 -27.71
N LEU E 254 -16.69 -4.84 -28.23
CA LEU E 254 -15.73 -4.35 -29.21
C LEU E 254 -14.54 -3.62 -28.57
N ARG E 255 -14.50 -3.56 -27.25
CA ARG E 255 -13.41 -2.85 -26.57
C ARG E 255 -12.04 -3.35 -27.02
N PRO E 256 -11.82 -4.68 -26.97
CA PRO E 256 -10.53 -5.22 -27.40
C PRO E 256 -10.14 -5.02 -28.88
N LEU E 257 -11.13 -5.01 -29.76
CA LEU E 257 -10.87 -4.82 -31.18
C LEU E 257 -10.59 -3.35 -31.50
N ILE E 258 -11.44 -2.47 -30.99
CA ILE E 258 -11.28 -1.04 -31.22
C ILE E 258 -9.91 -0.60 -30.68
N SER E 259 -9.50 -1.16 -29.54
CA SER E 259 -8.21 -0.86 -28.90
C SER E 259 -7.06 -1.30 -29.81
N ALA E 260 -7.28 -2.45 -30.46
CA ALA E 260 -6.32 -3.00 -31.40
C ALA E 260 -6.08 -1.99 -32.52
N TRP E 261 -7.16 -1.48 -33.12
CA TRP E 261 -7.01 -0.52 -34.22
C TRP E 261 -6.33 0.77 -33.79
N VAL E 262 -6.73 1.28 -32.63
CA VAL E 262 -6.14 2.51 -32.13
C VAL E 262 -4.67 2.32 -31.90
N ASP E 263 -4.32 1.16 -31.34
CA ASP E 263 -2.94 0.88 -31.07
C ASP E 263 -2.17 0.70 -32.39
N VAL E 264 -2.80 0.06 -33.38
CA VAL E 264 -2.15 -0.15 -34.67
C VAL E 264 -1.76 1.16 -35.32
N VAL E 265 -2.57 2.18 -35.13
CA VAL E 265 -2.25 3.49 -35.71
C VAL E 265 -1.06 4.05 -34.93
N CYS E 266 -1.05 3.84 -33.62
CA CYS E 266 0.01 4.32 -32.75
C CYS E 266 1.40 3.82 -33.06
N THR E 267 1.51 2.56 -33.46
CA THR E 267 2.81 2.01 -33.76
C THR E 267 3.14 2.36 -35.18
N SER E 268 2.18 2.17 -36.06
CA SER E 268 2.36 2.39 -37.47
C SER E 268 2.87 3.76 -37.92
N ILE E 269 2.42 4.82 -37.26
CA ILE E 269 2.86 6.16 -37.66
C ILE E 269 4.37 6.30 -37.43
N LEU E 270 4.91 5.43 -36.59
CA LEU E 270 6.34 5.43 -36.26
C LEU E 270 7.17 4.86 -37.41
N SER E 271 6.50 4.25 -38.38
CA SER E 271 7.21 3.68 -39.52
C SER E 271 6.96 4.44 -40.83
N LEU E 272 6.03 5.40 -40.81
CA LEU E 272 5.74 6.18 -42.00
C LEU E 272 7.00 6.88 -42.48
N PRO E 273 7.12 7.13 -43.79
CA PRO E 273 8.29 7.80 -44.32
C PRO E 273 8.27 9.26 -43.96
N GLU E 274 9.45 9.81 -43.71
CA GLU E 274 9.59 11.21 -43.34
C GLU E 274 8.86 12.14 -44.30
N GLU E 275 7.76 12.70 -43.83
CA GLU E 275 6.98 13.62 -44.65
C GLU E 275 6.53 14.81 -43.82
N PRO E 276 7.28 15.94 -43.92
CA PRO E 276 7.04 17.20 -43.22
C PRO E 276 5.64 17.79 -43.43
N LYS E 277 5.06 17.50 -44.59
CA LYS E 277 3.73 18.01 -44.94
C LYS E 277 2.56 17.25 -44.32
N ARG E 278 2.83 16.08 -43.74
CA ARG E 278 1.75 15.31 -43.15
C ARG E 278 1.19 15.90 -41.85
N ARG E 279 -0.13 15.85 -41.72
CA ARG E 279 -0.85 16.32 -40.54
C ARG E 279 -1.95 15.30 -40.25
N LEU E 280 -1.68 14.36 -39.35
CA LEU E 280 -2.64 13.32 -39.02
C LEU E 280 -3.18 13.43 -37.58
N TRP E 281 -4.50 13.49 -37.47
CA TRP E 281 -5.13 13.60 -36.16
C TRP E 281 -5.66 12.27 -35.66
N LEU E 282 -5.54 12.06 -34.35
CA LEU E 282 -6.05 10.85 -33.75
C LEU E 282 -7.01 11.33 -32.66
N PHE E 283 -8.29 11.09 -32.89
CA PHE E 283 -9.34 11.47 -31.97
C PHE E 283 -9.81 10.26 -31.18
N ILE E 284 -9.57 10.28 -29.88
CA ILE E 284 -9.99 9.20 -29.00
C ILE E 284 -10.97 9.87 -28.06
N ASP E 285 -12.26 9.80 -28.39
CA ASP E 285 -13.29 10.44 -27.59
C ASP E 285 -13.14 10.23 -26.08
N GLU E 286 -12.87 8.99 -25.65
CA GLU E 286 -12.71 8.73 -24.23
C GLU E 286 -11.59 7.72 -24.05
N LEU E 287 -10.42 8.25 -23.77
CA LEU E 287 -9.21 7.48 -23.59
C LEU E 287 -9.29 6.35 -22.56
N ALA E 288 -9.96 6.61 -21.45
CA ALA E 288 -10.08 5.61 -20.40
C ALA E 288 -11.03 4.48 -20.78
N SER E 289 -11.69 4.65 -21.93
CA SER E 289 -12.64 3.65 -22.42
C SER E 289 -12.02 2.52 -23.26
N LEU E 290 -10.77 2.70 -23.70
CA LEU E 290 -10.07 1.70 -24.47
C LEU E 290 -9.28 0.85 -23.46
N GLU E 291 -8.52 -0.14 -23.93
CA GLU E 291 -7.73 -0.92 -22.98
C GLU E 291 -6.36 -0.25 -22.78
N LYS E 292 -5.51 -0.86 -21.97
CA LYS E 292 -4.18 -0.29 -21.73
C LYS E 292 -3.37 -0.42 -23.01
N LEU E 293 -3.42 0.62 -23.82
CA LEU E 293 -2.72 0.63 -25.10
C LEU E 293 -1.21 0.45 -24.97
N ALA E 294 -0.67 -0.53 -25.68
CA ALA E 294 0.75 -0.78 -25.61
C ALA E 294 1.65 0.28 -26.27
N SER E 295 1.19 0.93 -27.36
CA SER E 295 2.00 1.94 -28.08
C SER E 295 1.64 3.41 -27.96
N LEU E 296 0.57 3.72 -27.22
CA LEU E 296 0.14 5.10 -27.09
C LEU E 296 1.25 6.02 -26.59
N ALA E 297 1.93 5.58 -25.54
CA ALA E 297 3.00 6.35 -24.93
C ALA E 297 4.06 6.85 -25.92
N ASP E 298 4.61 5.93 -26.71
CA ASP E 298 5.62 6.33 -27.65
C ASP E 298 5.07 7.18 -28.78
N ALA E 299 3.80 6.99 -29.10
CA ALA E 299 3.17 7.77 -30.16
C ALA E 299 3.06 9.23 -29.72
N LEU E 300 2.76 9.43 -28.44
CA LEU E 300 2.60 10.77 -27.88
C LEU E 300 3.94 11.43 -27.64
N THR E 301 5.00 10.70 -27.92
CA THR E 301 6.33 11.20 -27.67
C THR E 301 7.25 11.19 -28.89
N LYS E 302 6.97 10.32 -29.85
CA LYS E 302 7.81 10.22 -31.03
C LYS E 302 7.03 10.40 -32.32
N GLY E 303 5.86 11.03 -32.23
CA GLY E 303 5.05 11.19 -33.42
C GLY E 303 5.12 12.53 -34.12
N ARG E 304 5.95 13.44 -33.62
CA ARG E 304 6.07 14.77 -34.24
C ARG E 304 6.51 14.69 -35.72
N LYS E 305 7.50 13.85 -36.00
CA LYS E 305 8.02 13.67 -37.34
C LYS E 305 7.00 13.16 -38.31
N ALA E 306 6.14 12.29 -37.83
CA ALA E 306 5.08 11.70 -38.64
C ALA E 306 3.92 12.68 -38.77
N GLY E 307 3.94 13.71 -37.92
CA GLY E 307 2.88 14.70 -37.94
C GLY E 307 1.68 14.32 -37.10
N LEU E 308 1.86 13.38 -36.16
CA LEU E 308 0.76 12.92 -35.31
C LEU E 308 0.26 14.01 -34.36
N ARG E 309 -1.06 14.10 -34.25
CA ARG E 309 -1.73 15.07 -33.39
C ARG E 309 -2.81 14.30 -32.65
N VAL E 310 -2.64 14.10 -31.36
CA VAL E 310 -3.63 13.35 -30.62
C VAL E 310 -4.51 14.22 -29.75
N VAL E 311 -5.81 13.92 -29.78
CA VAL E 311 -6.77 14.63 -28.97
C VAL E 311 -7.53 13.55 -28.23
N ALA E 312 -7.54 13.64 -26.90
CA ALA E 312 -8.22 12.65 -26.09
C ALA E 312 -9.05 13.31 -25.00
N GLY E 313 -10.12 12.61 -24.60
CA GLY E 313 -10.98 13.13 -23.56
C GLY E 313 -10.94 12.24 -22.34
N LEU E 314 -11.19 12.83 -21.18
CA LEU E 314 -11.21 12.14 -19.90
C LEU E 314 -12.30 12.77 -19.04
N GLN E 315 -12.69 12.10 -17.97
CA GLN E 315 -13.70 12.63 -17.08
C GLN E 315 -13.12 12.71 -15.68
N SER E 316 -12.87 11.54 -15.07
CA SER E 316 -12.31 11.45 -13.74
C SER E 316 -10.91 10.87 -13.80
N THR E 317 -10.01 11.47 -13.05
CA THR E 317 -8.63 11.05 -13.02
C THR E 317 -8.48 9.61 -12.57
N SER E 318 -9.52 9.05 -11.96
CA SER E 318 -9.49 7.66 -11.47
C SER E 318 -9.78 6.65 -12.59
N GLN E 319 -10.42 7.12 -13.66
CA GLN E 319 -10.74 6.27 -14.80
C GLN E 319 -9.45 5.78 -15.44
N LEU E 320 -8.66 6.74 -15.91
CA LEU E 320 -7.39 6.44 -16.56
C LEU E 320 -6.42 5.75 -15.59
N ASP E 321 -6.50 6.11 -14.31
CA ASP E 321 -5.66 5.52 -13.28
C ASP E 321 -5.95 4.03 -13.13
N ASP E 322 -7.22 3.66 -13.13
CA ASP E 322 -7.59 2.24 -12.95
C ASP E 322 -7.13 1.38 -14.14
N VAL E 323 -7.20 1.94 -15.35
CA VAL E 323 -6.82 1.22 -16.57
C VAL E 323 -5.30 1.08 -16.78
N TYR E 324 -4.59 2.20 -16.62
CA TYR E 324 -3.14 2.21 -16.81
C TYR E 324 -2.34 2.05 -15.53
N GLY E 325 -2.97 2.32 -14.40
CA GLY E 325 -2.26 2.26 -13.15
C GLY E 325 -1.90 3.71 -12.90
N VAL E 326 -1.72 4.07 -11.65
CA VAL E 326 -1.40 5.46 -11.32
C VAL E 326 -0.16 6.04 -11.98
N LYS E 327 0.96 5.32 -11.89
CA LYS E 327 2.21 5.80 -12.45
C LYS E 327 2.15 5.98 -13.95
N GLU E 328 1.71 4.94 -14.63
CA GLU E 328 1.62 4.94 -16.08
C GLU E 328 0.62 5.97 -16.60
N ALA E 329 -0.47 6.18 -15.87
CA ALA E 329 -1.51 7.13 -16.25
C ALA E 329 -0.97 8.56 -16.12
N GLN E 330 -0.18 8.81 -15.09
CA GLN E 330 0.41 10.13 -14.88
C GLN E 330 1.28 10.46 -16.08
N THR E 331 2.09 9.49 -16.50
CA THR E 331 2.98 9.62 -17.64
C THR E 331 2.20 9.92 -18.92
N LEU E 332 1.08 9.21 -19.08
CA LEU E 332 0.23 9.38 -20.24
C LEU E 332 -0.35 10.79 -20.30
N ARG E 333 -0.98 11.22 -19.20
CA ARG E 333 -1.58 12.55 -19.15
C ARG E 333 -0.51 13.62 -19.37
N ALA E 334 0.67 13.37 -18.82
CA ALA E 334 1.79 14.29 -18.91
C ALA E 334 2.26 14.55 -20.34
N SER E 335 1.97 13.60 -21.23
CA SER E 335 2.39 13.68 -22.63
C SER E 335 1.54 14.60 -23.51
N PHE E 336 0.44 15.13 -22.97
CA PHE E 336 -0.43 16.07 -23.68
C PHE E 336 -0.10 17.47 -23.13
N ARG E 337 0.56 18.26 -23.97
CA ARG E 337 0.98 19.61 -23.60
C ARG E 337 -0.11 20.69 -23.48
N SER E 338 -1.22 20.51 -24.20
CA SER E 338 -2.36 21.44 -24.18
C SER E 338 -3.50 20.83 -23.38
N LEU E 339 -4.14 21.62 -22.53
CA LEU E 339 -5.26 21.12 -21.71
C LEU E 339 -6.51 22.00 -21.79
N VAL E 340 -7.68 21.38 -21.68
CA VAL E 340 -8.96 22.08 -21.69
C VAL E 340 -9.80 21.49 -20.57
N VAL E 341 -10.20 22.34 -19.62
CA VAL E 341 -11.01 21.89 -18.48
C VAL E 341 -12.48 22.31 -18.69
N LEU E 342 -13.38 21.34 -18.75
CA LEU E 342 -14.81 21.63 -18.98
C LEU E 342 -15.69 21.62 -17.74
N GLY E 343 -15.12 21.50 -16.56
CA GLY E 343 -15.99 21.52 -15.39
C GLY E 343 -16.58 20.16 -15.15
N GLY E 344 -16.44 19.70 -13.89
CA GLY E 344 -16.92 18.40 -13.49
C GLY E 344 -17.94 18.46 -12.37
N SER E 345 -18.37 17.28 -11.96
CA SER E 345 -19.33 17.18 -10.90
C SER E 345 -18.74 17.63 -9.58
N ARG E 346 -19.57 18.14 -8.69
CA ARG E 346 -19.07 18.56 -7.40
C ARG E 346 -18.89 17.33 -6.51
N THR E 347 -19.34 16.18 -7.00
CA THR E 347 -19.20 14.93 -6.25
C THR E 347 -17.85 14.28 -6.51
N ASP E 348 -17.03 14.96 -7.32
CA ASP E 348 -15.70 14.48 -7.66
C ASP E 348 -14.64 15.54 -7.32
N PRO E 349 -14.54 15.87 -6.03
CA PRO E 349 -13.59 16.88 -5.55
C PRO E 349 -12.13 16.59 -5.93
N LYS E 350 -11.74 15.32 -5.92
CA LYS E 350 -10.37 14.96 -6.27
C LYS E 350 -9.96 15.40 -7.67
N THR E 351 -10.79 15.08 -8.66
CA THR E 351 -10.47 15.48 -10.03
C THR E 351 -10.54 17.01 -10.19
N ASN E 352 -11.47 17.67 -9.49
CA ASN E 352 -11.58 19.13 -9.60
C ASN E 352 -10.31 19.75 -9.06
N GLU E 353 -9.76 19.10 -8.05
CA GLU E 353 -8.53 19.52 -7.41
C GLU E 353 -7.37 19.34 -8.36
N ASP E 354 -7.34 18.19 -9.01
CA ASP E 354 -6.29 17.84 -9.95
C ASP E 354 -6.27 18.83 -11.09
N MET E 355 -7.44 19.16 -11.63
CA MET E 355 -7.54 20.10 -12.74
C MET E 355 -7.16 21.50 -12.29
N SER E 356 -7.60 21.87 -11.09
CA SER E 356 -7.29 23.17 -10.52
C SER E 356 -5.78 23.34 -10.43
N LEU E 357 -5.14 22.33 -9.86
CA LEU E 357 -3.71 22.31 -9.67
C LEU E 357 -2.99 22.35 -11.02
N SER E 358 -3.54 21.65 -12.01
CA SER E 358 -2.96 21.61 -13.35
C SER E 358 -3.03 22.99 -13.98
N LEU E 359 -4.15 23.67 -13.76
CA LEU E 359 -4.35 25.01 -14.29
C LEU E 359 -3.26 25.87 -13.64
N GLY E 360 -2.87 25.48 -12.44
CA GLY E 360 -1.79 26.16 -11.76
C GLY E 360 -2.16 27.32 -10.86
N GLU E 361 -1.14 27.81 -10.16
CA GLU E 361 -1.25 28.94 -9.25
C GLU E 361 -0.48 30.09 -9.87
N HIS E 362 -0.60 31.25 -9.24
CA HIS E 362 0.13 32.44 -9.66
C HIS E 362 0.52 33.16 -8.39
N GLU E 363 1.56 33.99 -8.47
CA GLU E 363 1.99 34.78 -7.32
C GLU E 363 1.71 36.22 -7.71
N VAL E 364 0.86 36.85 -6.92
CA VAL E 364 0.40 38.19 -7.18
C VAL E 364 0.61 39.19 -6.02
N GLU E 365 0.55 40.48 -6.35
CA GLU E 365 0.74 41.56 -5.38
C GLU E 365 -0.57 42.36 -5.24
N ARG E 366 -1.24 42.25 -4.09
CA ARG E 366 -2.51 42.96 -3.83
C ARG E 366 -2.38 44.07 -2.76
N ASP E 367 -3.50 44.75 -2.48
CA ASP E 367 -3.53 45.87 -1.52
C ASP E 367 -4.32 45.66 -0.21
N ARG E 368 -4.40 46.74 0.58
CA ARG E 368 -5.11 46.80 1.88
C ARG E 368 -5.33 45.46 2.62
N ALA E 382 2.58 48.44 3.09
CA ALA E 382 1.42 48.50 2.16
C ALA E 382 1.10 47.14 1.52
N LEU E 383 1.59 46.93 0.30
CA LEU E 383 1.37 45.70 -0.48
C LEU E 383 1.46 44.35 0.24
N GLU E 384 1.07 43.29 -0.47
CA GLU E 384 1.10 41.91 0.06
C GLU E 384 1.25 40.92 -1.09
N ARG E 385 2.10 39.91 -0.89
CA ARG E 385 2.32 38.88 -1.92
C ARG E 385 1.44 37.69 -1.61
N VAL E 386 0.71 37.22 -2.62
CA VAL E 386 -0.19 36.09 -2.43
C VAL E 386 -0.01 35.05 -3.54
N ARG E 387 0.04 33.78 -3.14
CA ARG E 387 0.15 32.67 -4.07
C ARG E 387 -1.21 32.00 -4.01
N GLU E 388 -1.86 31.87 -5.14
CA GLU E 388 -3.20 31.28 -5.15
C GLU E 388 -3.52 30.58 -6.46
N ARG E 389 -4.53 29.71 -6.43
CA ARG E 389 -4.94 28.99 -7.64
C ARG E 389 -5.65 29.97 -8.55
N VAL E 390 -5.26 30.00 -9.83
CA VAL E 390 -5.89 30.87 -10.83
C VAL E 390 -7.36 30.45 -10.94
N VAL E 391 -7.61 29.14 -10.85
CA VAL E 391 -8.95 28.57 -10.90
C VAL E 391 -9.12 27.58 -9.76
N MET E 392 -10.11 27.84 -8.91
CA MET E 392 -10.43 27.01 -7.75
C MET E 392 -11.14 25.71 -8.11
N PRO E 393 -10.99 24.69 -7.26
CA PRO E 393 -11.65 23.40 -7.54
C PRO E 393 -13.15 23.67 -7.67
N ALA E 394 -13.63 24.58 -6.82
CA ALA E 394 -15.05 24.96 -6.80
C ALA E 394 -15.46 25.70 -8.08
N GLU E 395 -14.55 26.48 -8.65
CA GLU E 395 -14.84 27.20 -9.87
C GLU E 395 -15.10 26.22 -10.98
N ILE E 396 -14.34 25.11 -10.97
CA ILE E 396 -14.52 24.08 -12.00
C ILE E 396 -15.77 23.25 -11.75
N ALA E 397 -16.06 22.96 -10.48
CA ALA E 397 -17.23 22.17 -10.13
C ALA E 397 -18.52 22.93 -10.42
N ASN E 398 -18.39 24.25 -10.51
CA ASN E 398 -19.56 25.09 -10.73
C ASN E 398 -19.67 25.65 -12.13
N LEU E 399 -18.79 25.21 -13.02
CA LEU E 399 -18.83 25.69 -14.39
C LEU E 399 -20.14 25.26 -15.06
N PRO E 400 -20.74 26.14 -15.86
CA PRO E 400 -21.99 25.77 -16.54
C PRO E 400 -21.56 24.99 -17.78
N ASP E 401 -22.49 24.31 -18.45
CA ASP E 401 -22.10 23.55 -19.65
C ASP E 401 -21.61 24.48 -20.76
N LEU E 402 -20.91 23.91 -21.73
CA LEU E 402 -20.40 24.66 -22.86
C LEU E 402 -19.52 25.85 -22.45
N THR E 403 -18.81 25.71 -21.34
CA THR E 403 -17.91 26.74 -20.84
C THR E 403 -16.61 26.01 -20.48
N ALA E 404 -15.48 26.52 -20.95
CA ALA E 404 -14.21 25.84 -20.66
C ALA E 404 -13.01 26.74 -20.44
N TYR E 405 -11.98 26.16 -19.80
CA TYR E 405 -10.73 26.85 -19.56
C TYR E 405 -9.74 26.30 -20.58
N VAL E 406 -9.17 27.15 -21.41
CA VAL E 406 -8.20 26.68 -22.41
C VAL E 406 -6.75 27.05 -22.04
N GLY E 407 -5.90 26.03 -21.89
CA GLY E 407 -4.51 26.25 -21.55
C GLY E 407 -3.57 25.58 -22.53
N PHE E 408 -3.25 26.27 -23.61
CA PHE E 408 -2.37 25.70 -24.63
C PHE E 408 -0.98 25.43 -24.09
N ALA E 409 -0.28 24.52 -24.77
CA ALA E 409 1.06 24.13 -24.39
C ALA E 409 1.96 25.33 -24.42
N GLY E 410 3.04 25.27 -23.66
CA GLY E 410 3.98 26.37 -23.65
C GLY E 410 3.68 27.53 -22.72
N ASN E 411 4.32 28.64 -23.03
CA ASN E 411 4.18 29.85 -22.26
C ASN E 411 3.01 30.69 -22.74
N ARG E 412 1.79 30.30 -22.38
CA ARG E 412 0.63 31.07 -22.78
C ARG E 412 -0.29 31.19 -21.59
N PRO E 413 -1.10 32.27 -21.54
CA PRO E 413 -2.02 32.42 -20.41
C PRO E 413 -3.24 31.55 -20.71
N ILE E 414 -4.00 31.20 -19.70
CA ILE E 414 -5.20 30.39 -19.93
C ILE E 414 -6.36 31.37 -20.06
N ALA E 415 -7.52 30.91 -20.53
CA ALA E 415 -8.66 31.79 -20.68
C ALA E 415 -9.94 31.04 -20.48
N LYS E 416 -10.96 31.72 -19.97
CA LYS E 416 -12.26 31.08 -19.77
C LYS E 416 -13.02 31.46 -21.04
N VAL E 417 -13.45 30.46 -21.79
CA VAL E 417 -14.13 30.69 -23.05
C VAL E 417 -15.42 29.88 -23.16
N PRO E 418 -16.42 30.39 -23.89
CA PRO E 418 -17.69 29.66 -24.06
C PRO E 418 -17.65 28.83 -25.33
N LEU E 419 -18.26 27.66 -25.29
CA LEU E 419 -18.29 26.79 -26.47
C LEU E 419 -19.60 27.01 -27.23
N GLU E 420 -19.51 27.28 -28.52
CA GLU E 420 -20.71 27.50 -29.32
C GLU E 420 -21.12 26.23 -30.06
N ILE E 421 -22.40 25.86 -29.94
CA ILE E 421 -22.89 24.66 -30.60
C ILE E 421 -23.18 24.89 -32.08
N LYS E 422 -22.16 24.72 -32.93
CA LYS E 422 -22.34 24.90 -34.36
C LYS E 422 -23.10 23.68 -34.88
N GLN E 423 -23.99 23.89 -35.85
CA GLN E 423 -24.77 22.78 -36.40
C GLN E 423 -24.21 22.26 -37.71
N PHE E 424 -24.09 20.94 -37.80
CA PHE E 424 -23.57 20.29 -38.99
C PHE E 424 -24.61 19.34 -39.59
N ALA E 425 -24.80 19.46 -40.89
CA ALA E 425 -25.76 18.64 -41.63
C ALA E 425 -25.27 17.21 -41.80
N ASN E 426 -26.18 16.25 -41.67
CA ASN E 426 -25.83 14.83 -41.81
C ASN E 426 -25.56 14.47 -43.27
N ARG E 427 -24.28 14.38 -43.62
CA ARG E 427 -23.87 14.04 -44.98
C ARG E 427 -23.56 12.54 -45.17
N GLN E 428 -24.25 11.70 -44.39
CA GLN E 428 -24.11 10.24 -44.42
C GLN E 428 -24.79 9.60 -43.22
N PRO E 429 -25.33 8.39 -43.39
CA PRO E 429 -26.00 7.71 -42.26
C PRO E 429 -24.96 7.19 -41.25
N ALA E 430 -25.20 7.46 -39.96
CA ALA E 430 -24.26 7.05 -38.92
C ALA E 430 -23.93 5.54 -38.93
N PHE E 431 -24.96 4.73 -39.21
CA PHE E 431 -24.80 3.28 -39.21
C PHE E 431 -25.59 2.64 -40.36
N VAL E 432 -25.12 1.51 -40.85
CA VAL E 432 -25.78 0.78 -41.93
C VAL E 432 -25.63 -0.73 -41.69
N GLU E 433 -26.46 -1.30 -40.80
CA GLU E 433 -26.40 -2.72 -40.47
C GLU E 433 -26.88 -3.61 -41.62
N GLY E 434 -25.97 -4.43 -42.14
CA GLY E 434 -26.27 -5.33 -43.24
C GLY E 434 -25.33 -6.51 -43.34
N GLY F 6 -27.33 35.63 5.94
CA GLY F 6 -28.17 34.86 6.92
C GLY F 6 -28.18 33.36 6.70
N GLU F 7 -28.06 32.92 5.45
CA GLU F 7 -28.08 31.48 5.10
C GLU F 7 -26.71 30.78 5.16
N PHE F 8 -25.62 31.55 5.05
CA PHE F 8 -24.27 30.98 5.15
C PHE F 8 -23.95 30.88 6.63
N GLY F 9 -23.75 29.65 7.09
CA GLY F 9 -23.46 29.40 8.49
C GLY F 9 -22.27 30.14 9.07
N GLY F 10 -21.30 30.52 8.24
CA GLY F 10 -20.13 31.21 8.76
C GLY F 10 -20.35 32.69 8.97
N ALA F 11 -19.26 33.41 9.18
CA ALA F 11 -19.35 34.85 9.40
C ALA F 11 -19.82 35.58 8.13
N PRO F 12 -20.73 36.55 8.27
CA PRO F 12 -21.23 37.30 7.11
C PRO F 12 -20.08 37.99 6.40
N PHE F 13 -20.23 38.18 5.09
CA PHE F 13 -19.19 38.83 4.33
C PHE F 13 -19.70 40.02 3.53
N LYS F 14 -18.74 40.84 3.11
CA LYS F 14 -19.00 42.03 2.32
C LYS F 14 -19.17 41.72 0.84
N ARG F 15 -18.31 40.83 0.33
CA ARG F 15 -18.36 40.51 -1.09
C ARG F 15 -17.91 39.09 -1.47
N PHE F 16 -18.72 38.44 -2.30
CA PHE F 16 -18.40 37.10 -2.78
C PHE F 16 -17.51 37.20 -4.03
N LEU F 17 -16.36 36.53 -3.96
CA LEU F 17 -15.41 36.53 -5.07
C LEU F 17 -15.56 35.34 -6.01
N ARG F 18 -15.38 34.13 -5.49
CA ARG F 18 -15.49 32.95 -6.33
C ARG F 18 -15.76 31.63 -5.58
N GLY F 19 -16.14 30.60 -6.33
CA GLY F 19 -16.42 29.30 -5.75
C GLY F 19 -17.89 28.92 -5.58
N THR F 20 -18.15 28.07 -4.59
CA THR F 20 -19.50 27.62 -4.30
C THR F 20 -20.28 28.71 -3.56
N ARG F 21 -21.47 29.00 -4.08
CA ARG F 21 -22.36 30.00 -3.50
C ARG F 21 -23.57 29.34 -2.83
N ILE F 22 -23.89 29.80 -1.62
CA ILE F 22 -25.03 29.26 -0.88
C ILE F 22 -26.14 30.31 -0.88
N VAL F 23 -27.37 29.85 -1.07
CA VAL F 23 -28.52 30.73 -1.11
C VAL F 23 -29.60 30.13 -0.21
N SER F 24 -30.64 30.91 0.11
CA SER F 24 -31.72 30.41 0.98
C SER F 24 -32.59 29.37 0.28
N GLY F 25 -33.27 28.54 1.06
CA GLY F 25 -34.11 27.52 0.46
C GLY F 25 -35.01 28.15 -0.59
N GLY F 26 -35.79 29.14 -0.17
CA GLY F 26 -36.71 29.82 -1.08
C GLY F 26 -36.05 30.44 -2.30
N LYS F 27 -34.97 31.18 -2.09
CA LYS F 27 -34.25 31.84 -3.18
C LYS F 27 -33.91 30.85 -4.29
N LEU F 28 -33.46 29.66 -3.88
CA LEU F 28 -33.10 28.61 -4.82
C LEU F 28 -34.37 28.11 -5.56
N LYS F 29 -35.43 27.83 -4.80
CA LYS F 29 -36.68 27.34 -5.37
C LYS F 29 -37.18 28.24 -6.50
N ARG F 30 -36.89 29.54 -6.42
CA ARG F 30 -37.32 30.46 -7.47
C ARG F 30 -36.36 30.38 -8.63
N MET F 31 -35.09 30.22 -8.31
CA MET F 31 -34.05 30.13 -9.33
C MET F 31 -34.21 28.91 -10.23
N THR F 32 -34.44 27.76 -9.59
CA THR F 32 -34.58 26.50 -10.32
C THR F 32 -35.96 26.22 -10.92
N ARG F 33 -36.95 27.02 -10.57
CA ARG F 33 -38.28 26.82 -11.13
C ARG F 33 -38.32 27.13 -12.63
N GLU F 34 -38.94 26.21 -13.37
CA GLU F 34 -39.03 26.34 -14.82
C GLU F 34 -40.48 26.25 -15.30
N LYS F 35 -40.66 26.65 -16.56
CA LYS F 35 -41.96 26.63 -17.21
C LYS F 35 -42.55 25.21 -17.33
N ALA F 36 -41.77 24.27 -17.84
CA ALA F 36 -42.26 22.90 -17.98
C ALA F 36 -42.51 22.22 -16.63
N LYS F 37 -43.17 21.07 -16.67
CA LYS F 37 -43.43 20.31 -15.45
C LYS F 37 -42.07 19.79 -14.93
N GLN F 38 -41.83 19.89 -13.63
CA GLN F 38 -40.57 19.42 -13.03
C GLN F 38 -40.85 18.54 -11.83
N VAL F 39 -39.84 17.79 -11.39
CA VAL F 39 -39.99 16.96 -10.20
C VAL F 39 -39.30 17.73 -9.07
N THR F 40 -39.50 17.32 -7.82
CA THR F 40 -38.86 18.06 -6.73
C THR F 40 -37.92 17.27 -5.88
N VAL F 41 -36.94 17.98 -5.37
CA VAL F 41 -35.94 17.41 -4.51
C VAL F 41 -35.98 18.19 -3.21
N ALA F 42 -36.59 17.59 -2.18
CA ALA F 42 -36.70 18.28 -0.88
C ALA F 42 -37.37 19.63 -1.09
N GLY F 43 -38.47 19.62 -1.83
CA GLY F 43 -39.21 20.83 -2.08
C GLY F 43 -38.60 21.73 -3.13
N VAL F 44 -37.41 21.40 -3.63
CA VAL F 44 -36.82 22.26 -4.66
C VAL F 44 -37.03 21.67 -6.07
N PRO F 45 -37.62 22.46 -6.98
CA PRO F 45 -37.88 21.99 -8.34
C PRO F 45 -36.56 21.71 -9.03
N MET F 46 -36.41 20.48 -9.52
CA MET F 46 -35.19 20.09 -10.17
C MET F 46 -35.07 20.56 -11.62
N PRO F 47 -33.96 21.25 -11.94
CA PRO F 47 -33.74 21.75 -13.31
C PRO F 47 -33.90 20.60 -14.30
N ARG F 48 -34.76 20.79 -15.29
CA ARG F 48 -35.01 19.78 -16.31
C ARG F 48 -33.73 19.18 -16.91
N ASP F 49 -32.72 20.00 -17.15
CA ASP F 49 -31.48 19.50 -17.74
C ASP F 49 -30.56 18.75 -16.76
N ALA F 50 -30.87 18.83 -15.46
CA ALA F 50 -30.07 18.17 -14.42
C ALA F 50 -30.53 16.73 -14.17
N GLU F 51 -31.73 16.41 -14.67
CA GLU F 51 -32.34 15.08 -14.52
C GLU F 51 -31.54 13.90 -15.08
N PRO F 52 -31.09 14.00 -16.35
CA PRO F 52 -30.30 12.91 -16.95
C PRO F 52 -28.83 12.92 -16.52
N ARG F 53 -28.48 13.88 -15.66
CA ARG F 53 -27.12 14.04 -15.13
C ARG F 53 -26.99 13.31 -13.80
N HIS F 54 -28.12 12.76 -13.34
CA HIS F 54 -28.25 11.98 -12.11
C HIS F 54 -28.11 12.70 -10.79
N LEU F 55 -28.62 12.05 -9.75
CA LEU F 55 -28.63 12.60 -8.40
C LEU F 55 -28.17 11.58 -7.38
N LEU F 56 -27.31 12.06 -6.49
CA LEU F 56 -26.77 11.23 -5.45
C LEU F 56 -27.26 11.78 -4.13
N VAL F 57 -27.83 10.92 -3.30
CA VAL F 57 -28.30 11.37 -1.99
C VAL F 57 -27.50 10.67 -0.89
N ASN F 58 -26.60 11.43 -0.29
CA ASN F 58 -25.74 10.90 0.77
C ASN F 58 -26.26 11.33 2.13
N GLY F 59 -26.44 10.37 3.04
CA GLY F 59 -26.91 10.69 4.36
C GLY F 59 -26.97 9.50 5.32
N ALA F 60 -26.81 9.79 6.61
CA ALA F 60 -26.84 8.73 7.62
C ALA F 60 -28.24 8.12 7.69
N THR F 61 -28.31 6.94 8.29
CA THR F 61 -29.58 6.23 8.39
C THR F 61 -30.62 6.98 9.23
N GLY F 62 -31.79 7.19 8.63
CA GLY F 62 -32.89 7.88 9.30
C GLY F 62 -32.93 9.38 9.09
N THR F 63 -32.09 9.89 8.19
CA THR F 63 -32.03 11.32 7.92
C THR F 63 -33.08 11.83 6.95
N GLY F 64 -33.71 10.92 6.22
CA GLY F 64 -34.73 11.35 5.29
C GLY F 64 -34.51 10.93 3.85
N LYS F 65 -33.70 9.90 3.65
CA LYS F 65 -33.44 9.42 2.29
C LYS F 65 -34.74 8.89 1.68
N SER F 66 -35.58 8.25 2.51
CA SER F 66 -36.86 7.70 2.06
C SER F 66 -37.87 8.80 1.71
N VAL F 67 -38.04 9.75 2.63
CA VAL F 67 -38.96 10.86 2.44
C VAL F 67 -38.66 11.59 1.12
N LEU F 68 -37.36 11.74 0.82
CA LEU F 68 -36.91 12.43 -0.38
C LEU F 68 -37.13 11.62 -1.65
N LEU F 69 -36.71 10.36 -1.64
CA LEU F 69 -36.87 9.48 -2.80
C LEU F 69 -38.36 9.24 -3.10
N ARG F 70 -39.16 9.21 -2.03
CA ARG F 70 -40.61 9.02 -2.15
C ARG F 70 -41.18 10.25 -2.86
N GLU F 71 -40.73 11.41 -2.42
CA GLU F 71 -41.13 12.69 -2.99
C GLU F 71 -40.78 12.78 -4.47
N LEU F 72 -39.54 12.41 -4.79
CA LEU F 72 -39.07 12.45 -6.17
C LEU F 72 -39.92 11.52 -7.03
N ALA F 73 -40.11 10.29 -6.54
CA ALA F 73 -40.90 9.28 -7.24
C ALA F 73 -42.28 9.82 -7.51
N TYR F 74 -42.92 10.31 -6.44
CA TYR F 74 -44.25 10.86 -6.54
C TYR F 74 -44.36 11.94 -7.65
N THR F 75 -43.60 13.02 -7.52
CA THR F 75 -43.61 14.11 -8.49
C THR F 75 -43.26 13.65 -9.91
N GLY F 76 -42.53 12.55 -9.99
CA GLY F 76 -42.12 12.01 -11.28
C GLY F 76 -43.29 11.27 -11.88
N LEU F 77 -44.10 10.67 -11.02
CA LEU F 77 -45.27 9.93 -11.47
C LEU F 77 -46.35 10.89 -11.93
N LEU F 78 -46.55 11.95 -11.16
CA LEU F 78 -47.54 12.96 -11.51
C LEU F 78 -47.25 13.55 -12.89
N ARG F 79 -45.97 13.51 -13.28
CA ARG F 79 -45.55 14.01 -14.58
C ARG F 79 -45.66 12.92 -15.64
N GLY F 80 -46.00 11.70 -15.20
CA GLY F 80 -46.14 10.59 -16.13
C GLY F 80 -44.85 9.91 -16.52
N ASP F 81 -43.79 10.10 -15.74
CA ASP F 81 -42.50 9.47 -16.05
C ASP F 81 -42.55 8.01 -15.63
N ARG F 82 -41.86 7.17 -16.40
CA ARG F 82 -41.77 5.74 -16.10
C ARG F 82 -40.61 5.54 -15.13
N MET F 83 -40.57 4.41 -14.43
CA MET F 83 -39.46 4.15 -13.52
C MET F 83 -39.31 2.73 -12.99
N VAL F 84 -38.07 2.42 -12.61
CA VAL F 84 -37.70 1.13 -12.04
C VAL F 84 -37.25 1.49 -10.65
N ILE F 85 -37.83 0.83 -9.66
CA ILE F 85 -37.50 1.13 -8.29
C ILE F 85 -37.01 -0.06 -7.48
N VAL F 86 -35.75 0.03 -7.01
CA VAL F 86 -35.20 -1.03 -6.18
C VAL F 86 -35.88 -0.69 -4.86
N ASP F 87 -36.97 -1.40 -4.61
CA ASP F 87 -37.79 -1.11 -3.44
C ASP F 87 -37.80 -2.11 -2.31
N PRO F 88 -37.07 -1.81 -1.23
CA PRO F 88 -36.99 -2.67 -0.06
C PRO F 88 -38.32 -2.78 0.69
N ASN F 89 -38.70 -4.01 0.99
CA ASN F 89 -39.95 -4.30 1.70
C ASN F 89 -41.18 -3.74 1.01
N GLY F 90 -41.08 -3.55 -0.30
CA GLY F 90 -42.21 -3.05 -1.07
C GLY F 90 -42.84 -1.75 -0.59
N ASP F 91 -42.07 -0.93 0.11
CA ASP F 91 -42.56 0.34 0.60
C ASP F 91 -43.11 1.17 -0.58
N MET F 92 -42.23 1.48 -1.53
CA MET F 92 -42.60 2.26 -2.71
C MET F 92 -43.75 1.64 -3.50
N LEU F 93 -43.75 0.32 -3.59
CA LEU F 93 -44.80 -0.41 -4.30
C LEU F 93 -46.18 -0.16 -3.68
N SER F 94 -46.26 -0.30 -2.36
CA SER F 94 -47.50 -0.09 -1.64
C SER F 94 -48.04 1.34 -1.69
N LYS F 95 -47.19 2.31 -2.04
CA LYS F 95 -47.64 3.70 -2.08
C LYS F 95 -47.98 4.19 -3.48
N PHE F 96 -47.15 3.80 -4.46
CA PHE F 96 -47.34 4.26 -5.84
C PHE F 96 -47.65 3.19 -6.86
N GLY F 97 -47.67 1.93 -6.43
CA GLY F 97 -47.95 0.86 -7.38
C GLY F 97 -49.35 0.81 -7.96
N ARG F 98 -49.46 0.87 -9.29
CA ARG F 98 -50.74 0.79 -9.95
C ARG F 98 -50.95 -0.66 -10.36
N ASP F 99 -52.05 -0.92 -11.05
CA ASP F 99 -52.34 -2.28 -11.47
C ASP F 99 -51.53 -2.75 -12.69
N LYS F 100 -51.19 -1.82 -13.57
CA LYS F 100 -50.43 -2.13 -14.78
C LYS F 100 -48.93 -2.26 -14.49
N ASP F 101 -48.54 -1.94 -13.26
CA ASP F 101 -47.13 -2.00 -12.87
C ASP F 101 -46.61 -3.40 -12.60
N ILE F 102 -45.34 -3.60 -12.96
CA ILE F 102 -44.63 -4.88 -12.82
C ILE F 102 -43.95 -5.05 -11.46
N ILE F 103 -43.89 -6.30 -10.99
CA ILE F 103 -43.24 -6.63 -9.71
C ILE F 103 -42.25 -7.77 -9.91
N LEU F 104 -41.02 -7.58 -9.45
CA LEU F 104 -40.01 -8.62 -9.55
C LEU F 104 -39.61 -8.98 -8.13
N ASN F 105 -40.00 -10.19 -7.72
CA ASN F 105 -39.70 -10.74 -6.40
C ASN F 105 -39.98 -12.25 -6.52
N PRO F 106 -38.93 -13.08 -6.40
CA PRO F 106 -39.20 -14.52 -6.52
C PRO F 106 -40.21 -15.04 -5.51
N TYR F 107 -40.37 -14.33 -4.40
CA TYR F 107 -41.27 -14.76 -3.33
C TYR F 107 -42.59 -14.01 -3.16
N ASP F 108 -43.00 -13.28 -4.19
CA ASP F 108 -44.26 -12.54 -4.13
C ASP F 108 -45.21 -13.13 -5.17
N GLN F 109 -46.43 -13.43 -4.73
CA GLN F 109 -47.45 -14.01 -5.59
C GLN F 109 -47.63 -13.26 -6.90
N ARG F 110 -47.51 -11.94 -6.84
CA ARG F 110 -47.70 -11.02 -7.96
C ARG F 110 -46.53 -10.86 -8.95
N THR F 111 -45.41 -11.51 -8.65
CA THR F 111 -44.23 -11.38 -9.49
C THR F 111 -44.43 -11.92 -10.89
N LYS F 112 -43.62 -11.46 -11.83
CA LYS F 112 -43.69 -11.93 -13.21
C LYS F 112 -42.70 -13.09 -13.26
N GLY F 113 -42.79 -13.91 -14.31
CA GLY F 113 -41.87 -15.04 -14.44
C GLY F 113 -40.70 -14.55 -15.25
N TRP F 114 -39.48 -14.91 -14.82
CA TRP F 114 -38.30 -14.43 -15.56
C TRP F 114 -37.07 -15.32 -15.49
N SER F 115 -36.23 -15.13 -16.49
CA SER F 115 -34.95 -15.84 -16.68
C SER F 115 -34.16 -14.91 -17.59
N PHE F 116 -32.84 -14.84 -17.41
CA PHE F 116 -32.07 -13.95 -18.27
C PHE F 116 -32.18 -14.37 -19.74
N PHE F 117 -32.57 -15.63 -19.95
CA PHE F 117 -32.75 -16.12 -21.31
C PHE F 117 -33.65 -15.13 -22.06
N ASN F 118 -34.71 -14.69 -21.37
CA ASN F 118 -35.73 -13.75 -21.90
C ASN F 118 -35.18 -12.42 -22.43
N GLU F 119 -33.92 -12.12 -22.14
CA GLU F 119 -33.31 -10.86 -22.60
C GLU F 119 -32.39 -11.05 -23.80
N ILE F 120 -32.04 -12.30 -24.11
CA ILE F 120 -31.15 -12.59 -25.22
C ILE F 120 -31.84 -12.36 -26.54
N ARG F 121 -31.25 -11.55 -27.41
CA ARG F 121 -31.87 -11.29 -28.70
C ARG F 121 -30.85 -11.44 -29.83
N ASN F 122 -29.59 -11.14 -29.53
CA ASN F 122 -28.49 -11.24 -30.50
C ASN F 122 -27.40 -12.08 -29.85
N ASP F 123 -26.36 -12.42 -30.60
CA ASP F 123 -25.30 -13.23 -30.03
C ASP F 123 -24.50 -12.49 -28.95
N TYR F 124 -24.18 -11.21 -29.20
CA TYR F 124 -23.40 -10.42 -28.24
C TYR F 124 -24.13 -10.24 -26.91
N ASP F 125 -25.39 -10.63 -26.86
CA ASP F 125 -26.20 -10.51 -25.64
C ASP F 125 -25.91 -11.62 -24.64
N TRP F 126 -25.15 -12.63 -25.05
CA TRP F 126 -24.82 -13.71 -24.12
C TRP F 126 -23.81 -13.26 -23.07
N GLN F 127 -22.72 -12.62 -23.50
CA GLN F 127 -21.73 -12.13 -22.53
C GLN F 127 -22.34 -10.92 -21.82
N ARG F 128 -23.00 -10.08 -22.59
CA ARG F 128 -23.63 -8.88 -22.08
C ARG F 128 -24.39 -9.13 -20.78
N TYR F 129 -25.23 -10.17 -20.78
CA TYR F 129 -26.04 -10.48 -19.61
C TYR F 129 -25.41 -11.50 -18.69
N ALA F 130 -24.28 -12.06 -19.11
CA ALA F 130 -23.56 -13.02 -18.29
C ALA F 130 -22.91 -12.14 -17.23
N LEU F 131 -22.64 -10.89 -17.65
CA LEU F 131 -22.03 -9.85 -16.82
C LEU F 131 -23.04 -9.35 -15.79
N SER F 132 -24.33 -9.49 -16.13
CA SER F 132 -25.41 -9.06 -15.23
C SER F 132 -25.65 -10.12 -14.17
N VAL F 133 -25.65 -11.39 -14.58
CA VAL F 133 -25.88 -12.52 -13.68
C VAL F 133 -24.71 -12.72 -12.74
N VAL F 134 -23.51 -12.63 -13.29
CA VAL F 134 -22.28 -12.77 -12.52
C VAL F 134 -21.59 -11.41 -12.45
N PRO F 135 -21.93 -10.59 -11.44
CA PRO F 135 -21.34 -9.25 -11.27
C PRO F 135 -19.79 -9.23 -11.11
N ARG F 136 -19.18 -8.04 -11.14
CA ARG F 136 -17.73 -7.92 -11.03
C ARG F 136 -17.20 -8.36 -9.67
N GLY F 137 -16.07 -9.06 -9.67
CA GLY F 137 -15.51 -9.52 -8.41
C GLY F 137 -15.02 -8.36 -7.56
N LYS F 138 -15.12 -8.51 -6.23
CA LYS F 138 -14.68 -7.48 -5.29
C LYS F 138 -13.17 -7.27 -5.45
N THR F 139 -12.44 -8.37 -5.67
CA THR F 139 -10.98 -8.34 -5.85
C THR F 139 -10.60 -8.76 -7.28
N ASP F 140 -9.37 -8.48 -7.69
CA ASP F 140 -8.89 -8.85 -9.03
C ASP F 140 -8.89 -10.36 -9.17
N GLU F 141 -8.64 -11.07 -8.07
CA GLU F 141 -8.63 -12.52 -8.12
C GLU F 141 -10.08 -13.02 -8.27
N ALA F 142 -10.98 -12.50 -7.45
CA ALA F 142 -12.39 -12.88 -7.50
C ALA F 142 -13.00 -12.67 -8.88
N GLU F 143 -12.56 -11.60 -9.56
CA GLU F 143 -13.06 -11.29 -10.88
C GLU F 143 -12.51 -12.28 -11.90
N GLU F 144 -11.30 -12.79 -11.66
CA GLU F 144 -10.73 -13.77 -12.58
C GLU F 144 -11.68 -14.98 -12.55
N TRP F 145 -12.09 -15.38 -11.35
CA TRP F 145 -13.00 -16.51 -11.20
C TRP F 145 -14.30 -16.16 -11.91
N ALA F 146 -14.80 -14.98 -11.59
CA ALA F 146 -16.05 -14.51 -12.18
C ALA F 146 -16.04 -14.64 -13.69
N SER F 147 -14.93 -14.28 -14.35
CA SER F 147 -14.86 -14.35 -15.80
C SER F 147 -14.90 -15.80 -16.30
N TYR F 148 -14.42 -16.73 -15.46
CA TYR F 148 -14.45 -18.15 -15.82
C TYR F 148 -15.88 -18.56 -15.68
N GLY F 149 -16.51 -18.05 -14.64
CA GLY F 149 -17.90 -18.36 -14.39
C GLY F 149 -18.77 -17.88 -15.53
N ARG F 150 -18.43 -16.74 -16.12
CA ARG F 150 -19.21 -16.20 -17.24
C ARG F 150 -18.98 -16.98 -18.50
N LEU F 151 -17.78 -17.52 -18.66
CA LEU F 151 -17.47 -18.31 -19.85
C LEU F 151 -18.32 -19.56 -19.77
N LEU F 152 -18.30 -20.19 -18.60
CA LEU F 152 -19.05 -21.42 -18.36
C LEU F 152 -20.53 -21.15 -18.55
N LEU F 153 -20.99 -20.05 -17.98
CA LEU F 153 -22.38 -19.66 -18.08
C LEU F 153 -22.83 -19.38 -19.53
N ARG F 154 -22.16 -18.45 -20.20
CA ARG F 154 -22.56 -18.12 -21.56
C ARG F 154 -22.54 -19.28 -22.54
N GLU F 155 -21.51 -20.13 -22.48
CA GLU F 155 -21.42 -21.25 -23.39
C GLU F 155 -22.40 -22.38 -23.10
N THR F 156 -22.67 -22.65 -21.82
CA THR F 156 -23.62 -23.70 -21.46
C THR F 156 -25.05 -23.24 -21.72
N ALA F 157 -25.35 -22.00 -21.35
CA ALA F 157 -26.67 -21.44 -21.53
C ALA F 157 -26.96 -21.18 -23.00
N LYS F 158 -25.91 -21.06 -23.81
CA LYS F 158 -26.07 -20.80 -25.24
C LYS F 158 -26.41 -22.10 -26.00
N LYS F 159 -25.85 -23.21 -25.51
CA LYS F 159 -26.10 -24.51 -26.13
C LYS F 159 -27.49 -24.95 -25.69
N LEU F 160 -27.79 -24.80 -24.40
CA LEU F 160 -29.11 -25.17 -23.89
C LEU F 160 -30.20 -24.47 -24.70
N ALA F 161 -29.94 -23.25 -25.15
CA ALA F 161 -30.94 -22.52 -25.93
C ALA F 161 -31.00 -23.12 -27.32
N LEU F 162 -29.83 -23.41 -27.87
CA LEU F 162 -29.71 -24.00 -29.20
C LEU F 162 -30.51 -25.28 -29.31
N ILE F 163 -30.33 -26.16 -28.32
CA ILE F 163 -31.01 -27.44 -28.31
C ILE F 163 -32.45 -27.35 -27.78
N GLY F 164 -33.02 -26.14 -27.87
CA GLY F 164 -34.39 -25.92 -27.44
C GLY F 164 -34.74 -26.08 -25.96
N THR F 165 -33.74 -26.25 -25.09
CA THR F 165 -34.01 -26.41 -23.66
C THR F 165 -33.45 -25.26 -22.82
N PRO F 166 -33.95 -24.02 -23.04
CA PRO F 166 -33.47 -22.86 -22.27
C PRO F 166 -33.98 -22.93 -20.84
N SER F 167 -33.55 -23.97 -20.12
CA SER F 167 -33.95 -24.21 -18.75
C SER F 167 -32.92 -23.73 -17.74
N MET F 168 -33.38 -22.94 -16.76
CA MET F 168 -32.51 -22.45 -15.71
C MET F 168 -32.13 -23.60 -14.79
N ARG F 169 -33.02 -24.59 -14.68
CA ARG F 169 -32.73 -25.73 -13.83
C ARG F 169 -31.72 -26.63 -14.52
N GLU F 170 -31.77 -26.64 -15.85
CA GLU F 170 -30.83 -27.44 -16.64
C GLU F 170 -29.45 -26.80 -16.57
N LEU F 171 -29.44 -25.47 -16.73
CA LEU F 171 -28.20 -24.71 -16.66
C LEU F 171 -27.54 -24.90 -15.29
N PHE F 172 -28.34 -24.82 -14.22
CA PHE F 172 -27.82 -24.97 -12.87
C PHE F 172 -27.28 -26.37 -12.64
N HIS F 173 -27.98 -27.38 -13.16
CA HIS F 173 -27.52 -28.74 -12.98
C HIS F 173 -26.18 -28.92 -13.62
N TRP F 174 -26.11 -28.53 -14.89
CA TRP F 174 -24.90 -28.65 -15.68
C TRP F 174 -23.69 -27.95 -15.05
N THR F 175 -23.86 -26.66 -14.76
CA THR F 175 -22.79 -25.85 -14.19
C THR F 175 -22.40 -26.11 -12.74
N THR F 176 -23.26 -26.72 -11.92
CA THR F 176 -22.88 -26.96 -10.52
C THR F 176 -23.19 -28.34 -9.95
N ILE F 177 -23.97 -29.13 -10.68
CA ILE F 177 -24.31 -30.46 -10.18
C ILE F 177 -23.68 -31.61 -10.97
N ALA F 178 -23.81 -31.57 -12.29
CA ALA F 178 -23.23 -32.61 -13.15
C ALA F 178 -21.75 -32.79 -12.83
N THR F 179 -21.23 -34.00 -12.99
CA THR F 179 -19.82 -34.22 -12.67
C THR F 179 -18.97 -33.52 -13.69
N PHE F 180 -17.70 -33.33 -13.31
CA PHE F 180 -16.74 -32.67 -14.17
C PHE F 180 -16.77 -33.18 -15.60
N ASP F 181 -16.67 -34.50 -15.74
CA ASP F 181 -16.65 -35.16 -17.04
C ASP F 181 -17.89 -34.91 -17.88
N ASP F 182 -19.06 -35.06 -17.27
CA ASP F 182 -20.32 -34.86 -17.98
C ASP F 182 -20.40 -33.43 -18.49
N LEU F 183 -20.07 -32.52 -17.61
CA LEU F 183 -20.09 -31.11 -17.94
C LEU F 183 -19.14 -30.93 -19.11
N ARG F 184 -17.94 -31.47 -18.95
CA ARG F 184 -16.90 -31.40 -19.97
C ARG F 184 -17.48 -31.91 -21.29
N GLY F 185 -18.16 -33.04 -21.21
CA GLY F 185 -18.76 -33.64 -22.37
C GLY F 185 -19.78 -32.67 -22.97
N PHE F 186 -20.72 -32.21 -22.16
CA PHE F 186 -21.74 -31.29 -22.65
C PHE F 186 -21.16 -30.08 -23.34
N LEU F 187 -20.02 -29.60 -22.82
CA LEU F 187 -19.37 -28.41 -23.39
C LEU F 187 -18.74 -28.67 -24.74
N GLU F 188 -18.45 -29.92 -25.04
CA GLU F 188 -17.86 -30.23 -26.33
C GLU F 188 -18.70 -29.59 -27.43
N GLY F 189 -18.03 -29.01 -28.42
CA GLY F 189 -18.74 -28.37 -29.52
C GLY F 189 -18.93 -26.89 -29.25
N THR F 190 -18.70 -26.47 -28.02
CA THR F 190 -18.84 -25.06 -27.64
C THR F 190 -17.46 -24.44 -27.49
N LEU F 191 -17.40 -23.13 -27.60
CA LEU F 191 -16.14 -22.39 -27.49
C LEU F 191 -15.36 -22.77 -26.23
N ALA F 192 -16.09 -23.23 -25.20
CA ALA F 192 -15.50 -23.64 -23.93
C ALA F 192 -15.07 -25.11 -23.93
N GLU F 193 -15.19 -25.78 -25.06
CA GLU F 193 -14.82 -27.19 -25.13
C GLU F 193 -13.41 -27.41 -24.62
N SER F 194 -12.47 -26.75 -25.27
CA SER F 194 -11.07 -26.88 -24.94
C SER F 194 -10.57 -25.98 -23.82
N LEU F 195 -11.06 -24.74 -23.77
CA LEU F 195 -10.61 -23.82 -22.74
C LEU F 195 -10.55 -24.37 -21.32
N PHE F 196 -11.48 -25.24 -20.94
CA PHE F 196 -11.47 -25.79 -19.59
C PHE F 196 -10.86 -27.18 -19.52
N ALA F 197 -9.95 -27.50 -20.42
CA ALA F 197 -9.31 -28.81 -20.40
C ALA F 197 -7.88 -28.73 -20.90
N GLY F 198 -7.07 -29.71 -20.51
CA GLY F 198 -5.69 -29.74 -20.95
C GLY F 198 -4.60 -29.54 -19.91
N SER F 199 -4.94 -29.01 -18.74
CA SER F 199 -3.93 -28.81 -17.69
C SER F 199 -4.59 -28.66 -16.33
N ASN F 200 -3.78 -28.62 -15.27
CA ASN F 200 -4.34 -28.46 -13.95
C ASN F 200 -4.97 -27.07 -13.91
N GLU F 201 -4.30 -26.10 -14.53
CA GLU F 201 -4.78 -24.72 -14.58
C GLU F 201 -6.20 -24.68 -15.16
N ALA F 202 -6.39 -25.37 -16.29
CA ALA F 202 -7.70 -25.43 -16.97
C ALA F 202 -8.80 -26.02 -16.09
N SER F 203 -8.48 -27.08 -15.36
CA SER F 203 -9.44 -27.73 -14.43
C SER F 203 -9.71 -26.81 -13.22
N LYS F 204 -8.71 -26.04 -12.84
CA LYS F 204 -8.83 -25.09 -11.73
C LYS F 204 -9.82 -23.98 -12.13
N ALA F 205 -9.67 -23.48 -13.35
CA ALA F 205 -10.55 -22.42 -13.87
C ALA F 205 -11.99 -22.93 -13.92
N LEU F 206 -12.14 -24.22 -14.22
CA LEU F 206 -13.46 -24.83 -14.28
C LEU F 206 -14.02 -24.87 -12.87
N THR F 207 -13.21 -25.35 -11.93
CA THR F 207 -13.59 -25.43 -10.52
C THR F 207 -14.02 -24.06 -9.97
N SER F 208 -13.35 -23.00 -10.40
CA SER F 208 -13.65 -21.64 -9.96
C SER F 208 -14.94 -21.13 -10.58
N ALA F 209 -15.17 -21.47 -11.86
CA ALA F 209 -16.38 -21.07 -12.56
C ALA F 209 -17.61 -21.73 -11.95
N ARG F 210 -17.44 -22.96 -11.44
CA ARG F 210 -18.52 -23.73 -10.79
C ARG F 210 -18.95 -23.09 -9.50
N PHE F 211 -17.95 -22.79 -8.67
CA PHE F 211 -18.19 -22.16 -7.39
C PHE F 211 -18.95 -20.85 -7.59
N VAL F 212 -18.50 -20.03 -8.55
CA VAL F 212 -19.14 -18.74 -8.83
C VAL F 212 -20.60 -18.93 -9.21
N LEU F 213 -20.83 -19.80 -10.19
CA LEU F 213 -22.18 -20.07 -10.65
C LEU F 213 -23.05 -20.71 -9.56
N SER F 214 -22.44 -21.44 -8.63
CA SER F 214 -23.18 -22.05 -7.53
C SER F 214 -23.57 -20.98 -6.53
N ASP F 215 -22.81 -19.88 -6.51
CA ASP F 215 -23.09 -18.78 -5.62
C ASP F 215 -24.11 -17.82 -6.22
N LYS F 216 -23.98 -17.56 -7.52
CA LYS F 216 -24.88 -16.61 -8.18
C LYS F 216 -26.22 -17.17 -8.70
N LEU F 217 -26.20 -18.37 -9.28
CA LEU F 217 -27.41 -18.95 -9.86
C LEU F 217 -28.58 -19.38 -8.97
N PRO F 218 -28.32 -19.85 -7.74
CA PRO F 218 -29.44 -20.27 -6.86
C PRO F 218 -30.80 -19.55 -7.00
N GLU F 219 -30.84 -18.27 -6.70
CA GLU F 219 -32.08 -17.48 -6.78
C GLU F 219 -32.68 -17.36 -8.18
N HIS F 220 -31.82 -17.48 -9.19
CA HIS F 220 -32.24 -17.40 -10.59
C HIS F 220 -33.04 -18.66 -10.92
N VAL F 221 -32.62 -19.78 -10.33
CA VAL F 221 -33.26 -21.09 -10.53
C VAL F 221 -34.65 -21.08 -9.89
N THR F 222 -34.67 -20.88 -8.57
CA THR F 222 -35.91 -20.84 -7.80
C THR F 222 -36.86 -19.70 -8.20
N MET F 223 -36.41 -18.83 -9.12
CA MET F 223 -37.24 -17.72 -9.58
C MET F 223 -38.34 -18.26 -10.46
N PRO F 224 -39.59 -17.87 -10.18
CA PRO F 224 -40.78 -18.28 -10.93
C PRO F 224 -40.59 -18.02 -12.43
N ASP F 225 -40.91 -19.04 -13.24
CA ASP F 225 -40.78 -18.94 -14.70
C ASP F 225 -41.84 -18.13 -15.45
N GLY F 226 -41.39 -17.46 -16.49
CA GLY F 226 -42.29 -16.66 -17.29
C GLY F 226 -41.56 -16.14 -18.50
N ASP F 227 -42.27 -15.44 -19.37
CA ASP F 227 -41.65 -14.91 -20.58
C ASP F 227 -41.43 -13.40 -20.47
N PHE F 228 -41.41 -12.89 -19.24
CA PHE F 228 -41.22 -11.48 -19.02
C PHE F 228 -39.82 -11.04 -19.44
N SER F 229 -39.76 -9.93 -20.18
CA SER F 229 -38.50 -9.38 -20.68
C SER F 229 -38.36 -7.92 -20.28
N ILE F 230 -37.32 -7.62 -19.51
CA ILE F 230 -37.10 -6.25 -19.07
C ILE F 230 -36.85 -5.38 -20.31
N ARG F 231 -36.15 -5.95 -21.30
CA ARG F 231 -35.85 -5.23 -22.53
C ARG F 231 -37.13 -4.79 -23.23
N SER F 232 -38.01 -5.76 -23.44
CA SER F 232 -39.28 -5.51 -24.10
C SER F 232 -40.14 -4.55 -23.27
N TRP F 233 -40.12 -4.73 -21.95
CA TRP F 233 -40.87 -3.88 -21.03
C TRP F 233 -40.48 -2.41 -21.18
N LEU F 234 -39.19 -2.19 -21.39
CA LEU F 234 -38.62 -0.85 -21.58
C LEU F 234 -39.10 -0.22 -22.89
N GLU F 235 -39.22 -1.05 -23.92
CA GLU F 235 -39.65 -0.56 -25.23
C GLU F 235 -41.15 -0.25 -25.33
N ASP F 236 -41.91 -0.86 -24.42
CA ASP F 236 -43.37 -0.69 -24.35
C ASP F 236 -43.74 0.56 -23.55
N PRO F 237 -44.22 1.61 -24.23
CA PRO F 237 -44.61 2.87 -23.58
C PRO F 237 -45.69 2.66 -22.50
N ASN F 238 -46.67 1.84 -22.84
CA ASN F 238 -47.79 1.53 -21.97
C ASN F 238 -47.39 0.55 -20.89
N GLY F 239 -46.14 0.11 -20.91
CA GLY F 239 -45.67 -0.79 -19.88
C GLY F 239 -45.76 0.08 -18.65
N GLY F 240 -46.00 -0.52 -17.48
CA GLY F 240 -46.10 0.30 -16.28
C GLY F 240 -44.77 0.77 -15.73
N ASN F 241 -44.57 0.52 -14.44
CA ASN F 241 -43.33 0.85 -13.76
C ASN F 241 -42.87 -0.45 -13.09
N LEU F 242 -41.56 -0.62 -12.98
CA LEU F 242 -41.06 -1.85 -12.39
C LEU F 242 -40.64 -1.67 -10.93
N PHE F 243 -41.17 -2.51 -10.07
CA PHE F 243 -40.84 -2.46 -8.65
C PHE F 243 -40.10 -3.74 -8.29
N ILE F 244 -38.83 -3.60 -7.95
CA ILE F 244 -38.04 -4.74 -7.56
C ILE F 244 -38.11 -4.72 -6.05
N THR F 245 -38.87 -5.66 -5.49
CA THR F 245 -39.01 -5.69 -4.04
C THR F 245 -38.45 -6.96 -3.40
N TRP F 246 -38.35 -6.96 -2.07
CA TRP F 246 -37.85 -8.09 -1.31
C TRP F 246 -37.92 -7.80 0.19
N ARG F 247 -38.02 -8.88 0.96
CA ARG F 247 -38.10 -8.76 2.41
C ARG F 247 -36.67 -8.63 2.92
N GLU F 248 -36.45 -7.65 3.77
CA GLU F 248 -35.12 -7.39 4.30
C GLU F 248 -34.32 -8.56 4.85
N ASP F 249 -34.96 -9.49 5.55
CA ASP F 249 -34.19 -10.61 6.09
C ASP F 249 -33.62 -11.53 4.99
N MET F 250 -34.04 -11.29 3.74
CA MET F 250 -33.57 -12.07 2.59
C MET F 250 -32.70 -11.24 1.65
N GLY F 251 -32.40 -10.01 2.05
CA GLY F 251 -31.57 -9.15 1.24
C GLY F 251 -30.25 -9.79 0.83
N PRO F 252 -29.49 -10.37 1.77
CA PRO F 252 -28.21 -10.99 1.42
C PRO F 252 -28.34 -12.10 0.39
N ALA F 253 -29.40 -12.90 0.54
CA ALA F 253 -29.69 -14.00 -0.36
C ALA F 253 -30.03 -13.53 -1.77
N LEU F 254 -30.80 -12.45 -1.86
CA LEU F 254 -31.20 -11.89 -3.15
C LEU F 254 -30.26 -10.82 -3.72
N ARG F 255 -29.17 -10.55 -3.03
CA ARG F 255 -28.22 -9.54 -3.49
C ARG F 255 -27.73 -9.79 -4.93
N PRO F 256 -27.31 -11.03 -5.26
CA PRO F 256 -26.85 -11.31 -6.62
C PRO F 256 -27.97 -11.23 -7.69
N LEU F 257 -29.18 -11.63 -7.31
CA LEU F 257 -30.31 -11.60 -8.22
C LEU F 257 -30.72 -10.16 -8.46
N ILE F 258 -30.93 -9.42 -7.38
CA ILE F 258 -31.34 -8.03 -7.48
C ILE F 258 -30.36 -7.20 -8.30
N SER F 259 -29.07 -7.46 -8.14
CA SER F 259 -28.01 -6.76 -8.88
C SER F 259 -28.11 -7.12 -10.35
N ALA F 260 -28.49 -8.35 -10.60
CA ALA F 260 -28.65 -8.85 -11.96
C ALA F 260 -29.67 -7.96 -12.66
N TRP F 261 -30.86 -7.84 -12.06
CA TRP F 261 -31.93 -7.03 -12.62
C TRP F 261 -31.55 -5.59 -12.84
N VAL F 262 -30.92 -4.98 -11.84
CA VAL F 262 -30.52 -3.59 -11.95
C VAL F 262 -29.54 -3.45 -13.11
N ASP F 263 -28.62 -4.39 -13.22
CA ASP F 263 -27.65 -4.32 -14.30
C ASP F 263 -28.31 -4.48 -15.64
N VAL F 264 -29.24 -5.44 -15.73
CA VAL F 264 -29.94 -5.67 -16.98
C VAL F 264 -30.54 -4.37 -17.49
N VAL F 265 -31.12 -3.60 -16.58
CA VAL F 265 -31.72 -2.33 -16.94
C VAL F 265 -30.64 -1.42 -17.52
N CYS F 266 -29.50 -1.43 -16.86
CA CYS F 266 -28.37 -0.60 -17.24
C CYS F 266 -27.80 -0.83 -18.64
N THR F 267 -27.73 -2.09 -19.06
CA THR F 267 -27.22 -2.38 -20.39
C THR F 267 -28.29 -2.14 -21.42
N SER F 268 -29.46 -2.70 -21.13
CA SER F 268 -30.61 -2.65 -22.01
C SER F 268 -31.03 -1.26 -22.49
N ILE F 269 -31.07 -0.28 -21.60
CA ILE F 269 -31.48 1.06 -22.00
C ILE F 269 -30.58 1.59 -23.10
N LEU F 270 -29.42 0.98 -23.26
CA LEU F 270 -28.46 1.38 -24.26
C LEU F 270 -28.87 0.90 -25.63
N SER F 271 -29.80 -0.05 -25.65
CA SER F 271 -30.28 -0.62 -26.90
C SER F 271 -31.68 -0.14 -27.27
N LEU F 272 -32.28 0.67 -26.42
CA LEU F 272 -33.62 1.19 -26.70
C LEU F 272 -33.54 2.09 -27.91
N PRO F 273 -34.64 2.12 -28.69
CA PRO F 273 -34.70 2.95 -29.91
C PRO F 273 -34.76 4.43 -29.52
N GLU F 274 -34.05 5.22 -30.31
CA GLU F 274 -33.98 6.66 -30.09
C GLU F 274 -35.38 7.28 -29.91
N GLU F 275 -35.67 7.67 -28.66
CA GLU F 275 -36.97 8.28 -28.33
C GLU F 275 -36.79 9.48 -27.38
N PRO F 276 -36.77 10.70 -27.93
CA PRO F 276 -36.61 11.96 -27.18
C PRO F 276 -37.63 12.16 -26.06
N LYS F 277 -38.81 11.60 -26.24
CA LYS F 277 -39.88 11.72 -25.27
C LYS F 277 -39.74 10.82 -24.05
N ARG F 278 -38.82 9.85 -24.12
CA ARG F 278 -38.66 8.93 -23.00
C ARG F 278 -37.98 9.52 -21.78
N ARG F 279 -38.57 9.23 -20.62
CA ARG F 279 -38.08 9.67 -19.33
C ARG F 279 -38.19 8.47 -18.39
N LEU F 280 -37.06 7.81 -18.15
CA LEU F 280 -37.03 6.64 -17.28
C LEU F 280 -36.16 6.89 -16.05
N TRP F 281 -36.72 6.61 -14.87
CA TRP F 281 -36.01 6.80 -13.61
C TRP F 281 -35.51 5.47 -13.03
N LEU F 282 -34.30 5.49 -12.46
CA LEU F 282 -33.76 4.29 -11.83
C LEU F 282 -33.42 4.65 -10.40
N PHE F 283 -34.25 4.14 -9.50
CA PHE F 283 -34.11 4.37 -8.09
C PHE F 283 -33.38 3.21 -7.41
N ILE F 284 -32.16 3.47 -6.96
CA ILE F 284 -31.39 2.45 -6.24
C ILE F 284 -31.29 3.05 -4.84
N ASP F 285 -32.13 2.59 -3.93
CA ASP F 285 -32.13 3.15 -2.58
C ASP F 285 -30.74 3.20 -1.94
N GLU F 286 -30.00 2.09 -2.03
CA GLU F 286 -28.65 2.04 -1.46
C GLU F 286 -27.67 1.37 -2.42
N LEU F 287 -26.95 2.21 -3.16
CA LEU F 287 -25.98 1.79 -4.15
C LEU F 287 -24.93 0.76 -3.68
N ALA F 288 -24.35 1.00 -2.51
CA ALA F 288 -23.35 0.08 -2.00
C ALA F 288 -23.95 -1.24 -1.51
N SER F 289 -25.27 -1.38 -1.60
CA SER F 289 -25.92 -2.62 -1.14
C SER F 289 -26.03 -3.71 -2.21
N LEU F 290 -25.86 -3.30 -3.47
CA LEU F 290 -25.90 -4.21 -4.62
C LEU F 290 -24.46 -4.72 -4.84
N GLU F 291 -24.26 -5.54 -5.86
CA GLU F 291 -22.90 -6.02 -6.13
C GLU F 291 -22.19 -4.99 -7.03
N LYS F 292 -20.95 -5.28 -7.40
CA LYS F 292 -20.21 -4.38 -8.26
C LYS F 292 -20.85 -4.50 -9.64
N LEU F 293 -21.80 -3.61 -9.95
CA LEU F 293 -22.49 -3.67 -11.23
C LEU F 293 -21.58 -3.40 -12.42
N ALA F 294 -21.65 -4.30 -13.39
CA ALA F 294 -20.85 -4.24 -14.59
C ALA F 294 -21.22 -3.16 -15.60
N SER F 295 -22.49 -2.75 -15.65
CA SER F 295 -22.88 -1.75 -16.66
C SER F 295 -23.32 -0.39 -16.15
N LEU F 296 -23.36 -0.22 -14.83
CA LEU F 296 -23.78 1.04 -14.24
C LEU F 296 -22.96 2.23 -14.77
N ALA F 297 -21.64 2.07 -14.82
CA ALA F 297 -20.76 3.14 -15.28
C ALA F 297 -21.19 3.72 -16.62
N ASP F 298 -21.36 2.86 -17.61
CA ASP F 298 -21.75 3.29 -18.95
C ASP F 298 -23.15 3.91 -18.98
N ALA F 299 -24.05 3.38 -18.14
CA ALA F 299 -25.41 3.90 -18.07
C ALA F 299 -25.44 5.35 -17.60
N LEU F 300 -24.59 5.68 -16.63
CA LEU F 300 -24.51 7.03 -16.05
C LEU F 300 -23.76 7.99 -16.98
N THR F 301 -23.29 7.45 -18.10
CA THR F 301 -22.53 8.25 -19.03
C THR F 301 -23.14 8.23 -20.41
N LYS F 302 -23.84 7.15 -20.73
CA LYS F 302 -24.42 7.02 -22.05
C LYS F 302 -25.94 6.81 -22.04
N GLY F 303 -26.59 7.25 -20.97
CA GLY F 303 -28.03 7.08 -20.89
C GLY F 303 -28.86 8.31 -21.21
N ARG F 304 -28.24 9.43 -21.54
CA ARG F 304 -28.98 10.66 -21.84
C ARG F 304 -29.99 10.46 -22.97
N LYS F 305 -29.50 9.91 -24.08
CA LYS F 305 -30.25 9.64 -25.29
C LYS F 305 -31.45 8.71 -25.08
N ALA F 306 -31.33 7.77 -24.14
CA ALA F 306 -32.40 6.84 -23.81
C ALA F 306 -33.29 7.45 -22.72
N GLY F 307 -32.89 8.63 -22.23
CA GLY F 307 -33.65 9.33 -21.20
C GLY F 307 -33.49 8.79 -19.78
N LEU F 308 -32.39 8.08 -19.52
CA LEU F 308 -32.14 7.50 -18.19
C LEU F 308 -31.85 8.58 -17.18
N ARG F 309 -32.47 8.43 -15.99
CA ARG F 309 -32.32 9.34 -14.87
C ARG F 309 -32.04 8.47 -13.64
N VAL F 310 -30.81 8.50 -13.13
CA VAL F 310 -30.50 7.68 -11.97
C VAL F 310 -30.40 8.43 -10.66
N VAL F 311 -31.05 7.88 -9.64
CA VAL F 311 -31.04 8.45 -8.30
C VAL F 311 -30.56 7.34 -7.37
N ALA F 312 -29.48 7.61 -6.63
CA ALA F 312 -28.92 6.62 -5.72
C ALA F 312 -28.60 7.21 -4.35
N GLY F 313 -28.69 6.34 -3.34
CA GLY F 313 -28.39 6.74 -1.97
C GLY F 313 -27.14 6.06 -1.46
N LEU F 314 -26.42 6.76 -0.59
CA LEU F 314 -25.17 6.29 0.02
C LEU F 314 -25.14 6.78 1.47
N GLN F 315 -24.26 6.23 2.29
CA GLN F 315 -24.12 6.69 3.67
C GLN F 315 -22.67 7.10 3.90
N SER F 316 -21.79 6.10 3.91
CA SER F 316 -20.36 6.34 4.12
C SER F 316 -19.58 6.06 2.83
N THR F 317 -18.61 6.92 2.53
CA THR F 317 -17.82 6.75 1.32
C THR F 317 -17.07 5.42 1.35
N SER F 318 -16.85 4.87 2.54
CA SER F 318 -16.13 3.60 2.66
C SER F 318 -16.97 2.42 2.18
N GLN F 319 -18.30 2.60 2.16
CA GLN F 319 -19.21 1.55 1.70
C GLN F 319 -18.99 1.25 0.22
N LEU F 320 -19.17 2.27 -0.62
CA LEU F 320 -19.00 2.15 -2.09
C LEU F 320 -17.57 1.77 -2.47
N ASP F 321 -16.63 2.33 -1.72
CA ASP F 321 -15.20 2.09 -1.90
C ASP F 321 -14.89 0.61 -1.68
N ASP F 322 -15.49 0.02 -0.66
CA ASP F 322 -15.22 -1.38 -0.36
C ASP F 322 -15.72 -2.32 -1.44
N VAL F 323 -16.85 -1.97 -2.07
CA VAL F 323 -17.48 -2.77 -3.13
C VAL F 323 -16.92 -2.56 -4.54
N TYR F 324 -16.68 -1.29 -4.92
CA TYR F 324 -16.16 -1.01 -6.26
C TYR F 324 -14.65 -0.81 -6.26
N GLY F 325 -14.09 -0.57 -5.09
CA GLY F 325 -12.67 -0.28 -5.01
C GLY F 325 -12.58 1.24 -5.08
N VAL F 326 -11.60 1.83 -4.41
CA VAL F 326 -11.44 3.29 -4.38
C VAL F 326 -11.46 4.05 -5.72
N LYS F 327 -10.70 3.54 -6.70
CA LYS F 327 -10.60 4.17 -8.03
C LYS F 327 -11.94 4.16 -8.77
N GLU F 328 -12.54 2.96 -8.83
CA GLU F 328 -13.83 2.74 -9.49
C GLU F 328 -14.97 3.47 -8.79
N ALA F 329 -14.98 3.47 -7.45
CA ALA F 329 -16.01 4.13 -6.69
C ALA F 329 -15.98 5.64 -6.94
N GLN F 330 -14.79 6.22 -7.08
CA GLN F 330 -14.65 7.66 -7.33
C GLN F 330 -15.28 8.01 -8.65
N THR F 331 -14.99 7.20 -9.66
CA THR F 331 -15.50 7.41 -11.01
C THR F 331 -17.02 7.32 -11.00
N LEU F 332 -17.54 6.40 -10.20
CA LEU F 332 -18.99 6.21 -10.11
C LEU F 332 -19.64 7.44 -9.47
N ARG F 333 -19.22 7.78 -8.25
CA ARG F 333 -19.79 8.94 -7.59
C ARG F 333 -19.67 10.17 -8.48
N ALA F 334 -18.57 10.28 -9.22
CA ALA F 334 -18.31 11.42 -10.08
C ALA F 334 -19.30 11.58 -11.24
N SER F 335 -19.94 10.47 -11.61
CA SER F 335 -20.93 10.45 -12.71
C SER F 335 -22.29 11.06 -12.37
N PHE F 336 -22.55 11.27 -11.07
CA PHE F 336 -23.78 11.89 -10.59
C PHE F 336 -23.50 13.39 -10.42
N ARG F 337 -24.04 14.20 -11.33
CA ARG F 337 -23.84 15.65 -11.33
C ARG F 337 -24.52 16.43 -10.19
N SER F 338 -25.64 15.92 -9.71
CA SER F 338 -26.39 16.57 -8.63
C SER F 338 -26.19 15.81 -7.33
N LEU F 339 -25.99 16.56 -6.24
CA LEU F 339 -25.76 16.00 -4.91
C LEU F 339 -26.64 16.57 -3.78
N VAL F 340 -27.05 15.71 -2.87
CA VAL F 340 -27.85 16.12 -1.73
C VAL F 340 -27.22 15.51 -0.50
N VAL F 341 -26.88 16.36 0.46
CA VAL F 341 -26.23 15.94 1.70
C VAL F 341 -27.23 16.01 2.86
N LEU F 342 -27.51 14.87 3.48
CA LEU F 342 -28.47 14.81 4.56
C LEU F 342 -27.90 14.81 5.96
N GLY F 343 -26.60 14.95 6.10
CA GLY F 343 -26.04 14.94 7.45
C GLY F 343 -25.77 13.54 7.94
N GLY F 344 -24.55 13.35 8.46
CA GLY F 344 -24.12 12.05 8.94
C GLY F 344 -23.68 12.00 10.39
N SER F 345 -23.29 10.80 10.82
CA SER F 345 -22.88 10.58 12.19
C SER F 345 -21.62 11.37 12.46
N ARG F 346 -21.39 11.74 13.72
CA ARG F 346 -20.18 12.48 14.04
C ARG F 346 -19.04 11.48 14.17
N THR F 347 -19.39 10.19 14.12
CA THR F 347 -18.40 9.10 14.22
C THR F 347 -17.79 8.76 12.86
N ASP F 348 -18.21 9.50 11.84
CA ASP F 348 -17.71 9.28 10.50
C ASP F 348 -17.18 10.58 9.93
N PRO F 349 -16.11 11.14 10.55
CA PRO F 349 -15.49 12.39 10.13
C PRO F 349 -14.93 12.38 8.70
N LYS F 350 -14.53 11.21 8.22
CA LYS F 350 -13.99 11.14 6.89
C LYS F 350 -15.07 11.43 5.87
N THR F 351 -16.22 10.79 6.00
CA THR F 351 -17.27 11.05 5.03
C THR F 351 -17.78 12.48 5.13
N ASN F 352 -17.92 12.99 6.35
CA ASN F 352 -18.40 14.36 6.56
C ASN F 352 -17.46 15.34 5.88
N GLU F 353 -16.17 15.01 5.93
CA GLU F 353 -15.15 15.84 5.32
C GLU F 353 -15.34 15.78 3.80
N ASP F 354 -15.60 14.57 3.29
CA ASP F 354 -15.81 14.33 1.87
C ASP F 354 -16.98 15.14 1.34
N MET F 355 -18.07 15.12 2.10
CA MET F 355 -19.28 15.83 1.72
C MET F 355 -19.07 17.34 1.82
N SER F 356 -18.29 17.75 2.79
CA SER F 356 -18.02 19.17 2.97
C SER F 356 -17.18 19.68 1.81
N LEU F 357 -16.21 18.87 1.41
CA LEU F 357 -15.32 19.22 0.33
C LEU F 357 -16.11 19.23 -0.98
N SER F 358 -17.02 18.27 -1.12
CA SER F 358 -17.84 18.17 -2.32
C SER F 358 -18.70 19.42 -2.47
N LEU F 359 -19.30 19.87 -1.37
CA LEU F 359 -20.13 21.07 -1.38
C LEU F 359 -19.22 22.22 -1.81
N GLY F 360 -17.95 22.10 -1.47
CA GLY F 360 -16.97 23.09 -1.87
C GLY F 360 -16.73 24.29 -0.97
N GLU F 361 -15.72 25.06 -1.39
CA GLU F 361 -15.28 26.28 -0.73
C GLU F 361 -15.66 27.48 -1.56
N HIS F 362 -15.47 28.66 -0.98
CA HIS F 362 -15.74 29.89 -1.68
C HIS F 362 -14.66 30.86 -1.23
N GLU F 363 -14.40 31.85 -2.06
CA GLU F 363 -13.43 32.86 -1.68
C GLU F 363 -14.26 34.11 -1.48
N VAL F 364 -14.15 34.63 -0.27
CA VAL F 364 -14.92 35.76 0.15
C VAL F 364 -14.06 36.95 0.61
N GLU F 365 -14.67 38.11 0.68
CA GLU F 365 -13.99 39.32 1.11
C GLU F 365 -14.77 39.87 2.31
N ARG F 366 -14.11 39.98 3.47
CA ARG F 366 -14.78 40.47 4.68
C ARG F 366 -14.40 41.88 5.12
N ASP F 367 -14.73 42.23 6.37
CA ASP F 367 -14.48 43.57 6.93
C ASP F 367 -13.09 44.18 6.65
N LEU F 383 -9.34 45.22 4.06
CA LEU F 383 -10.21 44.01 3.87
C LEU F 383 -9.43 42.71 4.04
N GLU F 384 -10.16 41.59 3.98
CA GLU F 384 -9.54 40.26 4.09
C GLU F 384 -10.14 39.25 3.10
N ARG F 385 -9.29 38.65 2.26
CA ARG F 385 -9.77 37.63 1.32
C ARG F 385 -9.70 36.34 2.09
N VAL F 386 -10.79 35.60 2.13
CA VAL F 386 -10.79 34.35 2.87
C VAL F 386 -11.35 33.20 2.07
N ARG F 387 -10.67 32.06 2.11
CA ARG F 387 -11.13 30.85 1.44
C ARG F 387 -11.64 29.96 2.52
N GLU F 388 -12.87 29.49 2.39
CA GLU F 388 -13.42 28.65 3.42
C GLU F 388 -14.50 27.75 2.89
N ARG F 389 -14.75 26.67 3.60
CA ARG F 389 -15.78 25.77 3.18
C ARG F 389 -17.11 26.48 3.37
N VAL F 390 -18.02 26.26 2.43
CA VAL F 390 -19.34 26.84 2.54
C VAL F 390 -20.02 26.08 3.66
N VAL F 391 -19.85 24.75 3.67
CA VAL F 391 -20.43 23.89 4.71
C VAL F 391 -19.30 23.12 5.38
N MET F 392 -19.17 23.29 6.69
CA MET F 392 -18.15 22.61 7.47
C MET F 392 -18.54 21.16 7.69
N PRO F 393 -17.54 20.31 7.96
CA PRO F 393 -17.77 18.89 8.20
C PRO F 393 -18.65 18.80 9.44
N ALA F 394 -18.40 19.70 10.38
CA ALA F 394 -19.15 19.75 11.63
C ALA F 394 -20.61 20.10 11.39
N GLU F 395 -20.87 21.02 10.47
CA GLU F 395 -22.25 21.42 10.18
C GLU F 395 -23.04 20.23 9.62
N ILE F 396 -22.36 19.37 8.87
CA ILE F 396 -23.03 18.21 8.30
C ILE F 396 -23.22 17.16 9.39
N ALA F 397 -22.29 17.10 10.36
CA ALA F 397 -22.37 16.12 11.46
C ALA F 397 -23.47 16.46 12.47
N ASN F 398 -23.76 17.76 12.56
CA ASN F 398 -24.76 18.29 13.47
C ASN F 398 -26.11 18.64 12.81
N LEU F 399 -26.29 18.26 11.55
CA LEU F 399 -27.56 18.56 10.91
C LEU F 399 -28.62 17.71 11.59
N PRO F 400 -29.85 18.24 11.67
CA PRO F 400 -30.98 17.54 12.31
C PRO F 400 -31.63 16.68 11.22
N ASP F 401 -32.47 15.71 11.61
CA ASP F 401 -33.12 14.87 10.59
C ASP F 401 -33.92 15.77 9.63
N LEU F 402 -34.30 15.22 8.49
CA LEU F 402 -35.10 15.95 7.50
C LEU F 402 -34.59 17.35 7.12
N THR F 403 -33.26 17.52 7.11
CA THR F 403 -32.63 18.77 6.71
C THR F 403 -31.53 18.37 5.74
N ALA F 404 -31.51 19.01 4.59
CA ALA F 404 -30.54 18.68 3.55
C ALA F 404 -29.96 19.86 2.80
N TYR F 405 -28.75 19.67 2.27
CA TYR F 405 -28.09 20.68 1.46
C TYR F 405 -28.32 20.21 0.03
N VAL F 406 -28.94 21.04 -0.79
CA VAL F 406 -29.18 20.65 -2.18
C VAL F 406 -28.29 21.38 -3.19
N GLY F 407 -27.43 20.62 -3.85
CA GLY F 407 -26.52 21.18 -4.82
C GLY F 407 -26.69 20.57 -6.19
N PHE F 408 -27.52 21.20 -7.00
CA PHE F 408 -27.81 20.71 -8.35
C PHE F 408 -26.61 20.83 -9.28
N ALA F 409 -26.66 20.00 -10.32
CA ALA F 409 -25.64 19.95 -11.35
C ALA F 409 -25.40 21.33 -11.93
N GLY F 410 -24.18 21.56 -12.41
CA GLY F 410 -23.86 22.84 -13.03
C GLY F 410 -23.64 24.04 -12.12
N ASN F 411 -23.76 25.21 -12.74
CA ASN F 411 -23.57 26.49 -12.08
C ASN F 411 -24.78 26.96 -11.25
N ARG F 412 -25.03 26.30 -10.13
CA ARG F 412 -26.15 26.69 -9.30
C ARG F 412 -25.68 26.83 -7.87
N PRO F 413 -26.29 27.72 -7.10
CA PRO F 413 -25.80 27.80 -5.73
C PRO F 413 -26.43 26.61 -4.97
N ILE F 414 -25.98 26.37 -3.74
CA ILE F 414 -26.52 25.28 -2.93
C ILE F 414 -27.37 25.95 -1.86
N ALA F 415 -28.24 25.18 -1.23
CA ALA F 415 -29.12 25.73 -0.19
C ALA F 415 -29.45 24.68 0.85
N LYS F 416 -29.62 25.10 2.09
CA LYS F 416 -29.98 24.18 3.15
C LYS F 416 -31.51 24.24 3.14
N VAL F 417 -32.14 23.08 2.88
CA VAL F 417 -33.60 23.02 2.81
C VAL F 417 -34.16 21.95 3.74
N PRO F 418 -35.39 22.16 4.26
CA PRO F 418 -36.01 21.18 5.15
C PRO F 418 -36.87 20.22 4.35
N LEU F 419 -36.81 18.95 4.74
CA LEU F 419 -37.58 17.90 4.09
C LEU F 419 -38.92 17.74 4.80
N GLU F 420 -40.01 17.72 4.03
CA GLU F 420 -41.33 17.58 4.64
C GLU F 420 -41.88 16.17 4.43
N ILE F 421 -42.35 15.56 5.51
CA ILE F 421 -42.88 14.19 5.47
C ILE F 421 -44.32 14.17 4.96
N LYS F 422 -44.49 14.09 3.64
CA LYS F 422 -45.82 14.02 3.07
C LYS F 422 -46.32 12.60 3.28
N GLN F 423 -47.61 12.47 3.52
CA GLN F 423 -48.21 11.16 3.74
C GLN F 423 -48.83 10.59 2.47
N PHE F 424 -48.60 9.31 2.23
CA PHE F 424 -49.13 8.63 1.06
C PHE F 424 -49.92 7.41 1.51
N ALA F 425 -51.13 7.28 0.98
CA ALA F 425 -52.01 6.16 1.32
C ALA F 425 -51.56 4.88 0.62
N ASN F 426 -51.71 3.76 1.30
CA ASN F 426 -51.31 2.49 0.73
C ASN F 426 -52.28 1.97 -0.30
N ARG F 427 -51.93 2.15 -1.56
CA ARG F 427 -52.78 1.70 -2.66
C ARG F 427 -52.40 0.31 -3.18
N GLN F 428 -51.94 -0.55 -2.28
CA GLN F 428 -51.54 -1.93 -2.56
C GLN F 428 -50.71 -2.50 -1.43
N PRO F 429 -50.81 -3.82 -1.21
CA PRO F 429 -50.04 -4.48 -0.13
C PRO F 429 -48.57 -4.57 -0.52
N ALA F 430 -47.69 -4.15 0.39
CA ALA F 430 -46.25 -4.18 0.14
C ALA F 430 -45.76 -5.54 -0.33
N PHE F 431 -46.27 -6.60 0.30
CA PHE F 431 -45.85 -7.96 -0.05
C PHE F 431 -47.09 -8.87 -0.09
N VAL F 432 -47.00 -9.94 -0.87
CA VAL F 432 -48.09 -10.91 -1.01
C VAL F 432 -47.46 -12.31 -1.08
N GLU F 433 -47.29 -12.93 0.08
CA GLU F 433 -46.68 -14.27 0.18
C GLU F 433 -47.16 -15.23 -0.91
N GLY F 434 -46.21 -15.89 -1.58
CA GLY F 434 -46.55 -16.83 -2.64
C GLY F 434 -46.91 -18.23 -2.16
#